data_4X6C
#
_entry.id   4X6C
#
_cell.length_a   89.273
_cell.length_b   142.144
_cell.length_c   175.752
_cell.angle_alpha   90.00
_cell.angle_beta   90.00
_cell.angle_gamma   90.00
#
_symmetry.space_group_name_H-M   'P 21 21 21'
#
loop_
_entity.id
_entity.type
_entity.pdbx_description
1 polymer 'T-cell surface glycoprotein CD1a'
2 polymer Beta-2-microglobulin
3 polymer 'TCR alpha'
4 polymer 'TCR beta'
5 non-polymer 2-acetamido-2-deoxy-beta-D-glucopyranose
6 non-polymer '(4R,7R,18Z)-4,7-dihydroxy-N,N,N-trimethyl-10-oxo-3,5,9-trioxa-4-phosphaheptacos-18-en-1-aminium 4-oxide'
7 water water
#
loop_
_entity_poly.entity_id
_entity_poly.type
_entity_poly.pdbx_seq_one_letter_code
_entity_poly.pdbx_strand_id
1 'polypeptide(L)'
;LKEPLSFHVIWIASFYNHSWKQNLVSGWLSDLQTHTWDSNSSTIVFLWPWSRGNFSNEEWKELETLFRIRTIRSFEGIRR
YAHELQFEYPFEIQVTGGCELHSGKVSGSFLQLAYQGSDFVSFQNNSWLPYPVAGNMAKHFCKVLNQNQHENDITHNLLS
DTCPRFILGLLDAGKAHLQRQVKPEAWLSHGPSPGPGHLQLVCHVSGFYPKPVWVMWMRGEQEQQGTQRGDILPSADGTW
YLRATLEVAAGEAADLSCRVKHSSLEGQDIVLYWEGSLVPR
;
A,C
2 'polypeptide(L)'
;IQRTPKIQVYSRHPAENGKSNFLNCYVSGFHPSDIEVDLLKNGERIEKVEHSDLSFSKDWSFYLLYYTEFTPTEKDEYAC
RVNHVTLSQPKIVKWDRDMGSLVPR
;
B,D
3 'polypeptide(L)'
;QKEVEQDPGPLSVPEGAIVSLNCTYSNSAFQYFMWYRQYSRKGPELLMYTYSSGNKEDGRFTAQVDKSSKYISLFIRDSQ
PSDSATYLCAMSTSLPNAGKSTFGDGTTLTVKPNIQNPDPAVYQLRDSKSSDKSVCLFTDFDSQTNVSQSKDSDVYITDK
CVLDMRSMDFKSNSAVAWSNKSDFACANAFNNSIIPEDTFFPSPESS
;
E,G
4 'polypeptide(L)'
;NAGVTQTPKFRVLKTGQSMTLLCAQDMNHEYMYWYRQDPGMGLRLIHYSVGEGTTAKGEVPDGYNVSRLKKQNFLLGLES
AAPSQTSVYFCASRYFLPTQGMGAFFGQGTRLTVVEDLNKVFPPEVAVFEPSEAEISHTQKATLVCLATGFYPDHVELSW
WVNGKEVHSGVCTDPQPLKEQPALNDSRYALSSRLRVSATFWQNPRNHFRCQVQFYGLSENDEWTQDRAKPVTQIVSAEA
WGRAD
;
F,H
#
# COMPACT_ATOMS: atom_id res chain seq x y z
N PRO A 4 -28.13 15.52 -1.91
CA PRO A 4 -27.66 15.63 -3.29
C PRO A 4 -26.15 15.92 -3.32
N LEU A 5 -25.35 14.87 -3.49
CA LEU A 5 -23.90 14.95 -3.37
C LEU A 5 -23.22 15.52 -4.61
N SER A 6 -22.94 16.82 -4.62
CA SER A 6 -22.30 17.44 -5.77
C SER A 6 -20.98 18.11 -5.40
N PHE A 7 -20.01 18.05 -6.30
CA PHE A 7 -18.87 18.95 -6.24
C PHE A 7 -18.80 19.79 -7.50
N HIS A 8 -18.52 21.08 -7.37
CA HIS A 8 -18.41 21.92 -8.56
C HIS A 8 -17.38 23.06 -8.41
N VAL A 9 -16.83 23.45 -9.56
CA VAL A 9 -15.89 24.54 -9.67
C VAL A 9 -16.53 25.74 -10.36
N ILE A 10 -16.28 26.98 -9.89
CA ILE A 10 -16.77 28.17 -10.64
C ILE A 10 -15.64 29.15 -11.05
N TRP A 11 -15.69 29.60 -12.31
CA TRP A 11 -14.81 30.65 -12.84
C TRP A 11 -15.60 31.93 -13.04
N ILE A 12 -15.01 33.07 -12.71
CA ILE A 12 -15.61 34.37 -13.00
C ILE A 12 -14.61 35.32 -13.66
N ALA A 13 -14.95 35.84 -14.84
CA ALA A 13 -14.03 36.66 -15.63
C ALA A 13 -14.68 37.95 -16.12
N ASN A 23 -11.26 38.31 -11.45
CA ASN A 23 -10.93 36.88 -11.63
C ASN A 23 -10.93 36.06 -10.33
N LEU A 24 -11.86 35.13 -10.21
CA LEU A 24 -11.91 34.24 -9.05
C LEU A 24 -12.23 32.79 -9.43
N VAL A 25 -11.45 31.82 -8.95
CA VAL A 25 -11.81 30.42 -9.15
C VAL A 25 -11.90 29.70 -7.81
N SER A 26 -12.94 28.89 -7.63
CA SER A 26 -13.12 28.18 -6.36
C SER A 26 -13.89 26.88 -6.49
N GLY A 27 -13.75 26.03 -5.47
CA GLY A 27 -14.32 24.70 -5.47
C GLY A 27 -15.28 24.57 -4.31
N TRP A 28 -16.44 23.98 -4.62
CA TRP A 28 -17.55 23.95 -3.70
C TRP A 28 -18.12 22.56 -3.57
N LEU A 29 -18.38 22.15 -2.33
CA LEU A 29 -19.10 20.92 -2.09
C LEU A 29 -20.51 21.38 -1.69
N SER A 30 -21.34 21.62 -2.70
CA SER A 30 -22.63 22.31 -2.55
C SER A 30 -22.39 23.68 -1.99
N ASP A 31 -22.98 23.97 -0.83
CA ASP A 31 -22.88 25.32 -0.31
C ASP A 31 -21.54 25.56 0.36
N LEU A 32 -20.78 24.49 0.60
CA LEU A 32 -19.53 24.57 1.35
C LEU A 32 -18.35 24.80 0.42
N GLN A 33 -17.63 25.90 0.62
CA GLN A 33 -16.44 26.20 -0.17
C GLN A 33 -15.31 25.34 0.37
N THR A 34 -14.58 24.67 -0.52
CA THR A 34 -13.54 23.72 -0.12
C THR A 34 -12.18 24.02 -0.71
N HIS A 35 -12.17 24.73 -1.84
CA HIS A 35 -10.91 25.07 -2.52
C HIS A 35 -10.89 26.49 -3.01
N THR A 36 -9.73 27.13 -2.98
CA THR A 36 -9.68 28.44 -3.56
C THR A 36 -8.39 28.53 -4.37
N TRP A 37 -8.37 29.42 -5.34
CA TRP A 37 -7.20 29.56 -6.21
C TRP A 37 -6.33 30.75 -5.83
N ASP A 38 -5.02 30.52 -5.81
CA ASP A 38 -4.03 31.58 -5.59
C ASP A 38 -3.28 31.89 -6.89
N SER A 39 -3.57 33.03 -7.49
CA SER A 39 -2.95 33.43 -8.76
C SER A 39 -1.50 33.89 -8.54
N ASN A 40 -1.24 34.37 -7.32
CA ASN A 40 0.09 34.80 -6.94
C ASN A 40 1.14 33.70 -7.08
N SER A 41 0.70 32.44 -7.03
CA SER A 41 1.62 31.31 -7.14
C SER A 41 1.10 30.22 -8.05
N SER A 42 -0.10 30.43 -8.59
CA SER A 42 -0.73 29.42 -9.44
C SER A 42 -0.83 28.06 -8.75
N THR A 43 -1.36 28.05 -7.53
CA THR A 43 -1.56 26.80 -6.78
C THR A 43 -2.98 26.71 -6.21
N ILE A 44 -3.40 25.49 -5.90
CA ILE A 44 -4.69 25.26 -5.24
C ILE A 44 -4.58 25.32 -3.73
N VAL A 45 -5.42 26.13 -3.11
CA VAL A 45 -5.44 26.34 -1.66
C VAL A 45 -6.51 25.51 -0.97
N PHE A 46 -6.14 24.75 0.06
CA PHE A 46 -7.12 23.90 0.73
C PHE A 46 -7.75 24.51 1.99
N LEU A 47 -9.05 24.85 1.91
CA LEU A 47 -9.73 25.44 3.05
C LEU A 47 -9.90 24.50 4.24
N TRP A 48 -9.94 23.20 3.99
CA TRP A 48 -9.97 22.21 5.06
C TRP A 48 -8.84 21.23 4.87
N PRO A 49 -8.32 20.65 5.97
CA PRO A 49 -7.24 19.67 5.79
C PRO A 49 -7.66 18.55 4.86
N TRP A 50 -8.91 18.10 4.98
CA TRP A 50 -9.40 17.03 4.11
C TRP A 50 -9.81 17.46 2.68
N SER A 51 -9.56 18.71 2.31
CA SER A 51 -9.83 19.16 0.94
C SER A 51 -8.97 18.42 -0.08
N ARG A 52 -7.88 17.83 0.39
CA ARG A 52 -6.98 17.08 -0.46
C ARG A 52 -7.61 15.78 -0.92
N GLY A 53 -8.71 15.40 -0.29
CA GLY A 53 -9.41 14.17 -0.63
C GLY A 53 -8.48 12.97 -0.51
N ASN A 54 -8.52 12.13 -1.54
CA ASN A 54 -7.69 10.94 -1.64
C ASN A 54 -6.62 11.12 -2.72
N PHE A 55 -6.43 12.37 -3.18
CA PHE A 55 -5.36 12.69 -4.13
C PHE A 55 -4.04 12.94 -3.40
N SER A 56 -2.95 12.61 -4.08
CA SER A 56 -1.62 12.77 -3.53
C SER A 56 -1.04 14.16 -3.82
N ASN A 57 0.10 14.45 -3.20
CA ASN A 57 0.77 15.72 -3.40
C ASN A 57 1.23 15.83 -4.83
N GLU A 58 1.72 14.71 -5.36
CA GLU A 58 2.08 14.60 -6.78
C GLU A 58 0.89 14.92 -7.65
N GLU A 59 -0.26 14.32 -7.31
CA GLU A 59 -1.42 14.41 -8.18
C GLU A 59 -1.97 15.81 -8.17
N TRP A 60 -1.93 16.45 -7.00
CA TRP A 60 -2.39 17.83 -6.90
C TRP A 60 -1.47 18.76 -7.68
N LYS A 61 -0.16 18.49 -7.65
CA LYS A 61 0.76 19.27 -8.49
C LYS A 61 0.33 19.15 -9.94
N GLU A 62 -0.03 17.93 -10.36
CA GLU A 62 -0.40 17.67 -11.75
C GLU A 62 -1.65 18.46 -12.07
N LEU A 63 -2.61 18.40 -11.17
CA LEU A 63 -3.89 19.12 -11.33
C LEU A 63 -3.71 20.63 -11.26
N GLU A 64 -2.86 21.09 -10.36
CA GLU A 64 -2.49 22.50 -10.31
C GLU A 64 -2.10 22.94 -11.70
N THR A 65 -1.12 22.24 -12.24
CA THR A 65 -0.56 22.51 -13.56
C THR A 65 -1.59 22.40 -14.68
N LEU A 66 -2.39 21.34 -14.62
CA LEU A 66 -3.49 21.09 -15.55
C LEU A 66 -4.43 22.29 -15.68
N PHE A 67 -4.86 22.81 -14.54
CA PHE A 67 -5.75 23.96 -14.54
C PHE A 67 -5.06 25.22 -15.06
N ARG A 68 -3.85 25.48 -14.59
CA ARG A 68 -3.11 26.65 -15.05
C ARG A 68 -3.00 26.67 -16.58
N ILE A 69 -2.54 25.55 -17.15
CA ILE A 69 -2.39 25.44 -18.61
C ILE A 69 -3.68 25.68 -19.33
N ARG A 70 -4.74 25.12 -18.77
CA ARG A 70 -6.02 25.12 -19.44
C ARG A 70 -6.78 26.42 -19.21
N THR A 71 -6.75 26.92 -17.99
CA THR A 71 -7.35 28.20 -17.67
C THR A 71 -6.80 29.29 -18.57
N ILE A 72 -5.49 29.27 -18.80
CA ILE A 72 -4.88 30.28 -19.66
C ILE A 72 -5.27 30.16 -21.13
N ARG A 73 -5.02 29.00 -21.73
CA ARG A 73 -5.35 28.76 -23.14
C ARG A 73 -6.80 29.15 -23.45
N SER A 74 -7.66 28.98 -22.46
CA SER A 74 -9.09 29.22 -22.60
C SER A 74 -9.44 30.70 -22.64
N PHE A 75 -9.11 31.43 -21.58
CA PHE A 75 -9.44 32.85 -21.48
C PHE A 75 -8.61 33.67 -22.48
N GLU A 76 -7.56 33.06 -23.04
CA GLU A 76 -6.82 33.62 -24.17
C GLU A 76 -7.51 33.39 -25.50
N GLY A 77 -8.36 32.37 -25.57
CA GLY A 77 -9.15 32.09 -26.75
C GLY A 77 -10.23 33.13 -26.94
N ILE A 78 -10.84 33.51 -25.82
CA ILE A 78 -11.82 34.57 -25.85
C ILE A 78 -11.17 35.83 -26.41
N ARG A 79 -10.06 36.28 -25.82
CA ARG A 79 -9.34 37.47 -26.25
C ARG A 79 -8.98 37.35 -27.74
N ARG A 80 -8.71 36.12 -28.18
CA ARG A 80 -8.37 35.81 -29.57
C ARG A 80 -9.55 36.08 -30.50
N TYR A 81 -10.76 35.85 -29.98
CA TYR A 81 -12.00 35.98 -30.76
C TYR A 81 -12.89 37.04 -30.16
N ALA A 82 -12.29 37.98 -29.44
CA ALA A 82 -13.02 39.04 -28.76
C ALA A 82 -13.88 39.87 -29.72
N HIS A 83 -13.25 40.36 -30.78
CA HIS A 83 -13.93 41.18 -31.79
C HIS A 83 -14.88 40.38 -32.69
N GLU A 84 -14.44 39.18 -33.04
CA GLU A 84 -15.18 38.28 -33.94
C GLU A 84 -16.56 37.91 -33.44
N LEU A 85 -16.74 37.93 -32.12
CA LEU A 85 -18.01 37.54 -31.55
C LEU A 85 -18.86 38.74 -31.12
N GLN A 86 -18.67 39.21 -29.89
CA GLN A 86 -19.58 40.20 -29.28
C GLN A 86 -18.90 41.42 -28.65
N PHE A 87 -19.70 42.14 -27.85
CA PHE A 87 -19.28 43.18 -26.89
C PHE A 87 -17.83 43.05 -26.39
N GLU A 88 -17.09 44.16 -26.32
CA GLU A 88 -15.71 44.15 -25.84
C GLU A 88 -15.71 44.66 -24.40
N TYR A 89 -14.57 45.13 -23.88
CA TYR A 89 -14.44 45.48 -22.46
C TYR A 89 -15.44 46.52 -21.98
N PRO A 90 -15.99 46.32 -20.77
CA PRO A 90 -15.74 45.18 -19.88
C PRO A 90 -16.72 44.01 -20.13
N PHE A 91 -16.31 42.78 -19.79
CA PHE A 91 -17.17 41.63 -20.03
C PHE A 91 -17.23 40.75 -18.79
N GLU A 92 -18.29 39.96 -18.66
CA GLU A 92 -18.37 38.99 -17.57
C GLU A 92 -18.73 37.58 -18.03
N ILE A 93 -17.75 36.68 -18.01
CA ILE A 93 -18.02 35.27 -18.27
C ILE A 93 -18.12 34.50 -16.95
N GLN A 94 -19.18 33.72 -16.78
CA GLN A 94 -19.34 32.85 -15.62
C GLN A 94 -19.33 31.42 -16.09
N VAL A 95 -18.52 30.58 -15.43
CA VAL A 95 -18.47 29.17 -15.75
C VAL A 95 -18.68 28.31 -14.49
N THR A 96 -19.53 27.30 -14.58
CA THR A 96 -19.62 26.32 -13.49
C THR A 96 -19.52 24.89 -14.07
N GLY A 97 -18.73 24.04 -13.41
CA GLY A 97 -18.52 22.70 -13.90
C GLY A 97 -18.31 21.75 -12.75
N GLY A 98 -18.78 20.52 -12.92
CA GLY A 98 -18.68 19.55 -11.85
C GLY A 98 -19.45 18.26 -12.10
N CYS A 99 -19.57 17.48 -11.03
CA CYS A 99 -20.22 16.20 -11.06
C CYS A 99 -21.15 16.03 -9.86
N GLU A 100 -22.09 15.09 -9.98
CA GLU A 100 -22.94 14.70 -8.86
C GLU A 100 -23.08 13.20 -8.87
N LEU A 101 -23.01 12.61 -7.67
CA LEU A 101 -23.17 11.18 -7.48
C LEU A 101 -24.61 10.79 -7.24
N HIS A 102 -25.03 9.70 -7.85
CA HIS A 102 -26.34 9.11 -7.59
C HIS A 102 -26.26 7.66 -7.17
N SER A 103 -26.92 7.35 -6.06
CA SER A 103 -27.03 5.98 -5.59
C SER A 103 -27.68 5.12 -6.68
N GLY A 104 -27.00 4.07 -7.14
CA GLY A 104 -27.61 3.21 -8.14
C GLY A 104 -27.51 3.60 -9.60
N LYS A 105 -27.33 4.88 -9.86
CA LYS A 105 -27.29 5.40 -11.22
C LYS A 105 -25.87 5.82 -11.67
N VAL A 106 -25.78 6.29 -12.90
CA VAL A 106 -24.53 6.79 -13.49
C VAL A 106 -24.32 8.25 -13.13
N SER A 107 -23.09 8.66 -12.83
CA SER A 107 -22.86 10.00 -12.27
C SER A 107 -23.19 11.10 -13.27
N GLY A 108 -23.66 12.24 -12.76
CA GLY A 108 -23.90 13.37 -13.63
C GLY A 108 -22.67 14.25 -13.79
N SER A 109 -22.54 14.88 -14.95
CA SER A 109 -21.54 15.92 -15.09
C SER A 109 -22.18 17.12 -15.76
N PHE A 110 -21.58 18.29 -15.58
CA PHE A 110 -22.09 19.47 -16.23
C PHE A 110 -20.91 20.41 -16.40
N LEU A 111 -20.99 21.25 -17.42
CA LEU A 111 -20.06 22.36 -17.57
C LEU A 111 -20.83 23.40 -18.34
N GLN A 112 -21.08 24.56 -17.72
CA GLN A 112 -21.93 25.57 -18.31
C GLN A 112 -21.27 26.94 -18.31
N LEU A 113 -21.58 27.69 -19.36
CA LEU A 113 -20.97 29.00 -19.62
C LEU A 113 -22.10 30.02 -19.79
N ALA A 114 -21.99 31.15 -19.12
CA ALA A 114 -22.96 32.23 -19.25
C ALA A 114 -22.27 33.41 -19.91
N TYR A 115 -22.98 34.14 -20.77
CA TYR A 115 -22.34 35.24 -21.50
C TYR A 115 -22.37 36.52 -20.68
N GLN A 116 -23.53 37.00 -20.28
CA GLN A 116 -23.51 38.10 -19.34
C GLN A 116 -24.16 37.55 -18.08
N GLY A 117 -25.49 37.51 -18.05
CA GLY A 117 -26.20 36.92 -16.93
C GLY A 117 -27.11 35.82 -17.42
N SER A 118 -26.91 35.41 -18.67
CA SER A 118 -27.78 34.40 -19.24
C SER A 118 -27.01 33.23 -19.82
N ASP A 119 -27.66 32.07 -19.82
CA ASP A 119 -27.12 30.85 -20.39
C ASP A 119 -26.55 31.14 -21.78
N PHE A 120 -25.42 30.54 -22.11
CA PHE A 120 -24.79 30.78 -23.40
C PHE A 120 -24.56 29.49 -24.16
N VAL A 121 -23.62 28.68 -23.68
CA VAL A 121 -23.32 27.37 -24.27
C VAL A 121 -22.98 26.42 -23.14
N SER A 122 -23.22 25.14 -23.34
CA SER A 122 -22.83 24.17 -22.33
C SER A 122 -22.23 22.95 -23.01
N PHE A 123 -21.60 22.09 -22.21
CA PHE A 123 -20.89 20.91 -22.68
C PHE A 123 -21.72 19.64 -22.47
N GLN A 124 -22.13 19.01 -23.57
CA GLN A 124 -22.99 17.83 -23.46
C GLN A 124 -22.28 16.59 -23.99
N ASN A 125 -21.94 15.72 -23.05
CA ASN A 125 -21.08 14.56 -23.24
C ASN A 125 -19.68 14.95 -23.66
N ASN A 126 -19.48 15.12 -24.97
CA ASN A 126 -18.15 15.38 -25.53
C ASN A 126 -18.04 16.58 -26.44
N SER A 127 -19.03 17.48 -26.43
CA SER A 127 -18.95 18.64 -27.32
C SER A 127 -19.77 19.83 -26.81
N TRP A 128 -19.60 20.98 -27.44
CA TRP A 128 -20.32 22.18 -26.99
C TRP A 128 -21.57 22.48 -27.80
N LEU A 129 -22.71 22.58 -27.11
CA LEU A 129 -23.95 23.01 -27.76
C LEU A 129 -24.46 24.32 -27.20
N PRO A 130 -24.86 25.23 -28.11
CA PRO A 130 -25.41 26.55 -27.79
C PRO A 130 -26.75 26.44 -27.11
N TYR A 131 -27.11 27.46 -26.33
CA TYR A 131 -28.48 27.61 -25.88
C TYR A 131 -29.28 28.38 -26.93
N PRO A 132 -30.56 28.02 -27.10
CA PRO A 132 -31.39 28.70 -28.09
C PRO A 132 -31.54 30.19 -27.78
N VAL A 133 -31.68 30.53 -26.50
CA VAL A 133 -31.81 31.91 -26.03
C VAL A 133 -30.69 32.81 -26.55
N ALA A 134 -29.46 32.29 -26.54
CA ALA A 134 -28.30 33.08 -26.90
C ALA A 134 -28.21 33.27 -28.40
N GLY A 135 -29.09 32.58 -29.11
CA GLY A 135 -29.25 32.78 -30.54
C GLY A 135 -28.02 32.43 -31.34
N ASN A 136 -27.88 33.10 -32.47
CA ASN A 136 -26.87 32.75 -33.46
C ASN A 136 -25.42 32.98 -32.99
N MET A 137 -25.23 33.91 -32.06
CA MET A 137 -23.87 34.24 -31.63
C MET A 137 -23.19 33.06 -30.92
N ALA A 138 -23.95 32.28 -30.16
CA ALA A 138 -23.40 31.12 -29.49
C ALA A 138 -23.02 30.01 -30.48
N LYS A 139 -23.80 29.88 -31.56
CA LYS A 139 -23.50 28.90 -32.61
C LYS A 139 -22.07 29.07 -33.10
N HIS A 140 -21.70 30.31 -33.43
CA HIS A 140 -20.37 30.57 -33.96
C HIS A 140 -19.33 30.20 -32.90
N PHE A 141 -19.66 30.47 -31.65
CA PHE A 141 -18.75 30.18 -30.56
C PHE A 141 -18.49 28.67 -30.43
N CYS A 142 -19.50 27.84 -30.69
CA CYS A 142 -19.30 26.39 -30.60
C CYS A 142 -18.49 25.83 -31.78
N LYS A 143 -18.58 26.42 -32.97
CA LYS A 143 -17.72 25.96 -34.07
C LYS A 143 -16.26 26.19 -33.69
N VAL A 144 -16.02 27.21 -32.88
CA VAL A 144 -14.69 27.55 -32.41
C VAL A 144 -14.19 26.56 -31.37
N LEU A 145 -15.04 26.26 -30.39
CA LEU A 145 -14.65 25.41 -29.28
C LEU A 145 -14.53 23.93 -29.67
N ASN A 146 -15.28 23.51 -30.68
CA ASN A 146 -15.28 22.10 -31.07
C ASN A 146 -14.28 21.70 -32.15
N GLN A 147 -13.45 22.63 -32.60
CA GLN A 147 -12.61 22.30 -33.76
C GLN A 147 -11.53 21.27 -33.42
N ASN A 148 -11.01 21.33 -32.21
CA ASN A 148 -10.06 20.34 -31.77
C ASN A 148 -10.75 19.36 -30.84
N GLN A 149 -11.03 18.15 -31.34
CA GLN A 149 -11.75 17.18 -30.52
C GLN A 149 -10.89 16.65 -29.38
N HIS A 150 -9.58 16.62 -29.55
CA HIS A 150 -8.71 16.17 -28.46
C HIS A 150 -8.86 17.06 -27.23
N GLU A 151 -9.00 18.36 -27.44
CA GLU A 151 -9.23 19.26 -26.32
C GLU A 151 -10.55 18.86 -25.61
N ASN A 152 -11.58 18.61 -26.40
CA ASN A 152 -12.85 18.15 -25.83
C ASN A 152 -12.75 16.85 -25.06
N ASP A 153 -11.93 15.91 -25.53
CA ASP A 153 -11.76 14.66 -24.80
C ASP A 153 -11.25 14.92 -23.38
N ILE A 154 -10.30 15.84 -23.23
CA ILE A 154 -9.74 16.13 -21.93
C ILE A 154 -10.83 16.67 -21.01
N THR A 155 -11.58 17.65 -21.52
CA THR A 155 -12.69 18.20 -20.77
C THR A 155 -13.58 17.07 -20.26
N HIS A 156 -13.95 16.19 -21.17
CA HIS A 156 -14.76 15.03 -20.85
C HIS A 156 -14.17 14.17 -19.75
N ASN A 157 -12.89 13.85 -19.88
CA ASN A 157 -12.21 13.04 -18.89
C ASN A 157 -12.26 13.64 -17.48
N LEU A 158 -12.09 14.95 -17.38
CA LEU A 158 -12.15 15.59 -16.09
C LEU A 158 -13.55 15.55 -15.53
N LEU A 159 -14.55 15.83 -16.37
CA LEU A 159 -15.93 15.92 -15.91
C LEU A 159 -16.47 14.58 -15.51
N SER A 160 -16.22 13.56 -16.32
CA SER A 160 -16.99 12.35 -16.12
C SER A 160 -16.17 11.19 -15.56
N ASP A 161 -14.88 11.45 -15.32
CA ASP A 161 -14.00 10.47 -14.68
C ASP A 161 -13.21 11.02 -13.48
N THR A 162 -12.38 12.04 -13.70
CA THR A 162 -11.63 12.66 -12.61
C THR A 162 -12.52 13.10 -11.48
N CYS A 163 -13.50 13.93 -11.84
CA CYS A 163 -14.36 14.55 -10.86
C CYS A 163 -15.06 13.48 -9.98
N PRO A 164 -15.75 12.51 -10.57
CA PRO A 164 -16.37 11.55 -9.63
C PRO A 164 -15.37 10.77 -8.76
N ARG A 165 -14.16 10.48 -9.22
CA ARG A 165 -13.23 9.70 -8.37
C ARG A 165 -12.89 10.57 -7.17
N PHE A 166 -12.73 11.86 -7.45
CA PHE A 166 -12.38 12.85 -6.46
C PHE A 166 -13.47 13.01 -5.41
N ILE A 167 -14.68 13.38 -5.84
CA ILE A 167 -15.74 13.65 -4.91
C ILE A 167 -15.95 12.47 -3.95
N LEU A 168 -15.64 11.26 -4.38
CA LEU A 168 -15.67 10.12 -3.46
C LEU A 168 -14.63 10.24 -2.35
N GLY A 169 -13.36 10.35 -2.75
CA GLY A 169 -12.28 10.48 -1.81
C GLY A 169 -12.48 11.66 -0.90
N LEU A 170 -13.08 12.72 -1.43
CA LEU A 170 -13.33 13.94 -0.69
C LEU A 170 -14.37 13.76 0.40
N LEU A 171 -15.47 13.09 0.09
CA LEU A 171 -16.55 12.80 1.04
C LEU A 171 -16.05 11.88 2.14
N ASP A 172 -15.26 10.90 1.72
CA ASP A 172 -14.65 9.95 2.62
C ASP A 172 -13.70 10.67 3.59
N ALA A 173 -12.96 11.64 3.07
CA ALA A 173 -11.89 12.30 3.82
C ALA A 173 -12.44 13.27 4.86
N GLY A 174 -13.61 13.83 4.56
CA GLY A 174 -14.26 14.77 5.44
C GLY A 174 -15.52 14.24 6.08
N LYS A 175 -15.58 12.93 6.31
CA LYS A 175 -16.76 12.33 6.94
C LYS A 175 -17.02 12.96 8.30
N ALA A 176 -15.97 13.09 9.12
CA ALA A 176 -16.14 13.55 10.49
C ALA A 176 -16.70 14.97 10.55
N HIS A 177 -16.64 15.69 9.43
CA HIS A 177 -17.17 17.05 9.37
C HIS A 177 -18.52 17.07 8.64
N LEU A 178 -18.61 16.28 7.57
CA LEU A 178 -19.82 16.24 6.77
C LEU A 178 -20.92 15.36 7.41
N GLN A 179 -20.52 14.29 8.10
CA GLN A 179 -21.47 13.39 8.75
C GLN A 179 -21.85 13.88 10.17
N ARG A 180 -21.39 15.07 10.51
CA ARG A 180 -21.65 15.75 11.77
C ARG A 180 -23.15 16.08 11.99
N GLN A 181 -23.66 15.89 13.21
CA GLN A 181 -25.05 16.24 13.50
C GLN A 181 -25.15 17.35 14.57
N VAL A 182 -25.65 18.52 14.17
CA VAL A 182 -25.77 19.64 15.10
C VAL A 182 -27.25 19.98 15.34
N LYS A 183 -27.72 19.78 16.58
CA LYS A 183 -29.13 20.00 16.92
C LYS A 183 -29.51 21.46 16.80
N PRO A 184 -30.70 21.71 16.24
CA PRO A 184 -31.24 23.06 16.09
C PRO A 184 -31.82 23.62 17.38
N GLU A 185 -31.90 24.94 17.41
CA GLU A 185 -32.47 25.68 18.51
C GLU A 185 -33.68 26.38 17.93
N ALA A 186 -34.84 26.23 18.58
CA ALA A 186 -36.10 26.71 18.00
C ALA A 186 -36.92 27.61 18.92
N TRP A 187 -37.56 28.60 18.34
CA TRP A 187 -38.37 29.52 19.13
C TRP A 187 -39.48 30.14 18.29
N LEU A 188 -40.54 30.58 18.95
CA LEU A 188 -41.67 31.13 18.23
C LEU A 188 -41.67 32.64 18.34
N SER A 189 -42.41 33.30 17.45
CA SER A 189 -42.39 34.75 17.33
C SER A 189 -43.54 35.28 16.46
N HIS A 190 -43.80 36.58 16.52
CA HIS A 190 -44.64 37.25 15.49
C HIS A 190 -43.76 37.63 14.30
N GLY A 191 -44.38 37.85 13.14
CA GLY A 191 -43.72 38.39 11.98
C GLY A 191 -44.43 39.68 11.64
N PRO A 192 -44.07 40.35 10.54
CA PRO A 192 -44.83 41.52 10.10
C PRO A 192 -46.24 41.12 9.65
N SER A 193 -47.23 41.94 9.96
CA SER A 193 -48.62 41.56 9.76
C SER A 193 -48.97 41.44 8.28
N PRO A 194 -49.71 40.39 7.91
CA PRO A 194 -50.11 40.17 6.53
C PRO A 194 -51.14 41.19 6.12
N GLY A 195 -51.86 41.70 7.12
CA GLY A 195 -52.98 42.57 6.84
C GLY A 195 -53.82 42.74 8.08
N PRO A 196 -54.86 43.59 7.99
CA PRO A 196 -55.76 43.92 9.09
C PRO A 196 -56.37 42.67 9.70
N GLY A 197 -56.39 42.63 11.02
CA GLY A 197 -56.99 41.55 11.77
C GLY A 197 -56.24 40.24 11.79
N HIS A 198 -55.06 40.18 11.20
CA HIS A 198 -54.36 38.90 11.04
C HIS A 198 -52.93 38.92 11.51
N LEU A 199 -52.46 37.75 11.91
CA LEU A 199 -51.14 37.61 12.50
C LEU A 199 -50.31 36.75 11.61
N GLN A 200 -49.02 37.05 11.52
CA GLN A 200 -48.10 36.10 10.94
C GLN A 200 -47.33 35.42 12.09
N LEU A 201 -47.51 34.11 12.21
CA LEU A 201 -46.82 33.34 13.23
C LEU A 201 -45.50 32.86 12.66
N VAL A 202 -44.42 32.98 13.41
CA VAL A 202 -43.13 32.56 12.87
C VAL A 202 -42.51 31.48 13.73
N CYS A 203 -42.06 30.41 13.10
CA CYS A 203 -41.27 29.39 13.76
C CYS A 203 -39.83 29.49 13.30
N HIS A 204 -38.94 29.92 14.19
CA HIS A 204 -37.52 30.02 13.86
C HIS A 204 -36.81 28.73 14.23
N VAL A 205 -36.19 28.10 13.24
CA VAL A 205 -35.33 26.95 13.51
C VAL A 205 -33.89 27.28 13.14
N SER A 206 -33.01 27.35 14.14
CA SER A 206 -31.68 27.94 13.97
C SER A 206 -30.52 27.00 14.31
N GLY A 207 -29.39 27.19 13.62
CA GLY A 207 -28.13 26.54 13.95
C GLY A 207 -27.96 25.05 13.64
N PHE A 208 -28.79 24.52 12.75
CA PHE A 208 -28.80 23.08 12.50
C PHE A 208 -27.91 22.61 11.32
N TYR A 209 -27.52 21.34 11.38
CA TYR A 209 -26.74 20.69 10.35
C TYR A 209 -26.93 19.18 10.45
N PRO A 210 -27.13 18.50 9.30
CA PRO A 210 -27.10 19.02 7.93
C PRO A 210 -28.43 19.60 7.41
N LYS A 211 -28.38 20.18 6.21
CA LYS A 211 -29.45 21.00 5.64
C LYS A 211 -30.89 20.45 5.62
N PRO A 212 -31.07 19.15 5.34
CA PRO A 212 -32.46 18.71 5.25
C PRO A 212 -33.17 18.83 6.58
N VAL A 213 -34.29 19.55 6.59
CA VAL A 213 -35.09 19.71 7.80
C VAL A 213 -36.56 19.80 7.42
N TRP A 214 -37.41 19.33 8.31
CA TRP A 214 -38.84 19.42 8.08
C TRP A 214 -39.45 20.31 9.20
N VAL A 215 -40.09 21.41 8.81
CA VAL A 215 -40.77 22.28 9.77
C VAL A 215 -42.21 22.51 9.33
N MET A 216 -43.14 22.37 10.26
CA MET A 216 -44.55 22.50 9.90
C MET A 216 -45.38 23.05 11.07
N TRP A 217 -46.30 23.96 10.75
CA TRP A 217 -47.26 24.46 11.74
C TRP A 217 -48.38 23.44 11.86
N MET A 218 -48.80 23.20 13.10
CA MET A 218 -49.74 22.14 13.37
C MET A 218 -50.77 22.48 14.47
N ARG A 219 -52.05 22.47 14.10
CA ARG A 219 -53.14 22.50 15.09
C ARG A 219 -53.42 21.04 15.51
N GLY A 220 -52.79 20.59 16.60
CA GLY A 220 -52.84 19.18 16.97
C GLY A 220 -51.96 18.44 15.97
N GLU A 221 -52.42 17.32 15.42
CA GLU A 221 -51.65 16.61 14.38
C GLU A 221 -52.05 17.04 12.96
N GLN A 222 -53.08 17.86 12.85
CA GLN A 222 -53.47 18.39 11.54
C GLN A 222 -52.40 19.38 11.07
N GLU A 223 -51.65 19.00 10.05
CA GLU A 223 -50.69 19.91 9.40
C GLU A 223 -51.45 21.10 8.82
N GLN A 224 -51.04 22.32 9.15
CA GLN A 224 -51.58 23.49 8.48
C GLN A 224 -50.98 23.62 7.08
N GLN A 225 -51.82 23.67 6.05
CA GLN A 225 -51.28 23.67 4.69
C GLN A 225 -50.75 25.04 4.29
N GLY A 226 -51.23 26.08 4.95
CA GLY A 226 -50.69 27.42 4.76
C GLY A 226 -49.29 27.65 5.31
N THR A 227 -48.68 26.65 5.94
CA THR A 227 -47.27 26.79 6.35
C THR A 227 -46.35 27.17 5.20
N GLN A 228 -45.69 28.32 5.31
CA GLN A 228 -44.77 28.81 4.27
C GLN A 228 -43.32 28.65 4.69
N ARG A 229 -42.54 27.84 3.99
CA ARG A 229 -41.10 27.84 4.27
C ARG A 229 -40.48 29.09 3.64
N GLY A 230 -39.52 29.69 4.34
CA GLY A 230 -38.76 30.77 3.74
C GLY A 230 -37.51 30.18 3.08
N ASP A 231 -36.53 31.04 2.83
CA ASP A 231 -35.25 30.57 2.33
C ASP A 231 -34.51 29.83 3.44
N ILE A 232 -33.69 28.85 3.08
CA ILE A 232 -32.76 28.31 4.07
C ILE A 232 -31.59 29.28 4.05
N LEU A 233 -31.23 29.82 5.22
CA LEU A 233 -30.24 30.88 5.30
C LEU A 233 -28.96 30.45 6.02
N PRO A 234 -27.81 30.83 5.46
CA PRO A 234 -26.50 30.40 5.97
C PRO A 234 -25.92 31.30 7.05
N SER A 235 -25.02 30.73 7.85
CA SER A 235 -24.16 31.53 8.70
C SER A 235 -22.73 31.04 8.51
N ALA A 236 -21.79 31.79 9.03
CA ALA A 236 -20.40 31.53 8.77
C ALA A 236 -19.92 30.12 9.12
N ASP A 237 -20.49 29.48 10.14
CA ASP A 237 -19.95 28.18 10.60
C ASP A 237 -20.53 27.00 9.86
N GLY A 238 -21.27 27.25 8.80
CA GLY A 238 -21.82 26.19 8.00
C GLY A 238 -23.19 25.68 8.44
N THR A 239 -23.70 26.15 9.58
CA THR A 239 -25.02 25.72 10.03
C THR A 239 -26.10 26.50 9.29
N TRP A 240 -27.35 26.09 9.46
CA TRP A 240 -28.46 26.70 8.72
C TRP A 240 -29.56 27.31 9.58
N TYR A 241 -30.34 28.20 8.97
CA TYR A 241 -31.39 28.95 9.67
C TYR A 241 -32.59 29.09 8.77
N LEU A 242 -33.75 28.78 9.32
CA LEU A 242 -34.97 28.70 8.53
C LEU A 242 -36.16 29.21 9.32
N ARG A 243 -37.01 30.00 8.66
CA ARG A 243 -38.26 30.46 9.24
C ARG A 243 -39.47 29.81 8.58
N ALA A 244 -40.34 29.20 9.38
CA ALA A 244 -41.59 28.68 8.85
C ALA A 244 -42.73 29.58 9.36
N THR A 245 -43.54 30.12 8.45
CA THR A 245 -44.60 31.04 8.84
C THR A 245 -46.03 30.56 8.56
N LEU A 246 -46.98 31.17 9.27
CA LEU A 246 -48.41 30.90 9.06
C LEU A 246 -49.25 32.11 9.38
N GLU A 247 -50.13 32.49 8.46
CA GLU A 247 -51.00 33.64 8.70
C GLU A 247 -52.36 33.17 9.22
N VAL A 248 -52.67 33.54 10.44
CA VAL A 248 -53.90 33.13 11.08
C VAL A 248 -54.65 34.39 11.50
N ALA A 249 -55.94 34.26 11.77
CA ALA A 249 -56.72 35.41 12.17
C ALA A 249 -56.55 35.55 13.67
N ALA A 250 -56.87 36.73 14.22
CA ALA A 250 -56.52 37.12 15.58
C ALA A 250 -56.84 36.07 16.68
N GLY A 251 -58.06 35.54 16.73
CA GLY A 251 -58.40 34.62 17.82
C GLY A 251 -58.22 33.14 17.50
N GLU A 252 -57.53 32.83 16.42
CA GLU A 252 -57.48 31.45 15.93
C GLU A 252 -56.08 30.83 16.02
N ALA A 253 -55.31 31.20 17.05
CA ALA A 253 -53.95 30.68 17.19
C ALA A 253 -53.69 29.92 18.52
N ALA A 254 -54.59 30.02 19.49
CA ALA A 254 -54.36 29.50 20.84
C ALA A 254 -54.01 28.01 20.91
N ASP A 255 -54.39 27.25 19.89
CA ASP A 255 -54.21 25.81 19.92
C ASP A 255 -53.27 25.33 18.81
N LEU A 256 -52.37 26.22 18.35
CA LEU A 256 -51.43 25.87 17.27
C LEU A 256 -50.04 25.61 17.76
N SER A 257 -49.32 24.80 17.02
CA SER A 257 -47.98 24.46 17.42
C SER A 257 -47.09 24.16 16.23
N CYS A 258 -45.81 24.50 16.37
CA CYS A 258 -44.80 24.27 15.34
C CYS A 258 -43.99 23.01 15.62
N ARG A 259 -43.86 22.12 14.64
CA ARG A 259 -43.11 20.88 14.87
C ARG A 259 -41.88 20.82 13.99
N VAL A 260 -40.75 20.50 14.60
CA VAL A 260 -39.49 20.42 13.89
C VAL A 260 -38.95 19.00 13.90
N LYS A 261 -38.59 18.52 12.71
CA LYS A 261 -38.00 17.20 12.56
C LYS A 261 -36.59 17.32 11.96
N HIS A 262 -35.65 16.58 12.54
CA HIS A 262 -34.29 16.63 12.06
C HIS A 262 -33.53 15.35 12.42
N SER A 263 -32.49 15.05 11.66
CA SER A 263 -31.68 13.86 11.89
C SER A 263 -30.92 13.88 13.23
N SER A 264 -30.56 15.08 13.70
CA SER A 264 -29.83 15.23 14.95
C SER A 264 -30.69 14.93 16.15
N LEU A 265 -32.00 15.00 15.95
CA LEU A 265 -32.93 14.91 17.04
C LEU A 265 -33.10 13.45 17.37
N GLU A 266 -32.86 12.61 16.37
CA GLU A 266 -32.96 11.16 16.51
C GLU A 266 -34.27 10.74 17.15
N GLY A 267 -35.38 11.08 16.51
CA GLY A 267 -36.65 10.66 17.05
C GLY A 267 -37.36 11.79 17.75
N GLN A 268 -36.66 12.42 18.69
CA GLN A 268 -37.30 13.38 19.59
C GLN A 268 -37.58 14.74 18.94
N ASP A 269 -38.75 14.84 18.29
CA ASP A 269 -39.20 16.08 17.67
C ASP A 269 -39.33 17.24 18.62
N ILE A 270 -38.93 18.42 18.14
CA ILE A 270 -39.19 19.66 18.87
C ILE A 270 -40.60 20.16 18.64
N VAL A 271 -41.38 20.32 19.71
CA VAL A 271 -42.74 20.86 19.59
C VAL A 271 -42.93 22.12 20.42
N LEU A 272 -43.19 23.22 19.73
CA LEU A 272 -43.38 24.51 20.37
C LEU A 272 -44.84 24.93 20.29
N TYR A 273 -45.37 25.44 21.40
CA TYR A 273 -46.74 25.88 21.40
C TYR A 273 -46.82 27.39 21.42
N TRP A 274 -47.83 27.91 20.74
CA TRP A 274 -48.06 29.33 20.67
C TRP A 274 -48.59 29.83 22.01
N GLU A 275 -49.45 29.00 22.62
CA GLU A 275 -50.14 29.25 23.89
C GLU A 275 -50.21 30.72 24.32
N ILE B 1 -27.44 42.98 -18.37
CA ILE B 1 -28.73 43.04 -17.67
C ILE B 1 -28.54 43.24 -16.16
N GLN B 2 -29.56 43.78 -15.50
CA GLN B 2 -29.46 44.04 -14.06
C GLN B 2 -30.49 43.29 -13.20
N ARG B 3 -30.06 42.84 -12.03
CA ARG B 3 -30.95 42.20 -11.06
C ARG B 3 -30.75 42.83 -9.69
N THR B 4 -31.84 43.15 -8.99
CA THR B 4 -31.77 43.81 -7.69
C THR B 4 -31.53 42.79 -6.58
N PRO B 5 -30.68 43.12 -5.60
CA PRO B 5 -30.41 42.20 -4.50
C PRO B 5 -31.56 42.09 -3.51
N LYS B 6 -31.82 40.85 -3.09
CA LYS B 6 -32.69 40.54 -1.95
C LYS B 6 -31.82 40.56 -0.71
N ILE B 7 -32.23 41.35 0.26
CA ILE B 7 -31.44 41.60 1.45
C ILE B 7 -32.11 41.04 2.70
N GLN B 8 -31.46 40.08 3.35
CA GLN B 8 -32.05 39.48 4.55
C GLN B 8 -31.10 39.52 5.75
N VAL B 9 -31.56 40.08 6.88
CA VAL B 9 -30.75 40.18 8.09
C VAL B 9 -31.26 39.22 9.18
N TYR B 10 -30.34 38.57 9.91
CA TYR B 10 -30.70 37.64 10.98
C TYR B 10 -29.53 37.36 11.97
N SER B 11 -29.83 36.67 13.07
CA SER B 11 -28.84 36.35 14.09
C SER B 11 -28.65 34.86 14.27
N ARG B 12 -27.39 34.44 14.45
CA ARG B 12 -27.04 33.03 14.60
C ARG B 12 -27.83 32.38 15.73
N HIS B 13 -28.04 33.12 16.81
CA HIS B 13 -28.85 32.65 17.95
C HIS B 13 -29.95 33.68 18.26
N PRO B 14 -30.99 33.28 19.02
CA PRO B 14 -32.01 34.27 19.41
C PRO B 14 -31.44 35.38 20.29
N ALA B 15 -31.94 36.59 20.08
CA ALA B 15 -31.39 37.78 20.74
C ALA B 15 -31.43 37.70 22.25
N GLU B 16 -30.27 37.93 22.87
CA GLU B 16 -30.16 38.04 24.33
C GLU B 16 -29.01 39.01 24.69
N ASN B 17 -29.25 39.87 25.67
CA ASN B 17 -28.32 40.96 25.98
C ASN B 17 -26.98 40.55 26.60
N GLY B 18 -26.98 39.49 27.41
CA GLY B 18 -25.75 38.99 28.00
C GLY B 18 -25.09 37.86 27.22
N LYS B 19 -25.02 38.00 25.90
CA LYS B 19 -24.47 36.95 25.04
C LYS B 19 -23.91 37.53 23.73
N SER B 20 -22.72 37.08 23.35
CA SER B 20 -22.10 37.50 22.10
C SER B 20 -22.67 36.70 20.94
N ASN B 21 -23.57 37.33 20.19
CA ASN B 21 -24.22 36.68 19.06
C ASN B 21 -23.39 36.79 17.78
N PHE B 22 -24.06 36.68 16.64
CA PHE B 22 -23.47 36.93 15.33
C PHE B 22 -24.54 37.57 14.45
N LEU B 23 -24.17 38.65 13.77
CA LEU B 23 -25.10 39.33 12.90
C LEU B 23 -24.85 38.97 11.43
N ASN B 24 -25.90 38.49 10.75
CA ASN B 24 -25.78 38.07 9.35
C ASN B 24 -26.57 38.97 8.41
N CYS B 25 -26.01 39.21 7.23
CA CYS B 25 -26.76 39.89 6.18
C CYS B 25 -26.59 39.11 4.86
N TYR B 26 -27.64 38.43 4.42
CA TYR B 26 -27.54 37.59 3.25
C TYR B 26 -28.07 38.29 2.02
N VAL B 27 -27.15 38.68 1.14
CA VAL B 27 -27.50 39.39 -0.07
C VAL B 27 -27.42 38.47 -1.27
N SER B 28 -28.50 38.38 -2.04
CA SER B 28 -28.59 37.35 -3.08
C SER B 28 -29.42 37.78 -4.25
N GLY B 29 -29.21 37.13 -5.39
CA GLY B 29 -30.05 37.33 -6.57
C GLY B 29 -29.75 38.61 -7.32
N PHE B 30 -28.54 39.13 -7.17
CA PHE B 30 -28.20 40.39 -7.82
C PHE B 30 -27.23 40.23 -8.99
N HIS B 31 -27.24 41.22 -9.87
CA HIS B 31 -26.37 41.25 -11.04
C HIS B 31 -26.21 42.69 -11.48
N PRO B 32 -24.98 43.11 -11.80
CA PRO B 32 -23.70 42.39 -11.81
C PRO B 32 -23.15 42.18 -10.41
N SER B 33 -21.87 41.78 -10.31
CA SER B 33 -21.33 41.35 -9.04
C SER B 33 -20.98 42.49 -8.09
N ASP B 34 -20.59 43.64 -8.62
CA ASP B 34 -20.06 44.70 -7.76
C ASP B 34 -21.15 45.24 -6.83
N ILE B 35 -20.86 45.27 -5.54
CA ILE B 35 -21.87 45.61 -4.56
C ILE B 35 -21.23 46.03 -3.23
N GLU B 36 -21.81 46.99 -2.54
CA GLU B 36 -21.24 47.38 -1.27
C GLU B 36 -22.21 47.03 -0.16
N VAL B 37 -21.74 46.23 0.80
CA VAL B 37 -22.55 45.91 1.96
C VAL B 37 -21.83 46.30 3.25
N ASP B 38 -22.56 46.92 4.16
CA ASP B 38 -22.05 47.32 5.46
C ASP B 38 -23.02 46.87 6.54
N LEU B 39 -22.49 46.45 7.68
CA LEU B 39 -23.31 46.19 8.84
C LEU B 39 -23.23 47.40 9.76
N LEU B 40 -24.38 47.92 10.15
CA LEU B 40 -24.42 49.16 10.91
C LEU B 40 -24.76 48.88 12.37
N LYS B 41 -24.02 49.52 13.27
CA LYS B 41 -24.34 49.54 14.69
C LYS B 41 -24.66 50.98 15.11
N ASN B 42 -25.95 51.22 15.38
CA ASN B 42 -26.47 52.55 15.72
C ASN B 42 -26.25 53.56 14.60
N GLY B 43 -26.42 53.10 13.35
CA GLY B 43 -26.32 53.90 12.14
C GLY B 43 -24.90 54.19 11.67
N GLU B 44 -23.92 53.49 12.25
CA GLU B 44 -22.51 53.67 11.90
C GLU B 44 -21.83 52.34 11.64
N ARG B 45 -21.03 52.29 10.58
CA ARG B 45 -20.38 51.06 10.13
C ARG B 45 -19.52 50.39 11.20
N ILE B 46 -19.48 49.06 11.13
CA ILE B 46 -18.64 48.24 11.96
C ILE B 46 -17.40 47.80 11.18
N GLU B 47 -16.22 47.93 11.79
CA GLU B 47 -14.96 47.70 11.10
C GLU B 47 -14.63 46.22 10.86
N LYS B 48 -14.97 45.35 11.82
CA LYS B 48 -14.60 43.94 11.73
C LYS B 48 -15.68 43.10 11.09
N VAL B 49 -16.12 43.44 9.88
CA VAL B 49 -17.10 42.60 9.22
C VAL B 49 -16.49 41.67 8.16
N GLU B 50 -16.43 40.38 8.49
CA GLU B 50 -15.94 39.35 7.58
C GLU B 50 -17.00 39.09 6.51
N HIS B 51 -16.63 38.47 5.39
CA HIS B 51 -17.65 38.06 4.42
C HIS B 51 -17.18 36.89 3.57
N SER B 52 -18.16 36.13 3.09
CA SER B 52 -17.87 34.94 2.30
C SER B 52 -17.31 35.28 0.93
N ASP B 53 -16.68 34.29 0.29
CA ASP B 53 -16.21 34.47 -1.08
C ASP B 53 -17.38 34.57 -2.05
N LEU B 54 -17.19 35.30 -3.14
CA LEU B 54 -18.29 35.48 -4.09
C LEU B 54 -18.66 34.19 -4.81
N SER B 55 -19.94 33.97 -5.01
CA SER B 55 -20.41 32.78 -5.72
C SER B 55 -21.74 33.12 -6.41
N PHE B 56 -22.29 32.18 -7.18
CA PHE B 56 -23.60 32.39 -7.81
C PHE B 56 -24.47 31.14 -7.91
N SER B 57 -25.77 31.37 -8.12
CA SER B 57 -26.75 30.30 -8.23
C SER B 57 -26.87 29.85 -9.68
N LYS B 58 -27.75 28.88 -9.93
CA LYS B 58 -27.88 28.33 -11.27
C LYS B 58 -28.47 29.33 -12.27
N ASP B 59 -29.17 30.36 -11.79
CA ASP B 59 -29.75 31.39 -12.68
C ASP B 59 -28.72 32.47 -12.97
N TRP B 60 -27.50 32.22 -12.51
CA TRP B 60 -26.30 33.03 -12.77
C TRP B 60 -26.23 34.30 -11.94
N SER B 61 -27.19 34.50 -11.05
CA SER B 61 -27.18 35.65 -10.16
C SER B 61 -26.24 35.41 -8.97
N PHE B 62 -25.62 36.47 -8.48
CA PHE B 62 -24.65 36.37 -7.39
C PHE B 62 -25.26 36.41 -5.99
N TYR B 63 -24.53 35.86 -5.02
CA TYR B 63 -24.91 36.00 -3.62
C TYR B 63 -23.71 36.06 -2.65
N LEU B 64 -23.91 36.76 -1.52
CA LEU B 64 -22.86 36.97 -0.56
C LEU B 64 -23.38 36.90 0.87
N LEU B 65 -22.55 36.44 1.79
CA LEU B 65 -22.91 36.48 3.19
C LEU B 65 -21.97 37.37 4.03
N TYR B 66 -22.48 38.53 4.46
CA TYR B 66 -21.74 39.39 5.37
C TYR B 66 -22.10 39.08 6.82
N TYR B 67 -21.10 38.87 7.66
CA TYR B 67 -21.34 38.55 9.06
C TYR B 67 -20.38 39.27 10.02
N THR B 68 -20.77 39.35 11.29
CA THR B 68 -19.93 39.94 12.33
C THR B 68 -20.31 39.48 13.74
N GLU B 69 -19.31 39.39 14.61
CA GLU B 69 -19.54 38.96 15.98
C GLU B 69 -20.06 40.19 16.71
N PHE B 70 -20.97 40.02 17.68
CA PHE B 70 -21.45 41.15 18.46
C PHE B 70 -22.23 40.79 19.73
N THR B 71 -21.89 41.48 20.82
CA THR B 71 -22.74 41.51 22.00
C THR B 71 -23.70 42.69 21.87
N PRO B 72 -25.01 42.39 21.73
CA PRO B 72 -26.06 43.42 21.66
C PRO B 72 -26.54 43.91 23.01
N THR B 73 -27.15 45.08 23.03
CA THR B 73 -27.67 45.69 24.24
C THR B 73 -29.14 46.05 24.03
N GLU B 74 -29.85 46.36 25.12
CA GLU B 74 -31.26 46.74 25.07
C GLU B 74 -31.48 48.00 24.24
N LYS B 75 -30.64 49.01 24.49
CA LYS B 75 -30.71 50.26 23.74
C LYS B 75 -29.72 50.13 22.58
N ASP B 76 -29.83 49.03 21.84
CA ASP B 76 -28.98 48.82 20.67
C ASP B 76 -29.80 48.32 19.48
N GLU B 77 -29.52 48.89 18.31
CA GLU B 77 -30.20 48.51 17.07
C GLU B 77 -29.15 48.41 15.97
N TYR B 78 -29.29 47.40 15.12
CA TYR B 78 -28.32 47.11 14.09
C TYR B 78 -29.03 46.96 12.75
N ALA B 79 -28.37 47.34 11.67
CA ALA B 79 -28.96 47.25 10.34
C ALA B 79 -28.00 46.72 9.27
N CYS B 80 -28.46 46.75 8.03
CA CYS B 80 -27.68 46.35 6.87
C CYS B 80 -27.81 47.38 5.76
N ARG B 81 -26.68 47.88 5.28
CA ARG B 81 -26.70 48.89 4.24
C ARG B 81 -26.14 48.31 2.95
N VAL B 82 -26.96 48.29 1.92
CA VAL B 82 -26.55 47.75 0.63
C VAL B 82 -26.64 48.83 -0.41
N ASN B 83 -25.58 49.00 -1.19
CA ASN B 83 -25.62 49.90 -2.32
C ASN B 83 -25.30 49.10 -3.59
N HIS B 84 -26.18 49.21 -4.58
CA HIS B 84 -26.00 48.47 -5.82
C HIS B 84 -26.40 49.32 -7.00
N VAL B 85 -25.95 48.91 -8.19
CA VAL B 85 -26.31 49.60 -9.43
C VAL B 85 -27.83 49.76 -9.58
N THR B 86 -28.56 48.71 -9.22
CA THR B 86 -30.00 48.62 -9.40
C THR B 86 -30.79 49.41 -8.37
N LEU B 87 -30.08 50.09 -7.48
CA LEU B 87 -30.74 50.92 -6.49
C LEU B 87 -30.51 52.40 -6.79
N SER B 88 -31.61 53.16 -6.84
CA SER B 88 -31.51 54.61 -7.05
C SER B 88 -30.70 55.24 -5.92
N GLN B 89 -30.75 54.61 -4.76
CA GLN B 89 -30.07 55.06 -3.56
C GLN B 89 -29.86 53.88 -2.61
N PRO B 90 -28.80 53.94 -1.80
CA PRO B 90 -28.47 52.91 -0.80
C PRO B 90 -29.67 52.44 0.05
N LYS B 91 -29.78 51.13 0.20
CA LYS B 91 -30.92 50.51 0.89
C LYS B 91 -30.59 49.98 2.28
N ILE B 92 -31.39 50.35 3.27
CA ILE B 92 -31.16 49.91 4.64
C ILE B 92 -32.22 48.91 5.10
N VAL B 93 -31.79 47.73 5.53
CA VAL B 93 -32.72 46.77 6.15
C VAL B 93 -32.23 46.41 7.55
N LYS B 94 -33.04 46.74 8.55
CA LYS B 94 -32.62 46.56 9.94
C LYS B 94 -32.97 45.20 10.51
N TRP B 95 -32.46 44.93 11.71
CA TRP B 95 -32.64 43.63 12.37
C TRP B 95 -33.88 43.60 13.28
N ASP B 96 -34.71 42.59 13.08
CA ASP B 96 -35.93 42.36 13.85
C ASP B 96 -35.61 41.84 15.25
N ARG B 97 -35.67 42.75 16.21
CA ARG B 97 -35.26 42.51 17.60
C ARG B 97 -35.98 41.32 18.24
N ASP B 98 -37.18 41.01 17.75
CA ASP B 98 -37.95 39.85 18.21
C ASP B 98 -38.48 39.00 17.04
N PRO C 4 -13.41 14.07 41.65
CA PRO C 4 -12.41 13.08 41.20
C PRO C 4 -12.94 12.13 40.13
N LEU C 5 -12.65 12.44 38.86
CA LEU C 5 -13.16 11.65 37.72
C LEU C 5 -12.36 10.38 37.54
N SER C 6 -12.90 9.27 38.03
CA SER C 6 -12.21 8.01 37.89
C SER C 6 -13.01 7.06 37.02
N PHE C 7 -12.31 6.27 36.22
CA PHE C 7 -12.91 5.10 35.62
C PHE C 7 -12.25 3.88 36.17
N HIS C 8 -13.07 2.90 36.57
CA HIS C 8 -12.55 1.67 37.14
C HIS C 8 -13.43 0.47 36.85
N VAL C 9 -12.78 -0.68 36.84
CA VAL C 9 -13.44 -1.96 36.65
C VAL C 9 -13.40 -2.64 37.99
N ILE C 10 -14.48 -3.30 38.37
CA ILE C 10 -14.48 -4.04 39.62
C ILE C 10 -14.76 -5.51 39.39
N TRP C 11 -13.98 -6.35 40.06
CA TRP C 11 -14.27 -7.76 40.13
C TRP C 11 -14.78 -8.09 41.53
N ILE C 12 -15.78 -8.96 41.58
CA ILE C 12 -16.24 -9.49 42.85
C ILE C 12 -16.34 -10.99 42.68
N ALA C 13 -15.59 -11.72 43.48
CA ALA C 13 -15.49 -13.15 43.27
C ALA C 13 -15.76 -13.94 44.54
N SER C 14 -16.70 -14.88 44.46
CA SER C 14 -17.10 -15.64 45.65
C SER C 14 -16.79 -17.14 45.52
N PHE C 15 -16.33 -17.71 46.62
CA PHE C 15 -15.95 -19.12 46.68
C PHE C 15 -16.57 -19.69 47.94
N TYR C 16 -17.45 -20.69 47.85
CA TYR C 16 -18.04 -21.23 49.07
C TYR C 16 -18.00 -22.75 49.16
N ASN C 17 -18.37 -23.44 48.09
CA ASN C 17 -18.07 -24.85 47.99
C ASN C 17 -16.64 -24.86 47.53
N HIS C 18 -15.97 -26.01 47.53
CA HIS C 18 -14.59 -26.08 47.08
C HIS C 18 -14.43 -25.77 45.58
N SER C 19 -14.94 -24.62 45.16
CA SER C 19 -15.03 -24.30 43.74
C SER C 19 -15.35 -22.83 43.46
N TRP C 20 -14.90 -22.37 42.30
CA TRP C 20 -15.17 -21.03 41.79
C TRP C 20 -16.64 -20.86 41.45
N LYS C 21 -17.33 -19.99 42.16
CA LYS C 21 -18.78 -19.96 42.06
C LYS C 21 -19.30 -18.76 41.29
N GLN C 22 -19.25 -17.57 41.87
CA GLN C 22 -19.86 -16.39 41.23
C GLN C 22 -18.80 -15.36 40.79
N ASN C 23 -18.97 -14.86 39.57
CA ASN C 23 -18.23 -13.71 39.07
C ASN C 23 -19.05 -12.55 38.56
N LEU C 24 -18.82 -11.39 39.17
CA LEU C 24 -19.47 -10.19 38.74
C LEU C 24 -18.35 -9.23 38.36
N VAL C 25 -18.40 -8.76 37.11
CA VAL C 25 -17.46 -7.77 36.65
C VAL C 25 -18.25 -6.63 36.05
N SER C 26 -17.85 -5.41 36.36
CA SER C 26 -18.53 -4.28 35.78
C SER C 26 -17.57 -3.12 35.77
N GLY C 27 -17.88 -2.13 34.96
CA GLY C 27 -16.99 -0.99 34.82
C GLY C 27 -17.72 0.26 35.20
N TRP C 28 -17.05 1.13 35.95
CA TRP C 28 -17.69 2.32 36.52
C TRP C 28 -16.93 3.62 36.26
N LEU C 29 -17.69 4.66 35.92
CA LEU C 29 -17.21 6.03 35.83
C LEU C 29 -17.68 6.82 37.05
N SER C 30 -16.91 6.73 38.13
CA SER C 30 -17.34 7.18 39.46
C SER C 30 -18.60 6.42 39.88
N ASP C 31 -19.67 7.14 40.18
CA ASP C 31 -20.88 6.48 40.71
C ASP C 31 -21.71 5.84 39.61
N LEU C 32 -21.42 6.19 38.38
CA LEU C 32 -22.20 5.78 37.22
C LEU C 32 -21.68 4.51 36.54
N GLN C 33 -22.52 3.50 36.44
CA GLN C 33 -22.15 2.26 35.75
C GLN C 33 -22.23 2.46 34.23
N THR C 34 -21.19 2.00 33.55
CA THR C 34 -21.01 2.18 32.11
C THR C 34 -20.87 0.85 31.39
N HIS C 35 -20.36 -0.16 32.10
CA HIS C 35 -20.13 -1.47 31.51
C HIS C 35 -20.53 -2.60 32.44
N THR C 36 -21.10 -3.63 31.85
CA THR C 36 -21.40 -4.83 32.60
C THR C 36 -20.91 -6.00 31.76
N TRP C 37 -20.64 -7.11 32.42
CA TRP C 37 -20.16 -8.29 31.75
C TRP C 37 -21.33 -9.26 31.59
N ASP C 38 -21.51 -9.82 30.41
CA ASP C 38 -22.56 -10.81 30.18
C ASP C 38 -21.92 -12.21 30.11
N SER C 39 -22.11 -12.97 31.17
CA SER C 39 -21.49 -14.30 31.27
C SER C 39 -22.17 -15.32 30.35
N ASN C 40 -23.46 -15.13 30.08
CA ASN C 40 -24.22 -15.98 29.16
C ASN C 40 -23.62 -15.99 27.74
N SER C 41 -22.86 -14.94 27.41
CA SER C 41 -22.27 -14.80 26.08
C SER C 41 -20.81 -14.36 26.07
N SER C 42 -20.21 -14.17 27.24
CA SER C 42 -18.82 -13.69 27.36
C SER C 42 -18.56 -12.38 26.63
N THR C 43 -19.42 -11.39 26.80
CA THR C 43 -19.21 -10.09 26.16
C THR C 43 -19.39 -8.92 27.11
N ILE C 44 -18.82 -7.79 26.72
CA ILE C 44 -19.00 -6.58 27.48
C ILE C 44 -20.24 -5.88 26.95
N VAL C 45 -21.17 -5.56 27.85
CA VAL C 45 -22.40 -4.88 27.50
C VAL C 45 -22.27 -3.39 27.73
N PHE C 46 -22.60 -2.62 26.71
CA PHE C 46 -22.46 -1.18 26.78
C PHE C 46 -23.79 -0.58 27.21
N LEU C 47 -23.84 -0.07 28.43
CA LEU C 47 -25.06 0.52 28.97
C LEU C 47 -25.45 1.78 28.22
N TRP C 48 -24.46 2.46 27.65
CA TRP C 48 -24.69 3.67 26.87
C TRP C 48 -24.06 3.55 25.50
N PRO C 49 -24.62 4.26 24.51
CA PRO C 49 -23.98 4.27 23.19
C PRO C 49 -22.51 4.72 23.27
N TRP C 50 -22.25 5.73 24.10
CA TRP C 50 -20.91 6.27 24.27
C TRP C 50 -20.04 5.50 25.24
N SER C 51 -20.53 4.37 25.74
CA SER C 51 -19.70 3.50 26.58
C SER C 51 -18.55 2.92 25.76
N ARG C 52 -18.74 2.90 24.45
CA ARG C 52 -17.75 2.36 23.53
C ARG C 52 -16.56 3.30 23.43
N GLY C 53 -16.74 4.52 23.91
CA GLY C 53 -15.69 5.53 23.94
C GLY C 53 -15.11 5.74 22.57
N ASN C 54 -13.78 5.75 22.50
CA ASN C 54 -13.14 5.92 21.21
C ASN C 54 -12.47 4.62 20.72
N PHE C 55 -12.78 3.50 21.36
CA PHE C 55 -12.32 2.20 20.88
C PHE C 55 -13.23 1.66 19.78
N SER C 56 -12.63 0.95 18.83
CA SER C 56 -13.37 0.39 17.70
C SER C 56 -13.90 -0.98 18.04
N ASN C 57 -14.75 -1.51 17.15
CA ASN C 57 -15.38 -2.81 17.36
C ASN C 57 -14.34 -3.91 17.44
N GLU C 58 -13.30 -3.80 16.62
CA GLU C 58 -12.14 -4.68 16.67
C GLU C 58 -11.49 -4.59 18.05
N GLU C 59 -11.31 -3.36 18.50
CA GLU C 59 -10.51 -3.11 19.70
C GLU C 59 -11.27 -3.59 20.92
N TRP C 60 -12.59 -3.50 20.89
CA TRP C 60 -13.41 -4.05 21.98
C TRP C 60 -13.40 -5.58 22.04
N LYS C 61 -13.48 -6.25 20.89
CA LYS C 61 -13.38 -7.69 20.82
C LYS C 61 -12.07 -8.14 21.42
N GLU C 62 -11.02 -7.36 21.15
CA GLU C 62 -9.71 -7.73 21.65
C GLU C 62 -9.68 -7.64 23.18
N LEU C 63 -10.22 -6.56 23.74
CA LEU C 63 -10.22 -6.35 25.18
C LEU C 63 -11.07 -7.38 25.88
N GLU C 64 -12.24 -7.69 25.29
CA GLU C 64 -13.10 -8.76 25.76
C GLU C 64 -12.31 -10.04 26.01
N THR C 65 -11.66 -10.51 24.95
CA THR C 65 -10.90 -11.76 24.95
C THR C 65 -9.81 -11.73 26.02
N LEU C 66 -9.08 -10.63 26.05
CA LEU C 66 -8.05 -10.33 27.02
C LEU C 66 -8.56 -10.46 28.45
N PHE C 67 -9.65 -9.78 28.74
CA PHE C 67 -10.18 -9.80 30.09
C PHE C 67 -10.70 -11.18 30.42
N ARG C 68 -11.45 -11.78 29.50
CA ARG C 68 -11.98 -13.11 29.77
C ARG C 68 -10.83 -14.07 30.10
N ILE C 69 -9.82 -14.13 29.22
CA ILE C 69 -8.67 -15.02 29.40
C ILE C 69 -7.98 -14.79 30.74
N ARG C 70 -7.88 -13.54 31.13
CA ARG C 70 -7.13 -13.21 32.34
C ARG C 70 -7.96 -13.47 33.60
N THR C 71 -9.21 -13.05 33.57
CA THR C 71 -10.12 -13.29 34.68
C THR C 71 -10.19 -14.78 35.02
N ILE C 72 -10.25 -15.62 34.01
CA ILE C 72 -10.29 -17.05 34.26
C ILE C 72 -8.96 -17.54 34.85
N ARG C 73 -7.85 -17.20 34.20
CA ARG C 73 -6.51 -17.59 34.69
C ARG C 73 -6.32 -17.26 36.17
N SER C 74 -6.88 -16.13 36.57
CA SER C 74 -6.74 -15.64 37.92
C SER C 74 -7.59 -16.38 38.90
N PHE C 75 -8.89 -16.32 38.69
CA PHE C 75 -9.81 -16.89 39.66
C PHE C 75 -9.84 -18.41 39.60
N GLU C 76 -9.36 -19.00 38.51
CA GLU C 76 -9.15 -20.45 38.49
C GLU C 76 -7.82 -20.79 39.16
N GLY C 77 -6.91 -19.82 39.17
CA GLY C 77 -5.63 -19.98 39.84
C GLY C 77 -5.79 -19.90 41.35
N ILE C 78 -6.56 -18.91 41.80
CA ILE C 78 -6.84 -18.74 43.23
C ILE C 78 -7.48 -20.00 43.81
N ARG C 79 -8.58 -20.44 43.21
CA ARG C 79 -9.27 -21.63 43.68
C ARG C 79 -8.38 -22.85 43.77
N ARG C 80 -7.50 -23.02 42.79
CA ARG C 80 -6.67 -24.21 42.75
C ARG C 80 -5.62 -24.18 43.87
N TYR C 81 -5.19 -22.97 44.25
CA TYR C 81 -4.12 -22.83 45.22
C TYR C 81 -4.54 -22.08 46.51
N ALA C 82 -5.84 -22.12 46.80
CA ALA C 82 -6.41 -21.48 47.98
C ALA C 82 -5.76 -21.98 49.28
N HIS C 83 -5.61 -23.30 49.40
CA HIS C 83 -5.03 -23.89 50.60
C HIS C 83 -3.57 -23.50 50.75
N GLU C 84 -2.83 -23.45 49.64
CA GLU C 84 -1.44 -23.05 49.68
C GLU C 84 -1.33 -21.63 50.23
N LEU C 85 -2.39 -20.85 50.05
CA LEU C 85 -2.44 -19.44 50.43
C LEU C 85 -3.17 -19.21 51.74
N GLN C 86 -3.64 -20.30 52.36
CA GLN C 86 -4.47 -20.24 53.56
C GLN C 86 -5.75 -19.39 53.40
N PHE C 87 -6.31 -19.40 52.20
CA PHE C 87 -7.67 -18.93 51.97
C PHE C 87 -8.66 -19.97 52.50
N GLU C 88 -9.52 -19.59 53.43
CA GLU C 88 -10.51 -20.55 53.93
C GLU C 88 -11.95 -20.22 53.49
N TYR C 89 -12.62 -21.21 52.92
CA TYR C 89 -14.00 -21.05 52.47
C TYR C 89 -14.97 -20.82 53.66
N PRO C 90 -15.96 -19.93 53.47
CA PRO C 90 -16.13 -19.17 52.23
C PRO C 90 -15.38 -17.83 52.27
N PHE C 91 -14.96 -17.38 51.10
CA PHE C 91 -14.25 -16.12 51.01
C PHE C 91 -14.65 -15.35 49.74
N GLU C 92 -14.42 -14.04 49.78
CA GLU C 92 -14.70 -13.18 48.66
C GLU C 92 -13.50 -12.32 48.30
N ILE C 93 -12.98 -12.53 47.09
CA ILE C 93 -11.91 -11.68 46.58
C ILE C 93 -12.58 -10.52 45.87
N GLN C 94 -12.15 -9.30 46.21
CA GLN C 94 -12.64 -8.11 45.55
C GLN C 94 -11.46 -7.40 44.90
N VAL C 95 -11.62 -7.00 43.64
CA VAL C 95 -10.59 -6.22 42.95
C VAL C 95 -11.19 -4.99 42.32
N THR C 96 -10.52 -3.86 42.47
CA THR C 96 -10.87 -2.66 41.73
C THR C 96 -9.58 -2.14 41.09
N GLY C 97 -9.69 -1.72 39.82
CA GLY C 97 -8.55 -1.20 39.10
C GLY C 97 -9.01 -0.20 38.09
N GLY C 98 -8.18 0.82 37.82
CA GLY C 98 -8.52 1.86 36.87
C GLY C 98 -7.54 3.03 36.96
N CYS C 99 -7.91 4.14 36.32
CA CYS C 99 -7.07 5.33 36.27
C CYS C 99 -7.94 6.51 36.65
N GLU C 100 -7.33 7.64 36.99
CA GLU C 100 -8.12 8.79 37.41
C GLU C 100 -7.73 10.07 36.71
N LEU C 101 -8.74 10.88 36.43
CA LEU C 101 -8.49 12.23 35.94
C LEU C 101 -8.49 13.18 37.13
N HIS C 102 -7.45 14.00 37.23
CA HIS C 102 -7.42 15.05 38.24
C HIS C 102 -7.26 16.35 37.50
N SER C 103 -8.16 17.30 37.81
CA SER C 103 -8.11 18.61 37.19
C SER C 103 -8.16 18.48 35.66
N GLY C 104 -7.24 19.14 34.98
CA GLY C 104 -7.21 19.12 33.53
C GLY C 104 -6.52 17.93 32.86
N LYS C 105 -5.58 17.30 33.56
CA LYS C 105 -4.76 16.27 32.92
C LYS C 105 -5.10 14.82 33.37
N VAL C 106 -4.46 13.85 32.70
CA VAL C 106 -4.56 12.41 32.99
C VAL C 106 -3.46 11.99 33.97
N SER C 107 -3.79 11.13 34.92
CA SER C 107 -2.94 10.96 36.08
C SER C 107 -2.41 9.59 36.49
N GLY C 108 -2.58 9.32 37.78
CA GLY C 108 -2.19 8.07 38.39
C GLY C 108 -3.24 7.00 38.14
N SER C 109 -2.81 5.76 38.23
CA SER C 109 -3.67 4.62 38.08
C SER C 109 -3.55 3.76 39.32
N PHE C 110 -4.48 2.83 39.46
CA PHE C 110 -4.52 2.01 40.65
C PHE C 110 -5.05 0.61 40.36
N LEU C 111 -4.61 -0.36 41.15
CA LEU C 111 -5.19 -1.69 41.12
C LEU C 111 -5.03 -2.31 42.49
N GLN C 112 -6.16 -2.62 43.12
CA GLN C 112 -6.16 -3.11 44.49
C GLN C 112 -7.00 -4.37 44.63
N LEU C 113 -6.54 -5.27 45.50
CA LEU C 113 -7.23 -6.54 45.75
C LEU C 113 -7.52 -6.69 47.25
N ALA C 114 -8.75 -7.05 47.57
CA ALA C 114 -9.12 -7.29 48.96
C ALA C 114 -9.51 -8.73 49.22
N TYR C 115 -9.02 -9.28 50.31
CA TYR C 115 -9.42 -10.62 50.75
C TYR C 115 -10.41 -10.42 51.91
N GLN C 116 -11.63 -10.94 51.79
CA GLN C 116 -12.61 -10.86 52.88
C GLN C 116 -12.80 -9.41 53.37
N GLY C 117 -13.20 -8.53 52.47
CA GLY C 117 -13.51 -7.15 52.79
C GLY C 117 -12.42 -6.25 53.37
N SER C 118 -11.17 -6.70 53.38
CA SER C 118 -10.10 -5.85 53.87
C SER C 118 -8.93 -5.86 52.89
N ASP C 119 -8.18 -4.75 52.81
CA ASP C 119 -7.01 -4.66 51.93
C ASP C 119 -6.10 -5.88 52.05
N PHE C 120 -5.61 -6.34 50.90
CA PHE C 120 -4.77 -7.54 50.86
C PHE C 120 -3.45 -7.23 50.18
N VAL C 121 -3.53 -6.90 48.90
CA VAL C 121 -2.35 -6.61 48.12
C VAL C 121 -2.70 -5.55 47.07
N SER C 122 -1.74 -4.73 46.65
CA SER C 122 -2.03 -3.79 45.55
C SER C 122 -0.91 -3.73 44.52
N PHE C 123 -1.21 -3.13 43.37
CA PHE C 123 -0.26 -3.05 42.26
C PHE C 123 0.36 -1.65 42.12
N GLN C 124 1.66 -1.57 42.35
CA GLN C 124 2.39 -0.32 42.33
C GLN C 124 3.44 -0.31 41.22
N ASN C 125 3.27 0.57 40.24
CA ASN C 125 4.11 0.61 39.05
C ASN C 125 4.06 -0.70 38.26
N ASN C 126 4.96 -1.63 38.54
CA ASN C 126 5.02 -2.87 37.79
C ASN C 126 5.07 -4.15 38.61
N SER C 127 4.68 -4.09 39.88
CA SER C 127 4.67 -5.29 40.71
C SER C 127 3.63 -5.25 41.85
N TRP C 128 3.45 -6.39 42.50
CA TRP C 128 2.50 -6.54 43.60
C TRP C 128 3.18 -6.39 44.95
N LEU C 129 2.69 -5.46 45.77
CA LEU C 129 3.18 -5.35 47.13
C LEU C 129 2.07 -5.66 48.12
N PRO C 130 2.40 -6.44 49.14
CA PRO C 130 1.42 -6.75 50.19
C PRO C 130 1.07 -5.50 50.98
N TYR C 131 -0.08 -5.48 51.62
CA TYR C 131 -0.35 -4.51 52.67
C TYR C 131 0.21 -5.08 53.96
N PRO C 132 0.82 -4.22 54.79
CA PRO C 132 1.38 -4.68 56.07
C PRO C 132 0.31 -5.25 56.98
N VAL C 133 -0.85 -4.60 57.00
CA VAL C 133 -1.99 -5.02 57.80
C VAL C 133 -2.38 -6.50 57.55
N ALA C 134 -2.33 -6.93 56.30
CA ALA C 134 -2.74 -8.28 55.90
C ALA C 134 -1.71 -9.35 56.30
N GLY C 135 -0.56 -8.90 56.82
CA GLY C 135 0.43 -9.80 57.41
C GLY C 135 1.14 -10.77 56.50
N ASN C 136 1.52 -11.91 57.06
CA ASN C 136 2.42 -12.82 56.37
C ASN C 136 1.85 -13.52 55.13
N MET C 137 0.55 -13.83 55.13
CA MET C 137 -0.04 -14.57 54.01
C MET C 137 -0.08 -13.72 52.75
N ALA C 138 -0.23 -12.42 52.91
CA ALA C 138 -0.21 -11.51 51.77
C ALA C 138 1.19 -11.42 51.15
N LYS C 139 2.24 -11.46 51.96
CA LYS C 139 3.62 -11.47 51.45
C LYS C 139 3.74 -12.60 50.45
N HIS C 140 3.31 -13.77 50.88
CA HIS C 140 3.41 -14.96 50.06
C HIS C 140 2.59 -14.79 48.78
N PHE C 141 1.44 -14.12 48.88
CA PHE C 141 0.58 -13.97 47.72
C PHE C 141 1.27 -13.21 46.59
N CYS C 142 2.05 -12.20 46.97
CA CYS C 142 2.76 -11.38 46.00
C CYS C 142 3.94 -12.10 45.40
N LYS C 143 4.56 -12.95 46.22
CA LYS C 143 5.65 -13.76 45.73
C LYS C 143 5.08 -14.68 44.65
N VAL C 144 3.79 -14.99 44.75
CA VAL C 144 3.17 -15.79 43.71
C VAL C 144 2.92 -14.97 42.46
N LEU C 145 2.32 -13.79 42.60
CA LEU C 145 1.93 -13.02 41.42
C LEU C 145 3.12 -12.43 40.67
N ASN C 146 4.21 -12.17 41.39
CA ASN C 146 5.36 -11.47 40.82
C ASN C 146 6.45 -12.35 40.19
N GLN C 147 6.28 -13.67 40.19
CA GLN C 147 7.31 -14.57 39.65
C GLN C 147 7.37 -14.47 38.12
N ASN C 148 6.23 -14.26 37.49
CA ASN C 148 6.20 -14.06 36.06
C ASN C 148 5.97 -12.59 35.75
N GLN C 149 7.07 -11.92 35.42
CA GLN C 149 7.05 -10.48 35.22
C GLN C 149 6.34 -10.14 33.93
N HIS C 150 6.28 -11.09 32.99
CA HIS C 150 5.57 -10.79 31.75
C HIS C 150 4.10 -10.50 32.06
N GLU C 151 3.51 -11.30 32.94
CA GLU C 151 2.11 -11.06 33.34
C GLU C 151 1.98 -9.67 33.95
N ASN C 152 2.91 -9.34 34.84
CA ASN C 152 2.92 -8.02 35.45
C ASN C 152 3.09 -6.89 34.42
N ASP C 153 3.93 -7.11 33.41
CA ASP C 153 4.13 -6.13 32.33
C ASP C 153 2.81 -5.79 31.63
N ILE C 154 2.00 -6.81 31.32
CA ILE C 154 0.73 -6.59 30.63
C ILE C 154 -0.24 -5.83 31.51
N THR C 155 -0.34 -6.25 32.77
CA THR C 155 -1.13 -5.50 33.75
C THR C 155 -0.74 -4.03 33.71
N HIS C 156 0.57 -3.78 33.81
CA HIS C 156 1.10 -2.43 33.75
C HIS C 156 0.67 -1.68 32.48
N ASN C 157 0.75 -2.32 31.32
CA ASN C 157 0.33 -1.70 30.05
C ASN C 157 -1.14 -1.31 30.08
N LEU C 158 -1.98 -2.20 30.63
CA LEU C 158 -3.42 -1.93 30.74
C LEU C 158 -3.73 -0.77 31.70
N LEU C 159 -3.03 -0.72 32.82
CA LEU C 159 -3.27 0.33 33.81
C LEU C 159 -2.77 1.71 33.32
N SER C 160 -1.59 1.78 32.73
CA SER C 160 -1.01 3.10 32.54
C SER C 160 -0.91 3.58 31.10
N ASP C 161 -1.40 2.80 30.14
CA ASP C 161 -1.49 3.28 28.76
C ASP C 161 -2.91 3.10 28.23
N THR C 162 -3.43 1.86 28.23
CA THR C 162 -4.81 1.62 27.79
C THR C 162 -5.85 2.45 28.55
N CYS C 163 -5.87 2.33 29.88
CA CYS C 163 -6.88 3.01 30.67
C CYS C 163 -6.91 4.51 30.41
N PRO C 164 -5.76 5.20 30.55
CA PRO C 164 -5.82 6.64 30.31
C PRO C 164 -6.31 7.04 28.92
N ARG C 165 -5.98 6.27 27.90
CA ARG C 165 -6.41 6.59 26.55
C ARG C 165 -7.92 6.40 26.45
N PHE C 166 -8.42 5.37 27.11
CA PHE C 166 -9.84 5.06 27.10
C PHE C 166 -10.65 6.16 27.78
N ILE C 167 -10.39 6.38 29.07
CA ILE C 167 -11.14 7.34 29.89
C ILE C 167 -11.21 8.74 29.27
N LEU C 168 -10.19 9.12 28.52
CA LEU C 168 -10.23 10.36 27.77
C LEU C 168 -11.34 10.27 26.73
N GLY C 169 -11.26 9.24 25.88
CA GLY C 169 -12.29 8.99 24.88
C GLY C 169 -13.69 8.78 25.46
N LEU C 170 -13.78 8.16 26.62
CA LEU C 170 -15.06 7.90 27.24
C LEU C 170 -15.73 9.22 27.71
N LEU C 171 -14.95 10.11 28.33
CA LEU C 171 -15.48 11.40 28.75
C LEU C 171 -15.89 12.26 27.55
N ASP C 172 -15.09 12.21 26.47
CA ASP C 172 -15.44 12.92 25.24
C ASP C 172 -16.75 12.39 24.64
N ALA C 173 -16.90 11.08 24.66
CA ALA C 173 -18.02 10.46 23.97
C ALA C 173 -19.29 10.74 24.74
N GLY C 174 -19.16 10.87 26.06
CA GLY C 174 -20.31 11.12 26.90
C GLY C 174 -20.37 12.52 27.49
N LYS C 175 -19.83 13.51 26.78
CA LYS C 175 -19.82 14.88 27.26
C LYS C 175 -21.23 15.38 27.57
N ALA C 176 -22.15 15.18 26.62
CA ALA C 176 -23.50 15.72 26.72
C ALA C 176 -24.32 15.12 27.86
N HIS C 177 -23.86 14.01 28.41
CA HIS C 177 -24.59 13.32 29.48
C HIS C 177 -23.98 13.58 30.84
N LEU C 178 -22.65 13.65 30.91
CA LEU C 178 -21.98 13.86 32.18
C LEU C 178 -22.06 15.31 32.60
N GLN C 179 -22.06 16.20 31.60
CA GLN C 179 -22.12 17.64 31.86
C GLN C 179 -23.56 18.13 31.96
N ARG C 180 -24.48 17.18 31.94
CA ARG C 180 -25.92 17.45 32.10
C ARG C 180 -26.22 18.12 33.45
N GLN C 181 -27.12 19.11 33.43
CA GLN C 181 -27.57 19.77 34.68
C GLN C 181 -29.06 19.57 34.89
N VAL C 182 -29.41 18.83 35.94
CA VAL C 182 -30.81 18.56 36.27
C VAL C 182 -31.21 19.18 37.59
N LYS C 183 -32.21 20.06 37.55
CA LYS C 183 -32.67 20.82 38.73
C LYS C 183 -33.22 19.99 39.88
N PRO C 184 -32.87 20.36 41.14
CA PRO C 184 -33.41 19.67 42.33
C PRO C 184 -34.83 20.12 42.70
N GLU C 185 -35.52 19.25 43.42
CA GLU C 185 -36.88 19.45 43.92
C GLU C 185 -36.86 19.44 45.46
N ALA C 186 -37.47 20.41 46.13
CA ALA C 186 -37.31 20.47 47.59
C ALA C 186 -38.60 20.63 48.44
N TRP C 187 -38.63 19.92 49.58
CA TRP C 187 -39.77 19.99 50.52
C TRP C 187 -39.36 19.62 51.96
N LEU C 188 -40.17 20.05 52.93
CA LEU C 188 -39.92 19.87 54.37
C LEU C 188 -40.79 18.79 55.07
N SER C 189 -40.37 18.38 56.28
CA SER C 189 -41.03 17.28 57.01
C SER C 189 -40.70 17.25 58.50
N HIS C 190 -41.54 16.55 59.27
CA HIS C 190 -41.27 16.26 60.67
C HIS C 190 -40.40 15.01 60.85
N GLN C 200 -37.91 16.73 64.95
CA GLN C 200 -36.85 16.89 63.95
C GLN C 200 -37.34 17.43 62.62
N LEU C 201 -36.84 18.59 62.22
CA LEU C 201 -37.20 19.14 60.93
C LEU C 201 -36.24 18.63 59.84
N VAL C 202 -36.82 18.24 58.71
CA VAL C 202 -36.09 17.64 57.59
C VAL C 202 -36.18 18.49 56.33
N CYS C 203 -35.05 18.70 55.66
CA CYS C 203 -35.08 19.33 54.36
C CYS C 203 -34.77 18.31 53.28
N HIS C 204 -35.77 18.01 52.46
CA HIS C 204 -35.61 17.03 51.39
C HIS C 204 -35.16 17.72 50.09
N VAL C 205 -34.00 17.32 49.58
CA VAL C 205 -33.53 17.79 48.28
C VAL C 205 -33.42 16.62 47.30
N SER C 206 -34.28 16.63 46.28
CA SER C 206 -34.49 15.44 45.44
C SER C 206 -34.28 15.70 43.93
N GLY C 207 -33.83 14.66 43.24
CA GLY C 207 -33.78 14.66 41.78
C GLY C 207 -32.71 15.48 41.08
N PHE C 208 -31.61 15.79 41.78
CA PHE C 208 -30.55 16.63 41.22
C PHE C 208 -29.37 15.86 40.61
N TYR C 209 -28.70 16.53 39.67
CA TYR C 209 -27.47 16.04 39.04
C TYR C 209 -26.73 17.27 38.48
N PRO C 210 -25.39 17.31 38.64
CA PRO C 210 -24.54 16.29 39.25
C PRO C 210 -24.46 16.36 40.77
N LYS C 211 -23.71 15.42 41.33
CA LYS C 211 -23.64 15.18 42.76
C LYS C 211 -23.34 16.40 43.66
N PRO C 212 -22.43 17.30 43.25
CA PRO C 212 -22.13 18.37 44.22
C PRO C 212 -23.35 19.24 44.52
N VAL C 213 -23.69 19.29 45.80
CA VAL C 213 -24.82 20.07 46.28
C VAL C 213 -24.50 20.64 47.66
N TRP C 214 -25.01 21.84 47.94
CA TRP C 214 -24.83 22.48 49.22
C TRP C 214 -26.20 22.69 49.87
N VAL C 215 -26.44 22.05 51.02
CA VAL C 215 -27.70 22.26 51.74
C VAL C 215 -27.44 22.64 53.19
N MET C 216 -28.14 23.66 53.66
CA MET C 216 -27.97 24.15 55.02
C MET C 216 -29.24 24.76 55.60
N TRP C 217 -29.50 24.42 56.86
CA TRP C 217 -30.54 25.05 57.61
C TRP C 217 -30.00 26.35 58.14
N MET C 218 -30.73 27.46 57.97
CA MET C 218 -30.30 28.71 58.60
C MET C 218 -31.53 29.55 58.96
N ARG C 219 -31.74 29.77 60.26
CA ARG C 219 -32.78 30.69 60.73
C ARG C 219 -32.24 32.10 60.61
N GLY C 220 -30.98 32.25 60.98
CA GLY C 220 -30.27 33.51 60.93
C GLY C 220 -29.30 33.26 59.81
N GLU C 221 -28.96 34.29 59.04
CA GLU C 221 -28.10 34.09 57.89
C GLU C 221 -26.62 34.23 58.26
N GLN C 228 -27.04 19.01 60.02
CA GLN C 228 -26.39 17.72 59.81
C GLN C 228 -26.88 17.06 58.51
N ARG C 229 -25.97 16.93 57.55
CA ARG C 229 -26.26 16.26 56.28
C ARG C 229 -26.32 14.74 56.39
N GLY C 230 -27.20 14.11 55.62
CA GLY C 230 -27.23 12.66 55.57
C GLY C 230 -26.33 12.16 54.47
N ASP C 231 -26.48 10.90 54.08
CA ASP C 231 -25.74 10.39 52.93
C ASP C 231 -26.33 10.97 51.65
N ILE C 232 -25.52 11.08 50.61
CA ILE C 232 -26.06 11.40 49.31
C ILE C 232 -26.65 10.11 48.78
N LEU C 233 -27.93 10.13 48.41
CA LEU C 233 -28.64 8.90 48.05
C LEU C 233 -29.00 8.87 46.55
N PRO C 234 -28.88 7.69 45.93
CA PRO C 234 -29.06 7.49 44.49
C PRO C 234 -30.48 7.22 44.07
N SER C 235 -30.79 7.46 42.81
CA SER C 235 -32.01 6.94 42.21
C SER C 235 -31.67 6.29 40.87
N ALA C 236 -32.60 5.49 40.35
CA ALA C 236 -32.38 4.68 39.14
C ALA C 236 -32.03 5.50 37.91
N ASP C 237 -32.51 6.74 37.86
CA ASP C 237 -32.29 7.62 36.73
C ASP C 237 -31.01 8.48 36.88
N GLY C 238 -30.16 8.11 37.84
CA GLY C 238 -28.86 8.74 37.99
C GLY C 238 -28.77 9.99 38.85
N THR C 239 -29.93 10.54 39.21
CA THR C 239 -29.99 11.75 40.03
C THR C 239 -29.78 11.39 41.49
N TRP C 240 -29.64 12.41 42.32
CA TRP C 240 -29.32 12.17 43.72
C TRP C 240 -30.39 12.74 44.66
N TYR C 241 -30.38 12.28 45.90
CA TYR C 241 -31.37 12.67 46.90
C TYR C 241 -30.69 12.83 48.25
N LEU C 242 -30.97 13.93 48.94
CA LEU C 242 -30.28 14.19 50.18
C LEU C 242 -31.22 14.79 51.21
N ARG C 243 -31.12 14.33 52.45
CA ARG C 243 -31.87 14.95 53.53
C ARG C 243 -30.92 15.67 54.47
N ALA C 244 -31.15 16.96 54.67
CA ALA C 244 -30.37 17.70 55.64
C ALA C 244 -31.21 18.02 56.87
N THR C 245 -30.77 17.55 58.04
CA THR C 245 -31.50 17.84 59.28
C THR C 245 -30.67 18.57 60.36
N LEU C 246 -31.37 19.31 61.21
CA LEU C 246 -30.79 19.84 62.44
C LEU C 246 -31.99 20.17 63.34
N GLU C 247 -32.02 19.63 64.56
CA GLU C 247 -33.12 19.90 65.52
C GLU C 247 -32.69 20.90 66.60
N ASP C 255 -40.49 30.51 61.57
CA ASP C 255 -39.31 31.34 61.81
C ASP C 255 -38.04 30.63 61.39
N LEU C 256 -38.22 29.47 60.75
CA LEU C 256 -37.09 28.66 60.28
C LEU C 256 -37.12 28.59 58.78
N SER C 257 -35.95 28.44 58.15
CA SER C 257 -35.90 28.30 56.70
C SER C 257 -34.69 27.49 56.20
N CYS C 258 -34.94 26.65 55.20
CA CYS C 258 -33.91 25.78 54.59
C CYS C 258 -33.40 26.36 53.26
N ARG C 259 -32.09 26.40 53.07
CA ARG C 259 -31.55 26.91 51.82
C ARG C 259 -30.74 25.84 51.08
N VAL C 260 -31.03 25.68 49.79
CA VAL C 260 -30.38 24.69 48.91
C VAL C 260 -29.62 25.37 47.79
N LYS C 261 -28.36 24.97 47.56
CA LYS C 261 -27.60 25.51 46.43
C LYS C 261 -27.15 24.39 45.48
N HIS C 262 -27.32 24.62 44.18
CA HIS C 262 -26.92 23.65 43.16
C HIS C 262 -26.66 24.30 41.82
N SER C 263 -25.86 23.62 41.01
CA SER C 263 -25.43 24.13 39.70
C SER C 263 -26.55 24.40 38.69
N SER C 264 -27.64 23.64 38.75
CA SER C 264 -28.78 23.92 37.86
C SER C 264 -29.50 25.19 38.33
N LEU C 265 -29.78 26.10 37.39
CA LEU C 265 -30.24 27.46 37.70
C LEU C 265 -29.35 28.10 38.77
N GLU C 266 -28.09 28.34 38.40
CA GLU C 266 -27.11 28.95 39.28
C GLU C 266 -27.53 30.37 39.64
N GLY C 267 -28.70 30.48 40.24
CA GLY C 267 -29.21 31.75 40.70
C GLY C 267 -30.05 31.55 41.94
N GLN C 268 -31.35 31.36 41.76
CA GLN C 268 -32.28 31.34 42.89
C GLN C 268 -32.25 30.03 43.68
N ASP C 269 -31.56 30.08 44.82
CA ASP C 269 -31.51 28.97 45.76
C ASP C 269 -32.92 28.58 46.11
N ILE C 270 -33.15 27.29 46.30
CA ILE C 270 -34.46 26.87 46.76
C ILE C 270 -34.55 27.25 48.23
N VAL C 271 -35.56 28.03 48.59
CA VAL C 271 -35.73 28.47 49.96
C VAL C 271 -37.09 28.02 50.51
N LEU C 272 -37.06 27.20 51.55
CA LEU C 272 -38.27 26.65 52.17
C LEU C 272 -38.53 27.30 53.55
N TYR C 273 -39.76 27.68 53.84
CA TYR C 273 -40.13 28.25 55.15
C TYR C 273 -41.03 27.34 55.98
N TRP C 274 -40.90 27.39 57.30
CA TRP C 274 -41.67 26.52 58.17
C TRP C 274 -42.19 27.29 59.40
N ILE D 1 -14.10 -10.35 58.94
CA ILE D 1 -15.20 -9.86 59.77
C ILE D 1 -16.42 -9.48 58.90
N GLN D 2 -17.59 -9.43 59.54
CA GLN D 2 -18.86 -9.20 58.85
C GLN D 2 -19.42 -7.83 59.19
N ARG D 3 -20.13 -7.23 58.24
CA ARG D 3 -20.69 -5.91 58.42
C ARG D 3 -22.20 -5.94 58.15
N THR D 4 -22.99 -5.31 59.03
CA THR D 4 -24.45 -5.32 58.91
C THR D 4 -24.94 -4.24 57.94
N PRO D 5 -25.95 -4.55 57.12
CA PRO D 5 -26.45 -3.58 56.16
C PRO D 5 -27.21 -2.40 56.77
N LYS D 6 -26.89 -1.21 56.29
CA LYS D 6 -27.64 -0.01 56.59
C LYS D 6 -28.78 0.13 55.57
N ILE D 7 -30.01 0.26 56.07
CA ILE D 7 -31.19 0.25 55.23
C ILE D 7 -31.91 1.59 55.24
N GLN D 8 -31.98 2.24 54.08
CA GLN D 8 -32.66 3.54 53.98
C GLN D 8 -33.76 3.54 52.92
N VAL D 9 -34.97 3.86 53.34
CA VAL D 9 -36.09 3.85 52.41
C VAL D 9 -36.49 5.27 52.11
N TYR D 10 -36.86 5.52 50.86
CA TYR D 10 -37.28 6.86 50.45
C TYR D 10 -38.07 6.85 49.15
N SER D 11 -38.65 8.00 48.81
CA SER D 11 -39.43 8.11 47.59
C SER D 11 -38.84 9.15 46.63
N ARG D 12 -38.76 8.79 45.36
CA ARG D 12 -38.35 9.73 44.33
C ARG D 12 -39.34 10.91 44.28
N HIS D 13 -40.63 10.59 44.46
CA HIS D 13 -41.71 11.59 44.54
C HIS D 13 -41.82 12.40 43.24
N PHE D 22 -42.07 6.52 42.51
CA PHE D 22 -40.98 5.54 42.54
C PHE D 22 -40.45 5.33 43.96
N LEU D 23 -40.38 4.07 44.39
CA LEU D 23 -39.92 3.74 45.75
C LEU D 23 -38.52 3.18 45.78
N ASN D 24 -37.64 3.80 46.56
CA ASN D 24 -36.24 3.38 46.65
C ASN D 24 -35.85 2.79 48.02
N CYS D 25 -35.05 1.74 48.00
CA CYS D 25 -34.48 1.15 49.20
C CYS D 25 -32.99 0.92 49.03
N TYR D 26 -32.18 1.74 49.69
CA TYR D 26 -30.74 1.69 49.53
C TYR D 26 -30.08 0.88 50.67
N VAL D 27 -29.55 -0.28 50.31
CA VAL D 27 -28.92 -1.18 51.26
C VAL D 27 -27.41 -1.07 51.10
N SER D 28 -26.69 -0.79 52.18
CA SER D 28 -25.27 -0.45 52.07
C SER D 28 -24.46 -0.85 53.29
N GLY D 29 -23.15 -0.88 53.13
CA GLY D 29 -22.23 -1.08 54.23
C GLY D 29 -22.16 -2.50 54.73
N PHE D 30 -22.55 -3.46 53.89
CA PHE D 30 -22.57 -4.85 54.33
C PHE D 30 -21.49 -5.72 53.73
N HIS D 31 -21.16 -6.80 54.45
CA HIS D 31 -20.17 -7.79 54.03
C HIS D 31 -20.46 -9.10 54.78
N PRO D 32 -20.44 -10.24 54.08
CA PRO D 32 -20.17 -10.44 52.65
C PRO D 32 -21.33 -10.04 51.75
N SER D 33 -21.26 -10.42 50.48
CA SER D 33 -22.17 -9.90 49.45
C SER D 33 -23.56 -10.53 49.39
N ASP D 34 -23.67 -11.79 49.80
CA ASP D 34 -24.92 -12.53 49.63
C ASP D 34 -26.05 -11.91 50.46
N ILE D 35 -27.15 -11.55 49.80
CA ILE D 35 -28.20 -10.81 50.47
C ILE D 35 -29.51 -10.85 49.70
N GLU D 36 -30.63 -10.95 50.43
CA GLU D 36 -31.93 -10.93 49.79
C GLU D 36 -32.75 -9.77 50.34
N VAL D 37 -33.13 -8.83 49.48
CA VAL D 37 -33.99 -7.74 49.92
C VAL D 37 -35.26 -7.66 49.06
N ASP D 38 -36.36 -7.41 49.74
CA ASP D 38 -37.67 -7.34 49.11
C ASP D 38 -38.36 -6.05 49.50
N LEU D 39 -39.13 -5.50 48.57
CA LEU D 39 -39.90 -4.31 48.87
C LEU D 39 -41.29 -4.72 49.30
N LEU D 40 -41.73 -4.20 50.44
CA LEU D 40 -43.00 -4.64 51.01
C LEU D 40 -44.17 -3.67 50.87
N LYS D 41 -45.31 -4.25 50.52
CA LYS D 41 -46.60 -3.60 50.63
C LYS D 41 -47.37 -4.39 51.66
N ASN D 42 -47.49 -3.89 52.89
CA ASN D 42 -48.16 -4.66 53.94
C ASN D 42 -47.60 -6.06 54.14
N GLY D 43 -46.28 -6.23 54.08
CA GLY D 43 -45.71 -7.55 54.28
C GLY D 43 -45.70 -8.47 53.06
N GLU D 44 -45.84 -7.90 51.87
CA GLU D 44 -45.87 -8.68 50.63
C GLU D 44 -44.92 -8.13 49.54
N ARG D 45 -44.09 -9.00 48.98
CA ARG D 45 -43.14 -8.59 47.93
C ARG D 45 -43.87 -8.06 46.69
N ILE D 46 -43.22 -7.17 45.96
CA ILE D 46 -43.75 -6.71 44.67
C ILE D 46 -43.06 -7.47 43.54
N GLU D 47 -43.85 -7.96 42.59
CA GLU D 47 -43.32 -8.81 41.52
C GLU D 47 -42.46 -7.98 40.60
N LYS D 48 -41.34 -8.56 40.16
CA LYS D 48 -40.41 -7.89 39.26
C LYS D 48 -39.96 -6.50 39.75
N VAL D 49 -39.29 -6.50 40.88
CA VAL D 49 -38.70 -5.30 41.44
C VAL D 49 -37.26 -5.22 40.97
N GLU D 50 -36.98 -4.20 40.17
CA GLU D 50 -35.65 -4.01 39.62
C GLU D 50 -34.62 -3.64 40.70
N HIS D 51 -33.35 -3.86 40.38
CA HIS D 51 -32.27 -3.43 41.26
C HIS D 51 -30.98 -3.22 40.48
N SER D 52 -30.11 -2.38 41.03
CA SER D 52 -28.83 -2.03 40.41
C SER D 52 -27.88 -3.20 40.50
N ASP D 53 -26.82 -3.14 39.70
CA ASP D 53 -25.77 -4.14 39.77
C ASP D 53 -24.97 -3.94 41.07
N LEU D 54 -24.41 -5.02 41.59
CA LEU D 54 -23.67 -4.97 42.84
C LEU D 54 -22.37 -4.17 42.68
N SER D 55 -22.01 -3.41 43.70
CA SER D 55 -20.81 -2.58 43.70
C SER D 55 -20.26 -2.43 45.11
N PHE D 56 -19.11 -1.78 45.27
CA PHE D 56 -18.63 -1.52 46.62
C PHE D 56 -17.89 -0.20 46.80
N SER D 57 -17.78 0.22 48.07
CA SER D 57 -17.11 1.45 48.47
C SER D 57 -15.63 1.26 48.83
N LYS D 58 -14.94 2.32 49.18
CA LYS D 58 -13.49 2.21 49.40
C LYS D 58 -13.13 1.35 50.63
N ASP D 59 -14.07 1.20 51.56
CA ASP D 59 -13.83 0.35 52.74
C ASP D 59 -14.20 -1.09 52.42
N TRP D 60 -14.53 -1.31 51.13
CA TRP D 60 -14.82 -2.61 50.53
C TRP D 60 -16.22 -3.13 50.85
N SER D 61 -17.03 -2.33 51.51
CA SER D 61 -18.39 -2.73 51.83
C SER D 61 -19.28 -2.63 50.60
N PHE D 62 -20.26 -3.51 50.47
CA PHE D 62 -21.12 -3.55 49.30
C PHE D 62 -22.31 -2.60 49.38
N TYR D 63 -22.88 -2.24 48.24
CA TYR D 63 -24.13 -1.47 48.24
C TYR D 63 -25.05 -1.82 47.08
N LEU D 64 -26.35 -1.62 47.31
CA LEU D 64 -27.41 -1.98 46.37
C LEU D 64 -28.57 -0.97 46.37
N LEU D 65 -29.17 -0.77 45.20
CA LEU D 65 -30.38 0.04 45.14
C LEU D 65 -31.53 -0.76 44.56
N TYR D 66 -32.49 -1.12 45.40
CA TYR D 66 -33.70 -1.76 44.91
C TYR D 66 -34.78 -0.73 44.66
N TYR D 67 -35.39 -0.77 43.48
CA TYR D 67 -36.47 0.16 43.18
C TYR D 67 -37.64 -0.52 42.47
N THR D 68 -38.81 0.12 42.52
CA THR D 68 -39.99 -0.37 41.83
C THR D 68 -40.91 0.82 41.54
N GLU D 69 -41.66 0.72 40.44
CA GLU D 69 -42.47 1.84 39.97
C GLU D 69 -43.79 2.06 40.70
N PHE D 70 -44.07 3.33 40.93
CA PHE D 70 -45.40 3.82 41.31
C PHE D 70 -45.45 5.36 41.34
N THR D 71 -46.43 5.89 40.63
CA THR D 71 -46.92 7.24 40.84
C THR D 71 -48.11 7.17 41.80
N PRO D 72 -48.91 6.07 41.76
CA PRO D 72 -49.91 6.01 42.82
C PRO D 72 -49.37 5.41 44.12
N THR D 73 -49.65 6.08 45.22
CA THR D 73 -49.25 5.63 46.55
C THR D 73 -50.23 6.11 47.61
N GLU D 74 -51.12 7.03 47.23
CA GLU D 74 -52.02 7.68 48.18
C GLU D 74 -52.77 6.65 49.04
N LYS D 75 -52.97 6.99 50.31
CA LYS D 75 -53.61 6.16 51.34
C LYS D 75 -53.11 4.70 51.31
N ASP D 76 -51.78 4.54 51.29
CA ASP D 76 -51.14 3.22 51.33
C ASP D 76 -49.89 3.16 52.23
N GLU D 77 -49.37 1.96 52.40
CA GLU D 77 -48.23 1.68 53.28
C GLU D 77 -47.16 0.79 52.61
N TYR D 78 -45.88 1.16 52.74
CA TYR D 78 -44.82 0.34 52.13
C TYR D 78 -43.55 0.25 52.99
N ALA D 79 -42.88 -0.89 52.95
CA ALA D 79 -41.66 -1.08 53.74
C ALA D 79 -40.58 -1.81 52.93
N CYS D 80 -39.47 -2.14 53.59
CA CYS D 80 -38.37 -2.82 52.92
C CYS D 80 -37.88 -3.97 53.79
N ARG D 81 -37.80 -5.16 53.19
CA ARG D 81 -37.40 -6.34 53.94
C ARG D 81 -36.03 -6.86 53.49
N VAL D 82 -35.09 -6.87 54.42
CA VAL D 82 -33.73 -7.31 54.15
C VAL D 82 -33.33 -8.51 55.01
N ASN D 83 -32.78 -9.54 54.38
CA ASN D 83 -32.22 -10.68 55.10
C ASN D 83 -30.73 -10.84 54.78
N HIS D 84 -29.92 -10.93 55.83
CA HIS D 84 -28.47 -11.08 55.69
C HIS D 84 -27.99 -12.07 56.74
N VAL D 85 -26.82 -12.65 56.49
CA VAL D 85 -26.20 -13.60 57.41
C VAL D 85 -26.03 -12.99 58.81
N THR D 86 -25.72 -11.71 58.88
CA THR D 86 -25.49 -11.01 60.16
C THR D 86 -26.79 -10.64 60.90
N LEU D 87 -27.93 -11.06 60.36
CA LEU D 87 -29.21 -10.83 61.01
C LEU D 87 -29.82 -12.11 61.57
N SER D 88 -30.20 -12.08 62.84
CA SER D 88 -30.87 -13.22 63.46
C SER D 88 -32.18 -13.49 62.74
N GLN D 89 -32.78 -12.43 62.21
CA GLN D 89 -34.08 -12.50 61.56
C GLN D 89 -34.25 -11.34 60.59
N PRO D 90 -35.02 -11.55 59.49
CA PRO D 90 -35.30 -10.50 58.49
C PRO D 90 -35.65 -9.17 59.15
N LYS D 91 -35.01 -8.11 58.67
CA LYS D 91 -35.12 -6.80 59.28
C LYS D 91 -36.03 -5.91 58.45
N ILE D 92 -37.03 -5.32 59.11
CA ILE D 92 -38.04 -4.56 58.39
C ILE D 92 -37.89 -3.08 58.67
N VAL D 93 -37.73 -2.30 57.61
CA VAL D 93 -37.65 -0.85 57.75
C VAL D 93 -38.75 -0.18 56.94
N LYS D 94 -39.60 0.60 57.60
CA LYS D 94 -40.75 1.18 56.91
C LYS D 94 -40.45 2.55 56.31
N TRP D 95 -41.36 3.02 55.48
CA TRP D 95 -41.25 4.30 54.80
C TRP D 95 -42.01 5.42 55.52
N ASP D 96 -41.32 6.54 55.78
CA ASP D 96 -41.94 7.72 56.37
C ASP D 96 -42.75 8.45 55.30
N ARG D 97 -44.05 8.20 55.24
CA ARG D 97 -44.89 8.74 54.18
C ARG D 97 -44.92 10.27 54.18
N ASP D 98 -44.78 10.88 55.36
CA ASP D 98 -44.66 12.33 55.49
C ASP D 98 -43.49 12.74 56.40
N LYS E 2 9.46 2.52 6.59
CA LYS E 2 9.35 3.90 7.07
C LYS E 2 8.95 4.04 8.55
N GLU E 3 8.05 3.18 9.03
CA GLU E 3 7.67 3.23 10.44
C GLU E 3 8.81 2.71 11.31
N VAL E 4 9.52 1.69 10.81
CA VAL E 4 10.68 1.14 11.49
C VAL E 4 11.88 1.16 10.53
N GLU E 5 12.92 1.94 10.83
CA GLU E 5 14.11 1.99 9.97
C GLU E 5 15.26 1.24 10.61
N GLN E 6 15.84 0.31 9.85
CA GLN E 6 16.95 -0.51 10.31
C GLN E 6 18.14 -0.41 9.34
N ASP E 7 19.34 -0.34 9.84
CA ASP E 7 20.53 -0.24 9.00
C ASP E 7 20.57 -1.46 8.14
N PRO E 8 20.69 -1.34 6.82
CA PRO E 8 20.68 -2.56 6.00
C PRO E 8 21.96 -3.38 6.10
N GLY E 9 23.09 -2.75 6.42
CA GLY E 9 24.38 -3.42 6.33
C GLY E 9 24.78 -3.72 4.87
N PRO E 10 25.35 -4.91 4.63
CA PRO E 10 25.70 -5.99 5.54
C PRO E 10 26.83 -5.65 6.48
N LEU E 11 26.98 -6.45 7.52
CA LEU E 11 28.08 -6.31 8.46
C LEU E 11 28.94 -7.57 8.38
N SER E 12 30.23 -7.39 8.16
CA SER E 12 31.16 -8.52 8.25
C SER E 12 32.22 -8.16 9.26
N VAL E 13 32.19 -8.87 10.39
CA VAL E 13 33.10 -8.64 11.49
C VAL E 13 33.88 -9.90 11.84
N PRO E 14 35.04 -9.75 12.48
CA PRO E 14 35.78 -10.92 12.95
C PRO E 14 35.27 -11.48 14.29
N GLU E 15 35.33 -12.80 14.42
CA GLU E 15 34.99 -13.51 15.65
C GLU E 15 35.58 -12.84 16.88
N GLY E 16 34.77 -12.65 17.91
CA GLY E 16 35.24 -12.06 19.15
C GLY E 16 34.85 -10.61 19.29
N ALA E 17 34.38 -10.01 18.20
CA ALA E 17 33.98 -8.61 18.18
C ALA E 17 32.60 -8.37 18.77
N ILE E 18 32.43 -7.24 19.43
CA ILE E 18 31.12 -6.78 19.82
C ILE E 18 30.41 -6.24 18.59
N VAL E 19 29.16 -6.64 18.39
CA VAL E 19 28.36 -6.18 17.27
C VAL E 19 27.15 -5.44 17.77
N SER E 20 26.82 -4.34 17.12
CA SER E 20 25.65 -3.57 17.48
C SER E 20 24.62 -3.46 16.34
N LEU E 21 23.44 -4.02 16.54
CA LEU E 21 22.35 -3.90 15.57
C LEU E 21 21.30 -2.89 16.05
N ASN E 22 20.86 -1.98 15.18
CA ASN E 22 19.98 -0.90 15.64
C ASN E 22 18.77 -0.58 14.77
N CYS E 23 17.72 -0.10 15.42
CA CYS E 23 16.50 0.40 14.77
C CYS E 23 16.11 1.73 15.34
N THR E 24 15.53 2.57 14.49
CA THR E 24 14.83 3.75 14.95
C THR E 24 13.38 3.67 14.52
N TYR E 25 12.49 4.28 15.28
CA TYR E 25 11.11 4.31 14.87
C TYR E 25 10.52 5.68 15.07
N SER E 26 9.30 5.91 14.59
CA SER E 26 8.72 7.24 14.74
C SER E 26 7.43 7.22 15.55
N ASN E 27 6.96 6.03 15.89
CA ASN E 27 5.71 5.89 16.64
C ASN E 27 5.93 5.76 18.15
N SER E 28 5.52 6.77 18.91
CA SER E 28 5.78 6.74 20.35
C SER E 28 4.86 5.75 21.07
N ALA E 29 3.92 5.16 20.35
CA ALA E 29 3.01 4.19 20.95
C ALA E 29 3.65 2.81 21.02
N PHE E 30 4.80 2.65 20.37
CA PHE E 30 5.50 1.38 20.44
C PHE E 30 5.88 1.07 21.89
N GLN E 31 5.67 -0.18 22.29
CA GLN E 31 5.83 -0.60 23.68
C GLN E 31 6.41 -2.00 23.84
N TYR E 32 6.31 -2.83 22.80
CA TYR E 32 6.82 -4.19 22.86
C TYR E 32 7.89 -4.30 21.79
N PHE E 33 9.09 -4.74 22.17
CA PHE E 33 10.23 -4.71 21.24
C PHE E 33 10.87 -6.05 21.10
N MET E 34 10.90 -6.54 19.87
CA MET E 34 11.39 -7.88 19.58
C MET E 34 12.57 -7.88 18.61
N TRP E 35 13.54 -8.77 18.84
CA TRP E 35 14.57 -9.09 17.83
C TRP E 35 14.43 -10.53 17.38
N TYR E 36 14.32 -10.73 16.07
CA TYR E 36 14.35 -12.04 15.49
C TYR E 36 15.68 -12.34 14.79
N ARG E 37 16.08 -13.59 14.80
CA ARG E 37 17.24 -14.04 14.04
C ARG E 37 16.83 -15.04 12.95
N GLN E 38 17.24 -14.79 11.70
CA GLN E 38 16.92 -15.65 10.55
C GLN E 38 18.16 -16.18 9.89
N TYR E 39 18.46 -17.46 10.11
CA TYR E 39 19.51 -18.17 9.39
C TYR E 39 19.09 -18.36 7.93
N SER E 40 20.05 -18.51 7.03
CA SER E 40 19.75 -18.57 5.60
C SER E 40 18.68 -19.59 5.21
N ARG E 41 17.67 -19.11 4.49
CA ARG E 41 16.56 -19.95 4.00
C ARG E 41 15.91 -20.73 5.13
N LYS E 42 15.78 -20.07 6.27
CA LYS E 42 15.06 -20.60 7.41
C LYS E 42 14.10 -19.51 7.82
N GLY E 43 13.23 -19.81 8.78
CA GLY E 43 12.28 -18.84 9.29
C GLY E 43 12.86 -18.05 10.45
N PRO E 44 12.28 -16.89 10.73
CA PRO E 44 12.72 -16.05 11.86
C PRO E 44 12.51 -16.74 13.22
N GLU E 45 13.52 -16.81 14.08
CA GLU E 45 13.32 -17.31 15.44
C GLU E 45 13.45 -16.13 16.36
N LEU E 46 12.58 -16.03 17.38
CA LEU E 46 12.65 -14.90 18.34
C LEU E 46 13.92 -14.99 19.21
N LEU E 47 14.67 -13.91 19.29
CA LEU E 47 15.95 -13.98 19.98
C LEU E 47 15.86 -13.21 21.33
N MET E 48 15.28 -12.01 21.30
CA MET E 48 15.12 -11.21 22.51
C MET E 48 13.83 -10.42 22.47
N TYR E 49 13.15 -10.33 23.60
CA TYR E 49 11.96 -9.52 23.71
C TYR E 49 12.10 -8.69 24.97
N THR E 50 11.73 -7.42 24.91
CA THR E 50 11.68 -6.58 26.12
C THR E 50 10.47 -5.65 26.17
N TYR E 51 9.98 -5.41 27.37
CA TYR E 51 8.82 -4.55 27.51
C TYR E 51 9.21 -3.13 27.90
N SER E 52 8.82 -2.17 27.07
CA SER E 52 9.07 -0.75 27.31
C SER E 52 10.56 -0.45 27.47
N SER E 53 10.89 0.73 28.01
CA SER E 53 12.29 1.14 28.15
C SER E 53 13.08 0.25 29.08
N GLY E 54 14.35 0.00 28.76
CA GLY E 54 15.20 -0.74 29.66
C GLY E 54 16.15 -1.64 28.92
N ASN E 55 16.98 -2.38 29.65
CA ASN E 55 17.90 -3.35 29.08
C ASN E 55 17.62 -4.75 29.58
N LYS E 56 17.67 -5.75 28.72
CA LYS E 56 17.63 -7.15 29.17
C LYS E 56 18.84 -7.91 28.62
N GLU E 57 19.49 -8.68 29.48
CA GLU E 57 20.65 -9.48 29.10
C GLU E 57 20.37 -11.01 29.21
N ASP E 58 20.75 -11.75 28.16
CA ASP E 58 20.63 -13.19 28.10
C ASP E 58 21.88 -13.74 27.45
N GLY E 59 22.84 -14.19 28.24
CA GLY E 59 24.08 -14.71 27.71
C GLY E 59 24.91 -13.65 27.03
N ARG E 60 25.33 -13.93 25.82
CA ARG E 60 26.12 -12.99 25.06
C ARG E 60 25.30 -11.83 24.45
N PHE E 61 23.97 -11.88 24.55
CA PHE E 61 23.11 -10.89 23.92
C PHE E 61 22.56 -9.86 24.88
N THR E 62 22.46 -8.62 24.43
CA THR E 62 21.84 -7.56 25.24
C THR E 62 20.86 -6.74 24.41
N ALA E 63 19.63 -6.62 24.87
CA ALA E 63 18.65 -5.80 24.16
C ALA E 63 18.43 -4.47 24.88
N GLN E 64 18.38 -3.36 24.14
CA GLN E 64 18.16 -2.07 24.78
C GLN E 64 17.05 -1.32 24.10
N VAL E 65 16.16 -0.73 24.86
CA VAL E 65 15.15 0.14 24.30
C VAL E 65 15.22 1.46 25.01
N ASP E 66 15.32 2.53 24.24
CA ASP E 66 15.30 3.89 24.75
C ASP E 66 14.12 4.61 24.10
N LYS E 67 12.99 4.68 24.80
CA LYS E 67 11.76 5.18 24.19
C LYS E 67 11.81 6.68 23.85
N SER E 68 12.61 7.45 24.58
CA SER E 68 12.67 8.89 24.34
C SER E 68 13.54 9.23 23.12
N SER E 69 14.51 8.38 22.80
CA SER E 69 15.30 8.53 21.57
C SER E 69 14.69 7.72 20.43
N LYS E 70 13.66 6.93 20.76
CA LYS E 70 13.04 5.98 19.84
C LYS E 70 14.11 5.21 19.11
N TYR E 71 14.91 4.49 19.87
CA TYR E 71 16.10 3.87 19.37
C TYR E 71 16.30 2.56 20.09
N ILE E 72 16.33 1.43 19.39
CA ILE E 72 16.51 0.17 20.07
C ILE E 72 17.70 -0.55 19.50
N SER E 73 18.38 -1.35 20.32
CA SER E 73 19.63 -1.97 19.91
C SER E 73 19.74 -3.36 20.44
N LEU E 74 20.37 -4.23 19.64
CA LEU E 74 20.81 -5.56 20.05
C LEU E 74 22.33 -5.61 19.99
N PHE E 75 22.96 -5.93 21.12
CA PHE E 75 24.41 -6.09 21.21
C PHE E 75 24.74 -7.55 21.30
N ILE E 76 25.78 -7.98 20.58
CA ILE E 76 26.28 -9.33 20.72
C ILE E 76 27.73 -9.31 21.18
N ARG E 77 27.97 -9.75 22.41
CA ARG E 77 29.34 -9.85 22.91
C ARG E 77 29.98 -11.10 22.37
N ASP E 78 31.30 -11.07 22.20
CA ASP E 78 32.10 -12.24 21.87
C ASP E 78 31.51 -13.01 20.68
N SER E 79 31.31 -12.29 19.59
CA SER E 79 30.74 -12.80 18.35
C SER E 79 31.29 -14.14 17.96
N GLN E 80 30.38 -15.03 17.56
CA GLN E 80 30.70 -16.37 17.06
C GLN E 80 30.33 -16.44 15.59
N PRO E 81 30.99 -17.34 14.84
CA PRO E 81 30.59 -17.70 13.47
C PRO E 81 29.14 -18.14 13.40
N SER E 82 28.71 -18.85 14.44
CA SER E 82 27.31 -19.25 14.61
C SER E 82 26.31 -18.08 14.63
N ASP E 83 26.77 -16.85 14.81
CA ASP E 83 25.86 -15.72 14.95
C ASP E 83 25.51 -15.17 13.58
N SER E 84 26.11 -15.75 12.53
CA SER E 84 25.89 -15.28 11.16
C SER E 84 24.45 -15.51 10.71
N ALA E 85 23.75 -14.43 10.40
CA ALA E 85 22.32 -14.50 10.11
C ALA E 85 21.79 -13.14 9.72
N THR E 86 20.49 -13.06 9.49
CA THR E 86 19.83 -11.77 9.35
C THR E 86 19.06 -11.48 10.65
N TYR E 87 19.12 -10.24 11.09
CA TYR E 87 18.50 -9.84 12.35
C TYR E 87 17.39 -8.86 12.04
N LEU E 88 16.17 -9.23 12.44
CA LEU E 88 15.04 -8.36 12.20
C LEU E 88 14.50 -7.85 13.53
N CYS E 89 14.26 -6.55 13.62
CA CYS E 89 13.54 -6.08 14.76
C CYS E 89 12.04 -5.95 14.43
N ALA E 90 11.20 -6.17 15.43
CA ALA E 90 9.78 -5.95 15.29
C ALA E 90 9.24 -5.25 16.53
N MET E 91 8.17 -4.47 16.34
CA MET E 91 7.61 -3.64 17.39
C MET E 91 6.10 -3.65 17.38
N SER E 92 5.53 -3.63 18.59
CA SER E 92 4.09 -3.54 18.79
C SER E 92 3.68 -2.34 19.66
N THR E 93 2.49 -1.82 19.42
CA THR E 93 1.97 -0.71 20.21
C THR E 93 1.34 -1.27 21.49
N SER E 94 0.93 -0.39 22.40
CA SER E 94 0.28 -0.85 23.61
C SER E 94 -1.04 -1.57 23.33
N LEU E 95 -1.53 -2.34 24.31
CA LEU E 95 -2.82 -2.98 24.12
C LEU E 95 -3.88 -1.90 24.13
N PRO E 96 -4.86 -2.01 23.22
CA PRO E 96 -5.00 -3.09 22.24
C PRO E 96 -4.27 -2.85 20.90
N ASN E 97 -3.59 -3.88 20.37
CA ASN E 97 -2.74 -3.74 19.21
C ASN E 97 -3.04 -4.78 18.14
N ALA E 98 -4.12 -5.53 18.34
CA ALA E 98 -4.61 -6.51 17.38
C ALA E 98 -3.63 -7.65 17.11
N GLY E 99 -2.60 -7.79 17.94
CA GLY E 99 -1.65 -8.87 17.72
C GLY E 99 -0.63 -8.58 16.64
N LYS E 100 -0.64 -7.36 16.09
CA LYS E 100 0.26 -7.02 15.00
C LYS E 100 1.63 -6.49 15.44
N SER E 101 2.63 -6.70 14.60
CA SER E 101 3.91 -6.07 14.86
C SER E 101 4.54 -5.63 13.54
N THR E 102 5.29 -4.54 13.57
CA THR E 102 5.97 -4.05 12.38
C THR E 102 7.42 -4.50 12.37
N PHE E 103 7.90 -4.91 11.22
CA PHE E 103 9.27 -5.43 11.09
C PHE E 103 10.20 -4.44 10.41
N GLY E 104 11.46 -4.44 10.81
CA GLY E 104 12.45 -3.69 10.06
C GLY E 104 12.83 -4.53 8.86
N ASP E 105 13.49 -3.94 7.86
CA ASP E 105 13.85 -4.71 6.67
C ASP E 105 15.04 -5.64 6.91
N GLY E 106 15.58 -5.65 8.12
CA GLY E 106 16.71 -6.52 8.42
C GLY E 106 18.15 -6.02 8.19
N THR E 107 19.06 -6.61 8.94
CA THR E 107 20.49 -6.42 8.84
C THR E 107 21.18 -7.78 8.67
N THR E 108 22.00 -7.98 7.65
CA THR E 108 22.69 -9.26 7.55
C THR E 108 24.08 -9.21 8.17
N LEU E 109 24.36 -10.11 9.11
CA LEU E 109 25.64 -10.17 9.81
C LEU E 109 26.43 -11.41 9.45
N THR E 110 27.67 -11.24 9.03
CA THR E 110 28.58 -12.37 8.84
C THR E 110 29.72 -12.26 9.84
N VAL E 111 29.95 -13.30 10.60
CA VAL E 111 31.07 -13.34 11.52
C VAL E 111 32.13 -14.30 11.01
N LYS E 112 33.23 -13.72 10.52
CA LYS E 112 34.35 -14.49 9.99
C LYS E 112 35.06 -15.24 11.11
N PRO E 113 35.30 -16.53 10.91
CA PRO E 113 35.94 -17.42 11.91
C PRO E 113 37.42 -17.12 12.13
N ASN E 114 37.93 -17.41 13.32
CA ASN E 114 39.36 -17.23 13.57
C ASN E 114 40.15 -18.49 13.18
N ILE E 115 40.84 -18.47 12.05
CA ILE E 115 41.58 -19.66 11.65
C ILE E 115 42.93 -19.72 12.39
N GLN E 116 43.03 -20.65 13.32
CA GLN E 116 44.18 -20.72 14.21
C GLN E 116 45.47 -21.16 13.47
N ASN E 117 45.35 -22.11 12.54
CA ASN E 117 46.54 -22.63 11.85
C ASN E 117 46.44 -22.74 10.33
N PRO E 118 46.36 -21.60 9.62
CA PRO E 118 46.14 -21.57 8.15
C PRO E 118 47.18 -22.35 7.34
N ASP E 119 46.77 -22.88 6.19
CA ASP E 119 47.63 -23.63 5.27
C ASP E 119 47.10 -23.49 3.84
N PRO E 120 47.11 -22.25 3.30
CA PRO E 120 46.42 -21.95 2.02
C PRO E 120 46.96 -22.74 0.82
N ALA E 121 46.04 -23.28 0.03
CA ALA E 121 46.44 -24.10 -1.11
C ALA E 121 45.36 -24.16 -2.16
N VAL E 122 45.78 -24.42 -3.40
CA VAL E 122 44.83 -24.63 -4.48
C VAL E 122 45.01 -26.04 -5.07
N TYR E 123 43.95 -26.84 -4.97
CA TYR E 123 44.03 -28.21 -5.45
C TYR E 123 43.14 -28.42 -6.66
N GLN E 124 43.51 -29.36 -7.53
CA GLN E 124 42.65 -29.74 -8.66
C GLN E 124 42.00 -31.05 -8.30
N LEU E 125 40.74 -31.18 -8.69
CA LEU E 125 39.92 -32.37 -8.41
C LEU E 125 39.34 -32.89 -9.73
N ARG E 126 39.52 -34.18 -9.99
CA ARG E 126 39.03 -34.80 -11.22
C ARG E 126 37.65 -35.41 -10.98
N ASP E 127 36.84 -35.49 -12.03
CA ASP E 127 35.45 -35.93 -11.93
C ASP E 127 35.32 -37.24 -11.12
N ASP E 132 37.16 -36.15 -16.62
CA ASP E 132 37.09 -35.26 -17.77
C ASP E 132 36.98 -33.77 -17.37
N LYS E 133 35.82 -33.38 -16.88
CA LYS E 133 35.54 -32.02 -16.39
C LYS E 133 36.16 -31.87 -15.00
N SER E 134 36.70 -30.69 -14.69
CA SER E 134 37.43 -30.53 -13.43
C SER E 134 37.08 -29.29 -12.59
N VAL E 135 37.45 -29.37 -11.31
CA VAL E 135 37.15 -28.34 -10.29
C VAL E 135 38.39 -27.88 -9.49
N CYS E 136 38.56 -26.58 -9.27
CA CYS E 136 39.69 -26.12 -8.45
C CYS E 136 39.24 -25.69 -7.03
N LEU E 137 39.90 -26.21 -6.00
CA LEU E 137 39.50 -25.91 -4.64
C LEU E 137 40.53 -25.06 -3.91
N PHE E 138 40.12 -23.86 -3.51
CA PHE E 138 40.94 -22.95 -2.72
C PHE E 138 40.55 -23.10 -1.26
N THR E 139 41.49 -23.57 -0.45
CA THR E 139 41.13 -23.90 0.92
C THR E 139 42.25 -23.58 1.91
N ASP E 140 41.85 -23.44 3.17
CA ASP E 140 42.74 -23.34 4.34
C ASP E 140 43.44 -21.99 4.49
N PHE E 141 42.82 -20.93 4.00
CA PHE E 141 43.35 -19.59 4.24
C PHE E 141 42.69 -18.97 5.47
N ASP E 142 43.33 -17.96 6.06
CA ASP E 142 42.73 -17.29 7.21
C ASP E 142 41.70 -16.28 6.76
N SER E 143 41.04 -15.65 7.72
CA SER E 143 39.86 -14.86 7.41
C SER E 143 40.19 -13.50 6.81
N GLN E 144 41.45 -13.09 6.90
CA GLN E 144 41.81 -11.78 6.34
C GLN E 144 41.72 -11.86 4.82
N THR E 145 41.92 -13.05 4.27
CA THR E 145 41.80 -13.31 2.83
C THR E 145 40.38 -13.18 2.31
N ASN E 146 40.20 -12.43 1.24
CA ASN E 146 38.90 -12.27 0.60
C ASN E 146 38.94 -12.86 -0.80
N VAL E 147 37.90 -13.60 -1.18
CA VAL E 147 37.85 -14.25 -2.49
C VAL E 147 37.06 -13.40 -3.45
N SER E 148 37.67 -13.11 -4.59
CA SER E 148 37.07 -12.20 -5.54
C SER E 148 36.22 -12.98 -6.53
N GLN E 149 35.18 -12.34 -7.07
CA GLN E 149 34.37 -12.97 -8.10
C GLN E 149 35.28 -13.06 -9.31
N SER E 150 34.98 -13.94 -10.26
CA SER E 150 35.88 -14.10 -11.39
C SER E 150 35.71 -12.87 -12.23
N LYS E 151 36.72 -12.57 -13.03
CA LYS E 151 36.64 -11.48 -13.98
C LYS E 151 36.39 -12.13 -15.34
N ASP E 152 35.91 -13.37 -15.32
CA ASP E 152 35.68 -14.13 -16.54
C ASP E 152 34.33 -14.84 -16.45
N SER E 153 33.40 -14.44 -17.33
CA SER E 153 32.02 -14.93 -17.28
C SER E 153 31.91 -16.43 -17.53
N ASP E 154 32.97 -17.02 -18.06
CA ASP E 154 32.99 -18.45 -18.33
C ASP E 154 33.58 -19.25 -17.16
N VAL E 155 34.02 -18.55 -16.12
CA VAL E 155 34.53 -19.21 -14.92
C VAL E 155 33.65 -18.90 -13.72
N TYR E 156 33.33 -19.91 -12.93
CA TYR E 156 32.50 -19.68 -11.76
C TYR E 156 33.33 -19.80 -10.50
N ILE E 157 33.14 -18.86 -9.58
CA ILE E 157 33.82 -18.94 -8.29
C ILE E 157 32.81 -18.64 -7.21
N THR E 158 32.69 -19.52 -6.23
CA THR E 158 31.70 -19.34 -5.18
C THR E 158 32.28 -18.48 -4.09
N ASP E 159 31.44 -18.00 -3.20
CA ASP E 159 31.95 -17.21 -2.09
C ASP E 159 32.61 -18.17 -1.11
N LYS E 160 33.53 -17.62 -0.32
CA LYS E 160 34.16 -18.33 0.79
C LYS E 160 33.10 -18.99 1.70
N CYS E 161 33.41 -20.17 2.20
CA CYS E 161 32.48 -21.02 2.94
C CYS E 161 33.20 -21.74 4.10
N VAL E 162 32.69 -21.62 5.32
CA VAL E 162 33.35 -22.27 6.46
C VAL E 162 32.76 -23.65 6.76
N LEU E 163 33.60 -24.69 6.77
CA LEU E 163 33.18 -26.01 7.26
C LEU E 163 33.86 -26.33 8.60
N ASP E 164 33.10 -26.94 9.51
CA ASP E 164 33.59 -27.25 10.85
C ASP E 164 33.67 -28.76 11.03
N MET E 165 34.88 -29.32 11.01
CA MET E 165 35.03 -30.75 11.27
C MET E 165 34.90 -31.01 12.76
N ARG E 166 33.65 -31.01 13.23
CA ARG E 166 33.33 -31.14 14.66
C ARG E 166 34.07 -32.32 15.25
N SER E 167 34.37 -32.23 16.54
CA SER E 167 35.17 -33.22 17.29
C SER E 167 36.67 -33.05 17.05
N MET E 168 37.05 -32.03 16.28
CA MET E 168 38.46 -31.71 16.07
C MET E 168 38.74 -30.25 16.36
N ASP E 169 37.68 -29.56 16.80
CA ASP E 169 37.63 -28.12 17.00
C ASP E 169 38.42 -27.45 15.85
N PHE E 170 38.17 -27.93 14.64
CA PHE E 170 38.87 -27.48 13.45
C PHE E 170 37.93 -26.92 12.39
N LYS E 171 38.08 -25.64 12.07
CA LYS E 171 37.30 -25.01 11.04
C LYS E 171 38.21 -24.61 9.90
N SER E 172 37.66 -24.57 8.70
CA SER E 172 38.46 -24.26 7.53
C SER E 172 37.63 -23.54 6.50
N ASN E 173 38.26 -22.62 5.78
CA ASN E 173 37.65 -21.91 4.66
C ASN E 173 37.87 -22.60 3.34
N SER E 174 37.02 -22.25 2.38
CA SER E 174 37.11 -22.86 1.06
C SER E 174 36.34 -22.04 0.05
N ALA E 175 36.86 -22.02 -1.17
CA ALA E 175 36.16 -21.45 -2.31
C ALA E 175 36.40 -22.41 -3.45
N VAL E 176 35.45 -22.47 -4.38
CA VAL E 176 35.45 -23.44 -5.45
C VAL E 176 35.39 -22.70 -6.77
N ALA E 177 36.12 -23.19 -7.75
CA ALA E 177 36.11 -22.63 -9.09
C ALA E 177 35.94 -23.76 -10.09
N TRP E 178 35.16 -23.52 -11.13
CA TRP E 178 35.09 -24.48 -12.23
C TRP E 178 34.85 -23.70 -13.50
N SER E 179 34.89 -24.35 -14.66
CA SER E 179 34.72 -23.55 -15.87
C SER E 179 34.09 -24.23 -17.09
N ASN E 180 33.43 -23.39 -17.91
CA ASN E 180 32.82 -23.83 -19.16
C ASN E 180 33.91 -24.13 -20.20
N LYS E 181 35.07 -23.52 -20.00
CA LYS E 181 36.26 -23.66 -20.85
C LYS E 181 36.95 -25.03 -20.74
N SER E 182 37.62 -25.45 -21.80
CA SER E 182 38.38 -26.70 -21.76
C SER E 182 39.79 -26.40 -21.23
N ASP E 183 40.41 -25.36 -21.80
CA ASP E 183 41.72 -24.87 -21.37
C ASP E 183 41.66 -23.95 -20.13
N PHE E 184 41.51 -24.57 -18.98
CA PHE E 184 41.33 -23.84 -17.74
C PHE E 184 42.15 -24.44 -16.60
N ALA E 185 42.93 -23.62 -15.91
CA ALA E 185 43.84 -24.20 -14.93
C ALA E 185 43.81 -23.50 -13.57
N CYS E 186 44.17 -24.28 -12.55
CA CYS E 186 44.13 -23.88 -11.16
C CYS E 186 45.09 -22.77 -10.80
N ALA E 187 46.28 -22.83 -11.37
CA ALA E 187 47.30 -21.83 -11.11
C ALA E 187 46.76 -20.42 -11.33
N ASN E 188 45.83 -20.28 -12.27
CA ASN E 188 45.32 -18.96 -12.62
C ASN E 188 43.91 -18.78 -12.14
N ALA E 189 43.37 -19.81 -11.50
CA ALA E 189 41.96 -19.86 -11.17
C ALA E 189 41.51 -18.69 -10.30
N PHE E 190 42.36 -18.27 -9.36
CA PHE E 190 42.01 -17.23 -8.40
C PHE E 190 42.84 -15.94 -8.54
N ASN E 191 43.37 -15.72 -9.75
CA ASN E 191 44.15 -14.53 -10.07
C ASN E 191 43.51 -13.20 -9.72
N ASN E 192 42.19 -13.17 -9.62
CA ASN E 192 41.54 -11.91 -9.34
C ASN E 192 41.47 -11.68 -7.83
N SER E 193 41.99 -12.64 -7.08
CA SER E 193 42.04 -12.51 -5.62
C SER E 193 43.47 -12.22 -5.13
N ILE E 194 43.56 -11.67 -3.92
CA ILE E 194 44.85 -11.46 -3.28
C ILE E 194 45.06 -12.64 -2.31
N ILE E 195 45.77 -13.64 -2.79
CA ILE E 195 45.96 -14.87 -2.05
C ILE E 195 47.24 -14.78 -1.16
N PRO E 196 47.26 -15.51 -0.04
CA PRO E 196 48.43 -15.56 0.85
C PRO E 196 49.73 -15.86 0.13
N GLU E 197 50.81 -15.21 0.57
CA GLU E 197 52.13 -15.37 -0.05
C GLU E 197 52.56 -16.84 -0.14
N ASP E 198 52.28 -17.60 0.92
CA ASP E 198 52.70 -18.99 1.02
C ASP E 198 51.69 -19.97 0.43
N THR E 199 50.81 -19.51 -0.46
CA THR E 199 49.75 -20.40 -0.97
C THR E 199 50.34 -21.53 -1.79
N PHE E 200 50.02 -22.75 -1.38
CA PHE E 200 50.64 -23.95 -1.93
C PHE E 200 49.99 -24.39 -3.27
N PHE E 201 50.80 -24.54 -4.30
CA PHE E 201 50.35 -25.02 -5.61
C PHE E 201 51.10 -26.30 -6.02
N PRO E 202 50.49 -27.47 -5.81
CA PRO E 202 51.14 -28.74 -6.19
C PRO E 202 51.37 -28.88 -7.70
N SER E 203 52.01 -29.98 -8.12
CA SER E 203 52.26 -30.23 -9.55
C SER E 203 51.23 -31.20 -10.15
N ASN F 1 3.24 -29.25 20.12
CA ASN F 1 4.19 -30.34 19.96
C ASN F 1 4.98 -30.30 18.62
N ALA F 2 4.26 -30.13 17.51
CA ALA F 2 4.90 -30.22 16.21
C ALA F 2 5.40 -28.86 15.73
N GLY F 3 4.85 -27.79 16.31
CA GLY F 3 5.22 -26.44 15.94
C GLY F 3 4.34 -25.98 14.81
N VAL F 4 4.84 -25.04 14.02
CA VAL F 4 4.16 -24.48 12.87
C VAL F 4 4.62 -25.22 11.61
N THR F 5 3.71 -25.70 10.78
CA THR F 5 4.08 -26.45 9.58
C THR F 5 3.49 -25.80 8.36
N GLN F 6 4.27 -25.61 7.32
CA GLN F 6 3.69 -25.11 6.09
C GLN F 6 3.79 -26.16 5.00
N THR F 7 2.75 -26.24 4.18
CA THR F 7 2.73 -27.09 2.99
C THR F 7 2.13 -26.30 1.88
N PRO F 8 2.72 -26.37 0.68
CA PRO F 8 3.98 -27.05 0.40
C PRO F 8 5.14 -26.19 0.84
N LYS F 9 6.37 -26.64 0.60
CA LYS F 9 7.59 -25.89 0.94
C LYS F 9 8.19 -25.20 -0.28
N PHE F 10 7.88 -25.71 -1.48
CA PHE F 10 8.24 -25.08 -2.76
C PHE F 10 7.08 -25.16 -3.73
N ARG F 11 7.00 -24.23 -4.68
CA ARG F 11 6.01 -24.38 -5.76
C ARG F 11 6.37 -23.52 -6.96
N VAL F 12 6.18 -24.05 -8.17
CA VAL F 12 6.31 -23.29 -9.42
C VAL F 12 4.98 -23.14 -10.07
N LEU F 13 4.59 -21.90 -10.37
CA LEU F 13 3.33 -21.59 -11.02
C LEU F 13 3.60 -20.95 -12.34
N LYS F 14 2.67 -21.09 -13.26
CA LYS F 14 2.65 -20.31 -14.46
C LYS F 14 1.77 -19.09 -14.16
N THR F 15 2.08 -17.96 -14.78
CA THR F 15 1.19 -16.80 -14.67
C THR F 15 -0.21 -17.21 -14.96
N GLY F 16 -1.14 -16.85 -14.08
CA GLY F 16 -2.55 -17.11 -14.23
C GLY F 16 -3.10 -18.24 -13.38
N GLN F 17 -2.23 -19.17 -12.96
CA GLN F 17 -2.61 -20.35 -12.19
C GLN F 17 -2.85 -20.04 -10.69
N SER F 18 -3.49 -20.97 -9.99
CA SER F 18 -3.82 -20.74 -8.59
C SER F 18 -3.21 -21.76 -7.63
N MET F 19 -2.93 -21.32 -6.40
CA MET F 19 -2.47 -22.27 -5.42
C MET F 19 -2.99 -21.91 -4.06
N THR F 20 -2.91 -22.89 -3.16
CA THR F 20 -3.31 -22.72 -1.78
C THR F 20 -2.18 -23.22 -0.88
N LEU F 21 -1.78 -22.39 0.07
CA LEU F 21 -0.80 -22.80 1.06
C LEU F 21 -1.52 -23.15 2.35
N LEU F 22 -1.10 -24.23 2.98
CA LEU F 22 -1.74 -24.68 4.19
C LEU F 22 -0.80 -24.52 5.35
N CYS F 23 -1.24 -23.79 6.37
CA CYS F 23 -0.48 -23.72 7.58
C CYS F 23 -1.19 -24.46 8.72
N ALA F 24 -0.43 -25.18 9.54
CA ALA F 24 -0.99 -25.92 10.67
C ALA F 24 -0.13 -25.80 11.94
N GLN F 25 -0.77 -25.51 13.08
CA GLN F 25 -0.10 -25.47 14.38
C GLN F 25 -0.93 -26.20 15.40
N ASP F 26 -0.26 -26.94 16.27
CA ASP F 26 -0.95 -27.75 17.29
C ASP F 26 -0.53 -27.32 18.69
N MET F 27 -0.23 -26.03 18.80
CA MET F 27 0.22 -25.48 20.07
C MET F 27 -0.96 -24.78 20.68
N ASN F 28 -2.09 -24.92 20.00
CA ASN F 28 -3.32 -24.34 20.47
C ASN F 28 -3.28 -22.84 20.48
N HIS F 29 -2.62 -22.28 19.48
CA HIS F 29 -2.49 -20.83 19.40
C HIS F 29 -3.73 -20.22 18.78
N GLU F 30 -4.12 -19.05 19.29
CA GLU F 30 -5.23 -18.28 18.74
C GLU F 30 -4.84 -17.47 17.51
N TYR F 31 -3.76 -16.67 17.62
CA TYR F 31 -3.27 -15.84 16.51
C TYR F 31 -2.55 -16.65 15.46
N MET F 32 -2.92 -16.47 14.19
CA MET F 32 -2.14 -17.03 13.08
C MET F 32 -1.97 -15.95 12.01
N TYR F 33 -0.85 -15.96 11.32
CA TYR F 33 -0.50 -14.89 10.40
C TYR F 33 0.04 -15.45 9.08
N TRP F 34 -0.20 -14.77 7.95
CA TRP F 34 0.59 -15.06 6.73
C TRP F 34 1.44 -13.85 6.32
N TYR F 35 2.75 -14.04 6.29
CA TYR F 35 3.66 -12.99 5.82
C TYR F 35 4.28 -13.36 4.49
N ARG F 36 4.72 -12.35 3.75
CA ARG F 36 5.64 -12.62 2.65
C ARG F 36 6.92 -11.84 2.86
N GLN F 37 8.02 -12.41 2.39
CA GLN F 37 9.33 -11.82 2.49
C GLN F 37 10.08 -11.80 1.19
N ASP F 38 10.36 -10.61 0.67
CA ASP F 38 11.17 -10.48 -0.55
C ASP F 38 12.60 -10.19 -0.10
N PRO F 39 13.60 -10.67 -0.86
CA PRO F 39 14.96 -10.35 -0.40
C PRO F 39 15.38 -8.94 -0.77
N GLY F 40 16.19 -8.29 0.07
CA GLY F 40 16.51 -8.73 1.43
C GLY F 40 15.75 -7.72 2.29
N MET F 41 14.52 -8.09 2.63
CA MET F 41 13.62 -7.17 3.29
C MET F 41 13.02 -7.88 4.46
N GLY F 42 12.03 -7.25 5.07
CA GLY F 42 11.43 -7.91 6.19
C GLY F 42 10.15 -8.59 5.75
N LEU F 43 9.48 -9.12 6.75
CA LEU F 43 8.17 -9.69 6.60
C LEU F 43 7.14 -8.60 6.41
N ARG F 44 6.26 -8.74 5.43
CA ARG F 44 5.08 -7.90 5.38
C ARG F 44 3.82 -8.77 5.59
N LEU F 45 2.90 -8.27 6.40
CA LEU F 45 1.72 -9.07 6.75
C LEU F 45 0.71 -9.03 5.63
N ILE F 46 0.26 -10.20 5.20
CA ILE F 46 -0.77 -10.27 4.17
C ILE F 46 -2.14 -10.28 4.81
N HIS F 47 -2.40 -11.35 5.55
CA HIS F 47 -3.64 -11.52 6.27
C HIS F 47 -3.27 -12.13 7.63
N TYR F 48 -4.15 -12.02 8.62
CA TYR F 48 -3.94 -12.73 9.86
C TYR F 48 -5.29 -13.07 10.45
N SER F 49 -5.29 -13.73 11.61
CA SER F 49 -6.51 -14.20 12.22
C SER F 49 -6.42 -14.19 13.74
N VAL F 50 -7.42 -13.61 14.39
CA VAL F 50 -7.40 -13.52 15.86
C VAL F 50 -8.03 -14.74 16.54
N GLY F 51 -8.55 -15.66 15.78
CA GLY F 51 -9.18 -16.83 16.36
C GLY F 51 -9.98 -17.59 15.33
N GLU F 52 -10.53 -18.72 15.76
CA GLU F 52 -11.31 -19.60 14.92
C GLU F 52 -12.48 -18.81 14.34
N GLY F 53 -12.65 -18.86 13.03
CA GLY F 53 -13.79 -18.22 12.40
C GLY F 53 -13.67 -16.80 11.86
N THR F 54 -12.61 -16.07 12.19
CA THR F 54 -12.42 -14.71 11.68
C THR F 54 -11.07 -14.56 11.00
N THR F 55 -10.96 -13.60 10.08
CA THR F 55 -9.70 -13.23 9.43
C THR F 55 -9.57 -11.72 9.28
N ALA F 56 -8.37 -11.20 9.04
CA ALA F 56 -8.24 -9.76 8.87
C ALA F 56 -7.16 -9.36 7.86
N LYS F 57 -7.31 -8.21 7.20
CA LYS F 57 -6.29 -7.73 6.26
C LYS F 57 -5.02 -7.24 6.97
N GLY F 58 -3.86 -7.44 6.35
CA GLY F 58 -2.60 -6.92 6.89
C GLY F 58 -2.15 -5.73 6.06
N GLU F 59 -0.85 -5.57 5.84
CA GLU F 59 -0.38 -4.44 5.06
C GLU F 59 -0.57 -4.62 3.55
N VAL F 60 -0.39 -5.85 3.06
CA VAL F 60 -0.43 -6.08 1.62
C VAL F 60 -1.34 -7.24 1.23
N PRO F 61 -2.65 -7.06 1.45
CA PRO F 61 -3.53 -8.20 1.26
C PRO F 61 -3.97 -8.43 -0.20
N ASP F 62 -3.82 -7.43 -1.06
CA ASP F 62 -4.40 -7.52 -2.42
C ASP F 62 -3.87 -8.71 -3.24
N GLY F 63 -4.81 -9.48 -3.79
CA GLY F 63 -4.49 -10.63 -4.63
C GLY F 63 -4.42 -11.94 -3.88
N TYR F 64 -4.66 -11.87 -2.58
CA TYR F 64 -4.62 -13.05 -1.73
C TYR F 64 -5.91 -13.19 -0.96
N ASN F 65 -6.21 -14.41 -0.53
CA ASN F 65 -7.34 -14.64 0.37
C ASN F 65 -6.97 -15.65 1.46
N VAL F 66 -7.71 -15.68 2.57
CA VAL F 66 -7.46 -16.65 3.65
C VAL F 66 -8.69 -17.34 4.24
N SER F 67 -8.42 -18.44 4.93
CA SER F 67 -9.45 -19.18 5.64
C SER F 67 -8.90 -19.65 6.96
N ARG F 68 -9.62 -19.39 8.04
CA ARG F 68 -9.26 -19.97 9.32
C ARG F 68 -10.27 -21.08 9.56
N LEU F 69 -9.91 -22.28 9.16
CA LEU F 69 -10.85 -23.38 9.18
C LEU F 69 -11.03 -23.85 10.61
N LYS F 70 -9.95 -24.29 11.22
CA LYS F 70 -10.03 -24.57 12.62
C LYS F 70 -9.13 -23.65 13.43
N LYS F 71 -9.07 -23.88 14.73
CA LYS F 71 -7.97 -23.33 15.49
C LYS F 71 -6.64 -23.73 14.82
N GLN F 72 -6.55 -24.95 14.30
CA GLN F 72 -5.29 -25.51 13.84
C GLN F 72 -4.79 -25.00 12.47
N ASN F 73 -5.67 -24.61 11.57
CA ASN F 73 -5.25 -24.42 10.19
C ASN F 73 -5.54 -23.04 9.68
N PHE F 74 -4.63 -22.54 8.86
CA PHE F 74 -4.77 -21.22 8.29
C PHE F 74 -4.32 -21.29 6.83
N LEU F 75 -5.27 -21.05 5.94
CA LEU F 75 -5.10 -21.25 4.52
C LEU F 75 -4.84 -19.98 3.77
N LEU F 76 -3.76 -19.91 3.01
CA LEU F 76 -3.54 -18.79 2.09
C LEU F 76 -3.80 -19.20 0.65
N GLY F 77 -4.65 -18.45 -0.05
CA GLY F 77 -4.89 -18.73 -1.44
C GLY F 77 -4.56 -17.59 -2.37
N LEU F 78 -3.92 -17.93 -3.50
CA LEU F 78 -3.66 -17.07 -4.65
C LEU F 78 -4.53 -17.50 -5.81
N GLU F 79 -5.34 -16.62 -6.40
CA GLU F 79 -6.22 -17.09 -7.47
C GLU F 79 -5.65 -16.89 -8.87
N SER F 80 -4.83 -15.88 -9.08
CA SER F 80 -4.29 -15.69 -10.42
C SER F 80 -2.86 -15.19 -10.36
N ALA F 81 -1.93 -16.13 -10.42
CA ALA F 81 -0.56 -15.86 -10.10
C ALA F 81 0.06 -14.83 -11.02
N ALA F 82 0.82 -13.92 -10.42
CA ALA F 82 1.59 -12.93 -11.16
C ALA F 82 3.04 -13.04 -10.71
N PRO F 83 3.99 -12.72 -11.60
CA PRO F 83 5.43 -12.76 -11.31
C PRO F 83 5.80 -11.98 -10.05
N SER F 84 5.09 -10.89 -9.77
CA SER F 84 5.33 -10.10 -8.57
C SER F 84 5.06 -10.87 -7.26
N GLN F 85 4.44 -12.03 -7.35
CA GLN F 85 4.14 -12.84 -6.19
C GLN F 85 5.21 -13.84 -5.91
N THR F 86 6.21 -13.89 -6.78
CA THR F 86 7.42 -14.64 -6.49
C THR F 86 7.97 -14.08 -5.18
N SER F 87 8.13 -14.95 -4.20
CA SER F 87 8.48 -14.55 -2.85
C SER F 87 8.64 -15.75 -1.92
N VAL F 88 9.00 -15.51 -0.67
CA VAL F 88 8.90 -16.59 0.30
C VAL F 88 7.76 -16.22 1.22
N TYR F 89 6.88 -17.18 1.53
CA TYR F 89 5.72 -16.94 2.35
C TYR F 89 5.90 -17.62 3.71
N PHE F 90 5.75 -16.83 4.76
CA PHE F 90 5.88 -17.36 6.12
C PHE F 90 4.57 -17.32 6.85
N CYS F 91 4.33 -18.40 7.57
CA CYS F 91 3.15 -18.51 8.40
C CYS F 91 3.61 -18.42 9.85
N ALA F 92 2.83 -17.78 10.71
CA ALA F 92 3.24 -17.69 12.11
C ALA F 92 2.06 -17.81 13.04
N SER F 93 2.35 -18.17 14.28
CA SER F 93 1.31 -18.20 15.29
C SER F 93 1.83 -17.83 16.67
N ARG F 94 0.90 -17.40 17.50
CA ARG F 94 1.17 -17.19 18.93
C ARG F 94 -0.14 -17.23 19.74
N TYR F 95 -0.01 -17.46 21.04
CA TYR F 95 -1.13 -17.36 21.95
C TYR F 95 -1.67 -15.94 21.92
N PHE F 96 -2.95 -15.79 22.22
CA PHE F 96 -3.58 -14.48 22.26
C PHE F 96 -2.96 -13.58 23.34
N LEU F 97 -2.70 -14.16 24.50
CA LEU F 97 -2.11 -13.45 25.61
C LEU F 97 -1.08 -14.36 26.24
N PRO F 98 0.12 -14.39 25.66
CA PRO F 98 1.07 -15.39 26.10
C PRO F 98 1.61 -15.07 27.48
N THR F 99 2.11 -16.08 28.18
CA THR F 99 2.60 -15.86 29.52
C THR F 99 4.12 -15.80 29.57
N GLN F 100 4.77 -16.10 28.46
CA GLN F 100 6.23 -16.14 28.44
C GLN F 100 6.83 -15.09 27.48
N GLY F 101 6.21 -13.92 27.41
CA GLY F 101 6.68 -12.85 26.54
C GLY F 101 6.11 -12.88 25.12
N MET F 102 6.31 -11.78 24.40
CA MET F 102 5.83 -11.62 23.02
C MET F 102 6.77 -12.27 22.02
N GLY F 103 6.45 -12.06 20.75
CA GLY F 103 7.11 -12.79 19.69
C GLY F 103 6.27 -13.96 19.20
N ALA F 104 6.42 -14.31 17.93
CA ALA F 104 5.59 -15.34 17.30
C ALA F 104 6.39 -16.57 16.92
N PHE F 105 5.73 -17.70 16.77
CA PHE F 105 6.41 -18.90 16.24
C PHE F 105 6.26 -18.86 14.72
N PHE F 106 7.35 -19.08 13.98
CA PHE F 106 7.29 -19.01 12.52
C PHE F 106 7.46 -20.37 11.86
N GLY F 107 6.77 -20.59 10.74
CA GLY F 107 6.99 -21.76 9.91
C GLY F 107 8.29 -21.65 9.12
N GLN F 108 8.63 -22.65 8.30
CA GLN F 108 9.96 -22.66 7.68
C GLN F 108 10.04 -22.02 6.31
N GLY F 109 8.88 -21.61 5.81
CA GLY F 109 8.80 -20.86 4.58
C GLY F 109 8.32 -21.69 3.40
N THR F 110 7.57 -21.02 2.54
CA THR F 110 7.23 -21.59 1.27
C THR F 110 7.84 -20.75 0.18
N ARG F 111 8.76 -21.33 -0.61
CA ARG F 111 9.33 -20.63 -1.75
C ARG F 111 8.42 -20.81 -2.96
N LEU F 112 7.93 -19.70 -3.47
CA LEU F 112 7.03 -19.75 -4.60
C LEU F 112 7.60 -18.94 -5.75
N THR F 113 7.75 -19.56 -6.92
CA THR F 113 8.20 -18.85 -8.10
C THR F 113 7.15 -18.90 -9.21
N VAL F 114 6.70 -17.73 -9.65
CA VAL F 114 5.79 -17.62 -10.78
C VAL F 114 6.58 -17.30 -12.07
N VAL F 115 6.32 -18.06 -13.13
CA VAL F 115 7.03 -17.91 -14.39
C VAL F 115 6.06 -17.74 -15.57
N GLU F 116 6.49 -17.08 -16.62
CA GLU F 116 5.64 -16.87 -17.79
C GLU F 116 5.48 -18.16 -18.59
N ASP F 117 6.53 -18.99 -18.54
CA ASP F 117 6.65 -20.18 -19.38
C ASP F 117 7.33 -21.29 -18.61
N LEU F 118 6.65 -22.42 -18.47
CA LEU F 118 7.21 -23.56 -17.74
C LEU F 118 8.44 -24.16 -18.43
N ASN F 119 8.67 -23.82 -19.69
CA ASN F 119 9.89 -24.23 -20.40
C ASN F 119 11.17 -23.70 -19.78
N LYS F 120 11.05 -22.74 -18.88
CA LYS F 120 12.20 -22.19 -18.21
C LYS F 120 12.63 -23.07 -17.05
N VAL F 121 11.84 -24.08 -16.73
CA VAL F 121 12.14 -24.96 -15.61
C VAL F 121 13.12 -26.08 -16.03
N PHE F 122 14.18 -26.28 -15.24
CA PHE F 122 15.17 -27.33 -15.53
C PHE F 122 15.64 -28.04 -14.26
N PRO F 123 15.80 -29.37 -14.31
CA PRO F 123 16.34 -30.07 -13.15
C PRO F 123 17.84 -29.87 -13.08
N PRO F 124 18.46 -30.13 -11.92
CA PRO F 124 19.91 -30.03 -11.84
C PRO F 124 20.61 -31.23 -12.46
N GLU F 125 21.84 -31.03 -12.91
CA GLU F 125 22.74 -32.13 -13.18
C GLU F 125 23.66 -32.15 -11.97
N VAL F 126 24.10 -33.32 -11.54
CA VAL F 126 24.90 -33.40 -10.32
C VAL F 126 26.20 -34.17 -10.51
N ALA F 127 27.30 -33.61 -10.00
CA ALA F 127 28.61 -34.25 -10.14
C ALA F 127 29.40 -34.24 -8.82
N VAL F 128 30.01 -35.38 -8.49
CA VAL F 128 30.94 -35.47 -7.36
C VAL F 128 32.39 -35.48 -7.84
N PHE F 129 33.25 -34.75 -7.15
CA PHE F 129 34.64 -34.61 -7.57
C PHE F 129 35.58 -35.22 -6.55
N GLU F 130 36.42 -36.14 -7.01
CA GLU F 130 37.28 -36.89 -6.10
C GLU F 130 38.38 -36.01 -5.51
N PRO F 131 38.67 -36.20 -4.22
CA PRO F 131 39.64 -35.43 -3.44
C PRO F 131 41.02 -35.42 -4.07
N SER F 132 41.71 -34.27 -4.00
CA SER F 132 43.08 -34.15 -4.50
C SER F 132 44.02 -35.10 -3.79
N GLU F 133 44.84 -35.83 -4.54
CA GLU F 133 45.86 -36.68 -3.92
C GLU F 133 46.89 -35.80 -3.21
N ALA F 134 47.08 -34.59 -3.74
CA ALA F 134 48.00 -33.63 -3.16
C ALA F 134 47.50 -33.12 -1.81
N GLU F 135 46.21 -32.79 -1.72
CA GLU F 135 45.62 -32.35 -0.46
C GLU F 135 45.85 -33.41 0.60
N ILE F 136 45.60 -34.66 0.23
CA ILE F 136 45.67 -35.77 1.16
C ILE F 136 47.08 -35.92 1.74
N SER F 137 48.11 -35.83 0.92
CA SER F 137 49.44 -36.03 1.46
C SER F 137 49.98 -34.78 2.17
N HIS F 138 49.34 -33.63 1.94
CA HIS F 138 49.81 -32.37 2.51
C HIS F 138 49.09 -31.96 3.79
N THR F 139 47.77 -32.11 3.82
CA THR F 139 46.99 -31.66 4.97
C THR F 139 46.50 -32.86 5.77
N GLN F 140 46.72 -34.04 5.21
CA GLN F 140 46.20 -35.29 5.75
C GLN F 140 44.68 -35.25 6.02
N LYS F 141 43.99 -34.49 5.17
CA LYS F 141 42.54 -34.46 5.10
C LYS F 141 42.15 -34.53 3.62
N ALA F 142 40.87 -34.80 3.35
CA ALA F 142 40.36 -34.97 1.98
C ALA F 142 39.04 -34.24 1.77
N THR F 143 38.98 -33.36 0.79
CA THR F 143 37.73 -32.65 0.54
C THR F 143 37.07 -33.14 -0.73
N LEU F 144 35.83 -33.58 -0.61
CA LEU F 144 34.99 -33.89 -1.77
C LEU F 144 34.16 -32.69 -2.13
N VAL F 145 34.03 -32.41 -3.42
CA VAL F 145 33.18 -31.32 -3.86
C VAL F 145 32.00 -31.85 -4.67
N CYS F 146 30.85 -31.25 -4.49
CA CYS F 146 29.69 -31.58 -5.28
C CYS F 146 29.15 -30.34 -6.00
N LEU F 147 29.01 -30.45 -7.32
CA LEU F 147 28.39 -29.40 -8.12
C LEU F 147 27.00 -29.79 -8.60
N ALA F 148 26.04 -28.94 -8.32
CA ALA F 148 24.74 -29.07 -8.96
C ALA F 148 24.54 -27.90 -9.92
N THR F 149 24.40 -28.22 -11.19
CA THR F 149 24.37 -27.21 -12.23
C THR F 149 23.12 -27.26 -13.12
N GLY F 150 22.76 -26.11 -13.66
CA GLY F 150 21.75 -26.01 -14.70
C GLY F 150 20.30 -26.06 -14.27
N PHE F 151 20.03 -25.85 -12.98
CA PHE F 151 18.66 -25.94 -12.53
C PHE F 151 17.97 -24.60 -12.46
N TYR F 152 16.66 -24.61 -12.69
CA TYR F 152 15.78 -23.45 -12.52
C TYR F 152 14.36 -23.93 -12.23
N PRO F 153 13.68 -23.36 -11.22
CA PRO F 153 14.15 -22.22 -10.42
C PRO F 153 15.04 -22.68 -9.27
N ASP F 154 15.33 -21.77 -8.36
CA ASP F 154 16.26 -21.99 -7.27
C ASP F 154 15.65 -22.82 -6.13
N HIS F 155 15.05 -23.95 -6.48
CA HIS F 155 14.36 -24.74 -5.49
C HIS F 155 15.06 -26.07 -5.26
N VAL F 156 16.22 -26.09 -4.63
CA VAL F 156 16.89 -27.36 -4.43
C VAL F 156 17.25 -27.54 -2.96
N GLU F 157 17.31 -28.78 -2.52
CA GLU F 157 17.89 -29.06 -1.23
C GLU F 157 18.99 -30.10 -1.42
N LEU F 158 20.21 -29.69 -1.09
CA LEU F 158 21.38 -30.53 -1.23
C LEU F 158 21.77 -31.15 0.14
N SER F 159 22.19 -32.41 0.12
CA SER F 159 22.57 -33.11 1.35
C SER F 159 23.65 -34.13 1.06
N TRP F 160 24.50 -34.39 2.04
CA TRP F 160 25.54 -35.40 1.87
C TRP F 160 25.22 -36.71 2.56
N TRP F 161 25.56 -37.82 1.89
CA TRP F 161 25.21 -39.12 2.43
C TRP F 161 26.43 -40.02 2.41
N VAL F 162 26.87 -40.40 3.60
CA VAL F 162 28.01 -41.29 3.76
C VAL F 162 27.51 -42.60 4.34
N ASN F 163 27.77 -43.70 3.62
CA ASN F 163 27.37 -45.03 4.05
C ASN F 163 25.86 -45.11 4.36
N GLY F 164 25.06 -44.37 3.62
CA GLY F 164 23.62 -44.39 3.79
C GLY F 164 23.07 -43.44 4.85
N LYS F 165 23.94 -42.79 5.61
CA LYS F 165 23.51 -41.81 6.61
C LYS F 165 23.87 -40.38 6.21
N GLU F 166 22.97 -39.45 6.50
CA GLU F 166 23.24 -38.05 6.28
C GLU F 166 24.30 -37.62 7.27
N VAL F 167 25.09 -36.62 6.90
CA VAL F 167 26.10 -36.05 7.79
C VAL F 167 25.98 -34.55 7.77
N HIS F 168 26.42 -33.92 8.85
CA HIS F 168 26.41 -32.46 8.94
C HIS F 168 27.80 -31.96 9.31
N SER F 169 28.53 -32.75 10.09
CA SER F 169 29.90 -32.39 10.44
C SER F 169 30.76 -32.52 9.19
N GLY F 170 31.58 -31.51 8.94
CA GLY F 170 32.53 -31.50 7.84
C GLY F 170 31.92 -31.06 6.51
N VAL F 171 30.70 -30.53 6.56
CA VAL F 171 30.01 -30.12 5.36
C VAL F 171 29.77 -28.64 5.32
N CYS F 172 29.90 -28.06 4.12
CA CYS F 172 29.55 -26.66 3.91
C CYS F 172 28.96 -26.46 2.51
N THR F 173 27.73 -25.97 2.46
CA THR F 173 27.06 -25.71 1.19
C THR F 173 26.85 -24.21 1.04
N ASP F 174 27.06 -23.69 -0.16
CA ASP F 174 26.83 -22.28 -0.43
C ASP F 174 25.46 -21.82 0.08
N PRO F 175 25.43 -20.65 0.70
CA PRO F 175 24.13 -20.15 1.17
C PRO F 175 23.19 -19.82 0.01
N GLN F 176 23.71 -19.23 -1.06
CA GLN F 176 22.97 -18.84 -2.26
C GLN F 176 23.61 -19.47 -3.49
N PRO F 177 22.79 -19.95 -4.43
CA PRO F 177 23.27 -20.52 -5.69
C PRO F 177 23.83 -19.42 -6.55
N LEU F 178 24.56 -19.71 -7.61
CA LEU F 178 24.95 -18.60 -8.46
C LEU F 178 24.34 -18.73 -9.85
N LYS F 179 24.05 -17.59 -10.46
CA LYS F 179 23.51 -17.54 -11.82
C LYS F 179 24.55 -18.00 -12.83
N GLU F 180 24.23 -19.03 -13.61
CA GLU F 180 25.16 -19.49 -14.61
C GLU F 180 25.36 -18.42 -15.70
N GLN F 181 24.39 -17.52 -15.82
CA GLN F 181 24.42 -16.46 -16.83
C GLN F 181 23.85 -15.18 -16.24
N PRO F 182 24.66 -14.45 -15.49
CA PRO F 182 24.21 -13.37 -14.60
C PRO F 182 23.41 -12.27 -15.29
N ALA F 183 23.58 -12.15 -16.61
CA ALA F 183 22.96 -11.06 -17.34
C ALA F 183 21.47 -11.33 -17.50
N LEU F 184 21.07 -12.60 -17.40
CA LEU F 184 19.67 -13.00 -17.59
C LEU F 184 18.85 -13.06 -16.29
N ASN F 185 17.57 -12.73 -16.43
CA ASN F 185 16.62 -12.79 -15.32
C ASN F 185 16.07 -14.19 -15.06
N ASP F 186 15.94 -14.99 -16.12
CA ASP F 186 15.45 -16.38 -16.03
C ASP F 186 16.61 -17.39 -16.12
N SER F 187 17.77 -16.94 -15.67
CA SER F 187 18.99 -17.71 -15.73
C SER F 187 18.97 -18.94 -14.83
N ARG F 188 19.57 -20.02 -15.29
CA ARG F 188 19.71 -21.22 -14.49
C ARG F 188 20.81 -21.07 -13.46
N TYR F 189 20.70 -21.81 -12.36
CA TYR F 189 21.63 -21.63 -11.26
C TYR F 189 22.58 -22.80 -11.13
N ALA F 190 23.69 -22.53 -10.45
CA ALA F 190 24.61 -23.58 -10.05
C ALA F 190 24.82 -23.47 -8.55
N LEU F 191 25.17 -24.59 -7.93
CA LEU F 191 25.35 -24.61 -6.51
C LEU F 191 26.46 -25.58 -6.15
N SER F 192 27.30 -25.22 -5.19
CA SER F 192 28.41 -26.09 -4.81
C SER F 192 28.38 -26.46 -3.33
N SER F 193 29.02 -27.56 -2.96
CA SER F 193 29.08 -28.01 -1.56
C SER F 193 30.34 -28.81 -1.30
N ARG F 194 30.88 -28.73 -0.09
CA ARG F 194 32.08 -29.49 0.25
C ARG F 194 31.77 -30.44 1.37
N LEU F 195 32.46 -31.56 1.35
CA LEU F 195 32.43 -32.49 2.44
C LEU F 195 33.86 -32.87 2.74
N ARG F 196 34.33 -32.54 3.94
CA ARG F 196 35.71 -32.86 4.29
C ARG F 196 35.79 -33.96 5.34
N VAL F 197 36.54 -34.99 5.02
CA VAL F 197 36.78 -36.08 5.94
C VAL F 197 38.29 -36.32 5.97
N SER F 198 38.77 -37.11 6.93
CA SER F 198 40.20 -37.37 7.07
C SER F 198 40.74 -38.21 5.93
N ALA F 199 42.03 -38.06 5.64
CA ALA F 199 42.66 -38.71 4.49
C ALA F 199 42.56 -40.23 4.53
N THR F 200 42.58 -40.80 5.73
CA THR F 200 42.37 -42.23 5.92
C THR F 200 40.98 -42.63 5.46
N PHE F 201 40.03 -41.79 5.83
CA PHE F 201 38.62 -42.10 5.72
C PHE F 201 38.25 -42.21 4.25
N TRP F 202 38.85 -41.41 3.38
CA TRP F 202 38.50 -41.51 1.96
C TRP F 202 39.23 -42.68 1.30
N GLN F 203 40.45 -42.95 1.72
CA GLN F 203 41.29 -43.96 1.06
C GLN F 203 40.73 -45.34 1.30
N ASN F 204 39.76 -45.41 2.20
CA ASN F 204 38.99 -46.61 2.44
C ASN F 204 37.98 -46.83 1.30
N PRO F 205 38.00 -48.02 0.69
CA PRO F 205 37.03 -48.32 -0.37
C PRO F 205 35.71 -48.88 0.17
N ARG F 206 35.57 -49.00 1.49
CA ARG F 206 34.30 -49.45 2.08
C ARG F 206 33.26 -48.35 2.11
N ASN F 207 33.75 -47.14 2.32
CA ASN F 207 32.88 -45.99 2.51
C ASN F 207 32.39 -45.42 1.19
N HIS F 208 31.09 -45.17 1.14
CA HIS F 208 30.42 -44.75 -0.08
C HIS F 208 29.93 -43.31 0.07
N PHE F 209 30.36 -42.44 -0.85
CA PHE F 209 30.04 -41.02 -0.75
C PHE F 209 29.02 -40.61 -1.80
N ARG F 210 27.93 -39.99 -1.33
CA ARG F 210 26.84 -39.58 -2.22
C ARG F 210 26.38 -38.14 -2.01
N CYS F 211 26.32 -37.40 -3.11
CA CYS F 211 25.76 -36.06 -3.08
C CYS F 211 24.33 -36.12 -3.62
N GLN F 212 23.35 -35.76 -2.79
CA GLN F 212 21.95 -35.81 -3.20
C GLN F 212 21.38 -34.44 -3.38
N VAL F 213 20.74 -34.19 -4.52
CA VAL F 213 20.07 -32.90 -4.64
C VAL F 213 18.60 -33.14 -4.86
N GLN F 214 17.80 -32.68 -3.93
CA GLN F 214 16.36 -32.70 -4.07
C GLN F 214 15.94 -31.49 -4.87
N PHE F 215 15.31 -31.72 -6.01
CA PHE F 215 14.83 -30.61 -6.82
C PHE F 215 13.30 -30.55 -6.79
N TYR F 216 12.74 -29.34 -6.68
CA TYR F 216 11.30 -29.17 -6.68
C TYR F 216 10.86 -28.40 -7.89
N GLY F 217 10.14 -29.04 -8.80
CA GLY F 217 9.67 -28.35 -9.98
C GLY F 217 8.20 -28.51 -10.28
N LEU F 218 7.91 -29.17 -11.40
CA LEU F 218 6.55 -29.24 -11.92
C LEU F 218 5.81 -30.37 -11.26
N SER F 219 4.57 -30.11 -10.89
CA SER F 219 3.74 -31.16 -10.31
C SER F 219 3.40 -32.17 -11.37
N GLU F 220 2.97 -33.35 -10.94
CA GLU F 220 2.61 -34.39 -11.91
C GLU F 220 1.38 -33.97 -12.72
N ASN F 221 0.62 -33.01 -12.20
CA ASN F 221 -0.58 -32.50 -12.88
C ASN F 221 -0.33 -31.41 -13.93
N ASP F 222 0.90 -30.85 -13.97
CA ASP F 222 1.22 -29.73 -14.85
C ASP F 222 1.38 -30.18 -16.32
N GLU F 223 0.92 -29.35 -17.25
CA GLU F 223 1.04 -29.65 -18.68
C GLU F 223 2.46 -29.51 -19.20
N TRP F 224 2.89 -30.51 -19.98
CA TRP F 224 4.25 -30.55 -20.53
C TRP F 224 4.28 -31.05 -21.97
N THR F 225 4.78 -30.20 -22.87
CA THR F 225 4.76 -30.48 -24.30
C THR F 225 6.14 -30.44 -24.99
N GLN F 226 7.15 -31.06 -24.40
CA GLN F 226 8.52 -30.88 -24.90
C GLN F 226 9.28 -32.16 -25.17
N ASP F 227 10.30 -32.04 -26.01
CA ASP F 227 11.13 -33.18 -26.36
C ASP F 227 11.81 -33.71 -25.10
N ARG F 228 12.42 -32.79 -24.34
CA ARG F 228 13.12 -33.16 -23.11
C ARG F 228 12.13 -33.62 -22.03
N ALA F 229 12.63 -34.44 -21.10
CA ALA F 229 11.78 -35.00 -20.06
C ALA F 229 11.19 -33.92 -19.15
N LYS F 230 9.95 -34.16 -18.73
CA LYS F 230 9.26 -33.26 -17.83
C LYS F 230 10.11 -32.95 -16.59
N PRO F 231 10.36 -31.66 -16.33
CA PRO F 231 11.21 -31.27 -15.19
C PRO F 231 10.42 -31.35 -13.88
N VAL F 232 10.04 -32.56 -13.55
CA VAL F 232 9.24 -32.80 -12.37
C VAL F 232 10.14 -32.72 -11.16
N THR F 233 9.51 -32.58 -10.00
CA THR F 233 10.15 -32.77 -8.71
C THR F 233 10.84 -34.12 -8.59
N GLN F 234 12.12 -34.12 -8.27
CA GLN F 234 12.91 -35.32 -8.36
C GLN F 234 14.22 -35.18 -7.58
N ILE F 235 14.83 -36.32 -7.29
CA ILE F 235 16.17 -36.34 -6.71
C ILE F 235 17.18 -36.71 -7.78
N VAL F 236 18.26 -35.93 -7.85
CA VAL F 236 19.39 -36.24 -8.70
C VAL F 236 20.61 -36.42 -7.81
N SER F 237 21.36 -37.50 -8.06
CA SER F 237 22.55 -37.79 -7.29
C SER F 237 23.78 -38.04 -8.14
N ALA F 238 24.93 -38.01 -7.47
CA ALA F 238 26.20 -38.45 -8.02
C ALA F 238 26.99 -39.12 -6.91
N GLU F 239 27.76 -40.14 -7.26
CA GLU F 239 28.51 -40.86 -6.25
C GLU F 239 29.96 -41.04 -6.65
N ALA F 240 30.74 -41.52 -5.69
CA ALA F 240 32.13 -41.94 -5.93
C ALA F 240 32.54 -42.83 -4.76
N TRP F 241 33.46 -43.75 -5.03
CA TRP F 241 34.03 -44.59 -3.99
C TRP F 241 35.47 -44.20 -3.67
N GLY F 242 35.93 -44.56 -2.47
CA GLY F 242 37.31 -44.38 -2.04
C GLY F 242 38.40 -45.15 -2.79
N ARG F 243 39.66 -44.72 -2.60
CA ARG F 243 40.82 -45.28 -3.31
C ARG F 243 42.06 -45.48 -2.41
N LYS G 2 -0.13 -8.48 -15.35
CA LYS G 2 -1.57 -8.67 -15.21
C LYS G 2 -2.36 -7.40 -15.57
N GLU G 3 -1.77 -6.22 -15.35
CA GLU G 3 -2.48 -4.98 -15.70
C GLU G 3 -2.71 -4.80 -17.21
N VAL G 4 -1.69 -5.08 -18.02
CA VAL G 4 -1.82 -5.11 -19.47
C VAL G 4 -1.26 -6.41 -20.01
N GLU G 5 -2.12 -7.25 -20.60
CA GLU G 5 -1.69 -8.53 -21.21
C GLU G 5 -1.75 -8.45 -22.72
N GLN G 6 -0.64 -8.77 -23.36
CA GLN G 6 -0.57 -8.77 -24.82
C GLN G 6 -0.08 -10.15 -25.22
N ASP G 7 -0.70 -10.76 -26.24
CA ASP G 7 -0.27 -12.07 -26.73
C ASP G 7 1.17 -11.98 -27.20
N PRO G 8 2.04 -12.88 -26.70
CA PRO G 8 3.48 -12.71 -27.02
C PRO G 8 3.81 -13.06 -28.46
N GLY G 9 3.00 -13.93 -29.04
CA GLY G 9 3.32 -14.52 -30.31
C GLY G 9 4.52 -15.43 -30.15
N PRO G 10 5.43 -15.41 -31.13
CA PRO G 10 5.38 -14.59 -32.35
C PRO G 10 4.28 -14.97 -33.32
N LEU G 11 3.99 -14.04 -34.24
CA LEU G 11 3.04 -14.26 -35.31
C LEU G 11 3.77 -14.27 -36.61
N SER G 12 3.55 -15.33 -37.35
CA SER G 12 4.00 -15.43 -38.71
C SER G 12 2.75 -15.67 -39.56
N VAL G 13 2.38 -14.67 -40.35
CA VAL G 13 1.21 -14.78 -41.19
C VAL G 13 1.65 -14.59 -42.63
N PRO G 14 0.87 -15.09 -43.59
CA PRO G 14 1.17 -14.83 -44.99
C PRO G 14 0.71 -13.45 -45.45
N GLU G 15 1.49 -12.85 -46.34
CA GLU G 15 1.18 -11.57 -46.99
C GLU G 15 -0.26 -11.54 -47.48
N GLY G 16 -0.96 -10.45 -47.20
CA GLY G 16 -2.29 -10.26 -47.70
C GLY G 16 -3.38 -10.57 -46.69
N ALA G 17 -2.99 -11.26 -45.63
CA ALA G 17 -3.90 -11.63 -44.58
C ALA G 17 -4.18 -10.44 -43.68
N ILE G 18 -5.40 -10.34 -43.17
CA ILE G 18 -5.75 -9.40 -42.11
C ILE G 18 -5.13 -9.94 -40.84
N VAL G 19 -4.48 -9.07 -40.09
CA VAL G 19 -3.82 -9.48 -38.86
C VAL G 19 -4.45 -8.75 -37.70
N SER G 20 -4.68 -9.46 -36.62
CA SER G 20 -5.23 -8.82 -35.44
C SER G 20 -4.29 -8.90 -34.26
N LEU G 21 -3.83 -7.75 -33.81
CA LEU G 21 -3.04 -7.63 -32.58
C LEU G 21 -3.91 -7.11 -31.43
N ASN G 22 -3.86 -7.78 -30.29
CA ASN G 22 -4.75 -7.45 -29.17
C ASN G 22 -4.11 -7.39 -27.82
N CYS G 23 -4.70 -6.57 -26.95
CA CYS G 23 -4.34 -6.54 -25.53
C CYS G 23 -5.62 -6.61 -24.72
N THR G 24 -5.56 -7.22 -23.55
CA THR G 24 -6.65 -7.08 -22.59
C THR G 24 -6.07 -6.40 -21.38
N TYR G 25 -6.88 -5.65 -20.66
CA TYR G 25 -6.42 -5.05 -19.43
C TYR G 25 -7.41 -5.30 -18.29
N SER G 26 -7.00 -5.04 -17.06
CA SER G 26 -7.86 -5.34 -15.92
C SER G 26 -8.22 -4.08 -15.12
N ASN G 27 -7.55 -2.98 -15.46
CA ASN G 27 -7.74 -1.71 -14.80
C ASN G 27 -8.80 -0.88 -15.51
N SER G 28 -9.97 -0.70 -14.92
CA SER G 28 -11.06 -0.01 -15.60
C SER G 28 -10.86 1.49 -15.68
N ALA G 29 -9.80 1.96 -15.04
CA ALA G 29 -9.49 3.38 -15.08
C ALA G 29 -8.74 3.79 -16.36
N PHE G 30 -8.37 2.81 -17.19
CA PHE G 30 -7.72 3.09 -18.47
C PHE G 30 -8.66 3.84 -19.40
N GLN G 31 -8.12 4.83 -20.10
CA GLN G 31 -8.92 5.75 -20.87
C GLN G 31 -8.22 6.22 -22.13
N TYR G 32 -6.91 6.07 -22.15
CA TYR G 32 -6.10 6.50 -23.28
C TYR G 32 -5.36 5.30 -23.79
N PHE G 33 -5.56 5.01 -25.08
CA PHE G 33 -5.05 3.78 -25.66
C PHE G 33 -4.19 4.02 -26.87
N MET G 34 -2.96 3.52 -26.81
CA MET G 34 -1.94 3.79 -27.82
C MET G 34 -1.39 2.52 -28.46
N TRP G 35 -1.13 2.56 -29.75
CA TRP G 35 -0.37 1.50 -30.38
C TRP G 35 0.95 2.02 -30.94
N TYR G 36 2.05 1.36 -30.56
CA TYR G 36 3.36 1.64 -31.12
C TYR G 36 3.85 0.54 -32.04
N ARG G 37 4.61 0.92 -33.06
CA ARG G 37 5.26 -0.06 -33.92
C ARG G 37 6.76 0.08 -33.74
N GLN G 38 7.46 -1.02 -33.49
CA GLN G 38 8.90 -0.98 -33.37
C GLN G 38 9.61 -1.92 -34.34
N TYR G 39 10.20 -1.35 -35.39
CA TYR G 39 11.06 -2.11 -36.32
C TYR G 39 12.32 -2.53 -35.61
N SER G 40 12.94 -3.61 -36.09
CA SER G 40 14.10 -4.17 -35.40
C SER G 40 15.20 -3.13 -35.16
N ARG G 41 15.63 -3.03 -33.89
CA ARG G 41 16.70 -2.11 -33.46
C ARG G 41 16.44 -0.64 -33.83
N LYS G 42 15.19 -0.24 -33.67
CA LYS G 42 14.79 1.13 -33.83
C LYS G 42 13.97 1.48 -32.61
N GLY G 43 13.53 2.72 -32.51
CA GLY G 43 12.70 3.08 -31.40
C GLY G 43 11.23 2.93 -31.70
N PRO G 44 10.41 2.78 -30.66
CA PRO G 44 8.97 2.74 -30.86
C PRO G 44 8.47 4.03 -31.49
N GLU G 45 7.69 3.88 -32.54
CA GLU G 45 7.01 4.99 -33.16
C GLU G 45 5.51 4.83 -32.92
N LEU G 46 4.85 5.92 -32.53
CA LEU G 46 3.42 5.89 -32.27
C LEU G 46 2.64 5.69 -33.55
N LEU G 47 1.72 4.75 -33.51
CA LEU G 47 1.03 4.28 -34.69
C LEU G 47 -0.45 4.66 -34.69
N MET G 48 -1.14 4.45 -33.56
CA MET G 48 -2.55 4.81 -33.43
C MET G 48 -2.87 5.21 -31.99
N TYR G 49 -3.72 6.20 -31.80
CA TYR G 49 -4.16 6.59 -30.47
C TYR G 49 -5.67 6.77 -30.50
N THR G 50 -6.38 6.31 -29.48
CA THR G 50 -7.80 6.64 -29.39
C THR G 50 -8.14 6.97 -27.94
N TYR G 51 -9.10 7.88 -27.77
CA TYR G 51 -9.52 8.26 -26.45
C TYR G 51 -10.76 7.47 -26.11
N SER G 52 -10.68 6.64 -25.09
CA SER G 52 -11.84 5.87 -24.65
C SER G 52 -12.39 4.94 -25.73
N SER G 53 -13.64 4.53 -25.58
CA SER G 53 -14.27 3.61 -26.52
C SER G 53 -14.38 4.12 -27.94
N GLY G 54 -14.19 3.24 -28.91
CA GLY G 54 -14.45 3.59 -30.30
C GLY G 54 -13.51 2.95 -31.29
N ASN G 55 -13.75 3.24 -32.58
CA ASN G 55 -12.87 2.79 -33.64
C ASN G 55 -12.31 3.99 -34.38
N LYS G 56 -11.01 3.97 -34.67
CA LYS G 56 -10.41 4.99 -35.52
C LYS G 56 -9.70 4.25 -36.63
N GLU G 57 -9.92 4.70 -37.86
CA GLU G 57 -9.39 4.03 -39.03
C GLU G 57 -8.34 4.92 -39.70
N ASP G 58 -7.20 4.34 -40.05
CA ASP G 58 -6.16 5.08 -40.75
C ASP G 58 -5.53 4.20 -41.82
N GLY G 59 -6.04 4.26 -43.05
CA GLY G 59 -5.52 3.43 -44.11
C GLY G 59 -5.77 1.95 -43.84
N ARG G 60 -4.73 1.13 -43.97
CA ARG G 60 -4.83 -0.31 -43.72
C ARG G 60 -4.96 -0.63 -42.21
N PHE G 61 -4.88 0.38 -41.36
CA PHE G 61 -4.99 0.16 -39.94
C PHE G 61 -6.33 0.57 -39.34
N THR G 62 -6.83 -0.25 -38.42
CA THR G 62 -8.01 0.12 -37.66
C THR G 62 -7.71 -0.14 -36.18
N ALA G 63 -7.88 0.89 -35.35
CA ALA G 63 -7.69 0.70 -33.92
C ALA G 63 -9.04 0.67 -33.28
N GLN G 64 -9.25 -0.33 -32.41
CA GLN G 64 -10.51 -0.47 -31.68
C GLN G 64 -10.31 -0.66 -30.21
N VAL G 65 -11.11 0.04 -29.42
CA VAL G 65 -11.16 -0.18 -27.98
C VAL G 65 -12.59 -0.43 -27.57
N ASP G 66 -12.78 -1.51 -26.80
CA ASP G 66 -14.05 -1.91 -26.21
C ASP G 66 -13.93 -1.98 -24.67
N LYS G 67 -14.36 -0.91 -24.00
CA LYS G 67 -14.11 -0.77 -22.57
C LYS G 67 -14.87 -1.75 -21.70
N SER G 68 -16.03 -2.22 -22.14
CA SER G 68 -16.82 -3.10 -21.28
C SER G 68 -16.23 -4.51 -21.32
N SER G 69 -15.55 -4.82 -22.41
CA SER G 69 -14.83 -6.07 -22.54
C SER G 69 -13.40 -5.94 -22.08
N LYS G 70 -12.98 -4.70 -21.80
CA LYS G 70 -11.59 -4.33 -21.53
C LYS G 70 -10.66 -5.01 -22.53
N TYR G 71 -10.88 -4.70 -23.80
CA TYR G 71 -10.23 -5.40 -24.89
C TYR G 71 -10.01 -4.43 -26.03
N ILE G 72 -8.76 -4.27 -26.44
CA ILE G 72 -8.41 -3.37 -27.52
C ILE G 72 -7.66 -4.10 -28.66
N SER G 73 -7.78 -3.59 -29.87
CA SER G 73 -7.22 -4.31 -31.00
C SER G 73 -6.69 -3.37 -32.04
N LEU G 74 -5.62 -3.81 -32.70
CA LEU G 74 -5.12 -3.16 -33.91
C LEU G 74 -5.28 -4.14 -35.05
N PHE G 75 -6.03 -3.75 -36.09
CA PHE G 75 -6.18 -4.61 -37.25
C PHE G 75 -5.31 -4.10 -38.37
N ILE G 76 -4.63 -5.00 -39.05
CA ILE G 76 -3.88 -4.63 -40.23
C ILE G 76 -4.47 -5.37 -41.44
N ARG G 77 -5.07 -4.63 -42.36
CA ARG G 77 -5.53 -5.15 -43.64
C ARG G 77 -4.36 -5.38 -44.60
N ASP G 78 -4.49 -6.41 -45.42
CA ASP G 78 -3.56 -6.72 -46.49
C ASP G 78 -2.12 -6.62 -46.02
N SER G 79 -1.81 -7.27 -44.90
CA SER G 79 -0.46 -7.18 -44.33
C SER G 79 0.59 -7.32 -45.43
N GLN G 80 1.61 -6.47 -45.35
CA GLN G 80 2.75 -6.46 -46.27
C GLN G 80 3.97 -6.94 -45.51
N PRO G 81 4.98 -7.45 -46.21
CA PRO G 81 6.28 -7.67 -45.57
C PRO G 81 6.84 -6.44 -44.82
N SER G 82 6.60 -5.25 -45.37
CA SER G 82 6.94 -4.00 -44.69
C SER G 82 6.31 -3.87 -43.28
N ASP G 83 5.32 -4.71 -42.97
CA ASP G 83 4.63 -4.61 -41.68
C ASP G 83 5.32 -5.44 -40.60
N SER G 84 6.32 -6.22 -41.00
CA SER G 84 7.06 -7.03 -40.03
C SER G 84 7.74 -6.11 -39.00
N ALA G 85 7.39 -6.30 -37.73
CA ALA G 85 7.83 -5.40 -36.66
C ALA G 85 7.35 -5.91 -35.31
N THR G 86 7.68 -5.19 -34.25
CA THR G 86 7.12 -5.49 -32.96
C THR G 86 6.07 -4.45 -32.63
N TYR G 87 4.92 -4.92 -32.14
CA TYR G 87 3.81 -4.02 -31.89
C TYR G 87 3.57 -3.98 -30.40
N LEU G 88 3.66 -2.78 -29.82
CA LEU G 88 3.43 -2.61 -28.40
C LEU G 88 2.17 -1.79 -28.16
N CYS G 89 1.32 -2.27 -27.25
CA CYS G 89 0.21 -1.44 -26.82
C CYS G 89 0.59 -0.70 -25.54
N ALA G 90 0.06 0.50 -25.40
CA ALA G 90 0.26 1.25 -24.17
C ALA G 90 -1.06 1.93 -23.80
N MET G 91 -1.25 2.09 -22.49
CA MET G 91 -2.50 2.60 -21.91
C MET G 91 -2.27 3.51 -20.71
N SER G 92 -3.06 4.58 -20.60
CA SER G 92 -2.99 5.44 -19.41
C SER G 92 -4.32 5.59 -18.68
N THR G 93 -4.27 5.82 -17.38
CA THR G 93 -5.50 6.00 -16.62
C THR G 93 -6.02 7.44 -16.82
N SER G 94 -7.20 7.74 -16.30
CA SER G 94 -7.74 9.09 -16.40
C SER G 94 -6.85 10.10 -15.67
N LEU G 95 -7.03 11.37 -15.98
CA LEU G 95 -6.28 12.43 -15.29
C LEU G 95 -6.70 12.51 -13.82
N PRO G 96 -5.73 12.66 -12.91
CA PRO G 96 -4.28 12.80 -13.15
C PRO G 96 -3.57 11.43 -13.25
N ASN G 97 -2.67 11.28 -14.23
CA ASN G 97 -2.08 9.97 -14.51
C ASN G 97 -0.58 10.01 -14.47
N ALA G 98 -0.07 11.16 -14.06
CA ALA G 98 1.35 11.39 -13.87
C ALA G 98 2.12 11.34 -15.17
N GLY G 99 1.40 11.29 -16.28
CA GLY G 99 2.01 11.20 -17.59
C GLY G 99 2.47 9.81 -17.94
N LYS G 100 2.21 8.86 -17.05
CA LYS G 100 2.67 7.50 -17.23
C LYS G 100 1.72 6.65 -18.07
N SER G 101 2.26 5.62 -18.70
CA SER G 101 1.44 4.63 -19.38
C SER G 101 2.05 3.25 -19.19
N THR G 102 1.20 2.23 -19.18
CA THR G 102 1.69 0.85 -19.07
C THR G 102 1.82 0.26 -20.47
N PHE G 103 2.89 -0.49 -20.72
CA PHE G 103 3.14 -1.07 -22.02
C PHE G 103 2.93 -2.59 -21.91
N GLY G 104 2.39 -3.22 -22.94
CA GLY G 104 2.37 -4.67 -22.95
C GLY G 104 3.74 -5.14 -23.38
N ASP G 105 4.03 -6.42 -23.15
CA ASP G 105 5.38 -6.91 -23.42
C ASP G 105 5.67 -7.00 -24.91
N GLY G 106 4.71 -6.63 -25.75
CA GLY G 106 4.89 -6.62 -27.20
C GLY G 106 4.57 -7.91 -27.96
N THR G 107 4.10 -7.76 -29.21
CA THR G 107 3.84 -8.90 -30.10
C THR G 107 4.72 -8.79 -31.32
N THR G 108 5.47 -9.85 -31.60
CA THR G 108 6.32 -9.81 -32.79
C THR G 108 5.58 -10.40 -33.99
N LEU G 109 5.45 -9.57 -35.02
CA LEU G 109 4.77 -9.92 -36.24
C LEU G 109 5.73 -10.07 -37.42
N THR G 110 5.69 -11.23 -38.06
CA THR G 110 6.40 -11.43 -39.32
C THR G 110 5.40 -11.68 -40.46
N VAL G 111 5.50 -10.90 -41.52
CA VAL G 111 4.64 -11.12 -42.68
C VAL G 111 5.45 -11.76 -43.82
N LYS G 112 5.24 -13.06 -44.02
CA LYS G 112 5.95 -13.82 -45.05
C LYS G 112 5.57 -13.37 -46.46
N PRO G 113 6.58 -13.12 -47.31
CA PRO G 113 6.26 -12.64 -48.67
C PRO G 113 5.65 -13.76 -49.50
N ASN G 114 4.82 -13.39 -50.48
CA ASN G 114 4.25 -14.38 -51.39
C ASN G 114 5.20 -14.67 -52.54
N ILE G 115 5.86 -15.83 -52.50
CA ILE G 115 6.83 -16.17 -53.54
C ILE G 115 6.14 -16.71 -54.80
N GLN G 116 6.06 -15.89 -55.84
CA GLN G 116 5.30 -16.30 -57.01
C GLN G 116 5.94 -17.45 -57.78
N ASN G 117 7.27 -17.46 -57.94
CA ASN G 117 7.88 -18.49 -58.77
C ASN G 117 9.10 -19.20 -58.16
N PRO G 118 8.87 -19.99 -57.11
CA PRO G 118 9.99 -20.59 -56.35
C PRO G 118 10.90 -21.42 -57.22
N ASP G 119 12.18 -21.46 -56.87
CA ASP G 119 13.15 -22.27 -57.57
C ASP G 119 14.26 -22.62 -56.58
N PRO G 120 13.93 -23.47 -55.59
CA PRO G 120 14.86 -23.76 -54.49
C PRO G 120 16.18 -24.34 -54.97
N ALA G 121 17.28 -23.84 -54.42
CA ALA G 121 18.61 -24.26 -54.87
C ALA G 121 19.68 -23.99 -53.80
N VAL G 122 20.76 -24.77 -53.86
CA VAL G 122 21.91 -24.56 -52.99
C VAL G 122 23.15 -24.29 -53.82
N TYR G 123 23.74 -23.12 -53.62
CA TYR G 123 24.91 -22.73 -54.41
C TYR G 123 26.15 -22.63 -53.53
N GLN G 124 27.31 -22.83 -54.12
CA GLN G 124 28.57 -22.63 -53.41
C GLN G 124 29.20 -21.32 -53.81
N LEU G 125 29.74 -20.60 -52.83
CA LEU G 125 30.31 -19.29 -53.05
C LEU G 125 31.75 -19.21 -52.55
N ARG G 126 32.65 -18.74 -53.41
CA ARG G 126 34.06 -18.64 -53.04
C ARG G 126 34.44 -17.25 -52.56
N ASP G 127 35.29 -17.17 -51.54
CA ASP G 127 35.73 -15.89 -51.00
C ASP G 127 36.40 -15.10 -52.11
N SER G 128 36.17 -13.79 -52.17
CA SER G 128 36.88 -12.94 -53.13
C SER G 128 38.38 -12.96 -52.81
N LYS G 129 38.70 -13.15 -51.54
CA LYS G 129 40.08 -13.29 -51.07
C LYS G 129 40.52 -14.76 -51.10
N SER G 130 41.53 -15.07 -50.30
CA SER G 130 42.12 -16.40 -50.25
C SER G 130 41.12 -17.52 -49.97
N SER G 131 41.32 -18.66 -50.62
CA SER G 131 40.38 -19.78 -50.58
C SER G 131 40.47 -20.58 -49.28
N ASP G 132 40.10 -21.87 -49.38
CA ASP G 132 40.04 -22.82 -48.26
C ASP G 132 38.81 -22.57 -47.38
N LYS G 133 38.34 -21.33 -47.37
CA LYS G 133 37.07 -21.01 -46.70
C LYS G 133 35.89 -20.93 -47.71
N SER G 134 34.76 -21.55 -47.37
CA SER G 134 33.62 -21.58 -48.30
C SER G 134 32.28 -21.33 -47.61
N VAL G 135 31.31 -20.85 -48.38
CA VAL G 135 29.99 -20.49 -47.87
C VAL G 135 28.91 -21.19 -48.70
N CYS G 136 27.90 -21.73 -48.02
CA CYS G 136 26.80 -22.38 -48.71
C CYS G 136 25.52 -21.58 -48.68
N LEU G 137 24.94 -21.31 -49.84
CA LEU G 137 23.73 -20.49 -49.95
C LEU G 137 22.51 -21.29 -50.35
N PHE G 138 21.50 -21.29 -49.48
CA PHE G 138 20.19 -21.88 -49.80
C PHE G 138 19.25 -20.72 -50.12
N THR G 139 18.77 -20.64 -51.35
CA THR G 139 18.02 -19.45 -51.78
C THR G 139 16.86 -19.85 -52.67
N ASP G 140 15.87 -18.96 -52.78
CA ASP G 140 14.78 -19.06 -53.75
C ASP G 140 13.70 -20.10 -53.41
N PHE G 141 13.52 -20.41 -52.13
CA PHE G 141 12.43 -21.30 -51.71
C PHE G 141 11.18 -20.50 -51.29
N ASP G 142 10.04 -21.17 -51.20
CA ASP G 142 8.81 -20.50 -50.80
C ASP G 142 8.81 -20.30 -49.29
N SER G 143 7.78 -19.63 -48.78
CA SER G 143 7.76 -19.20 -47.40
C SER G 143 7.40 -20.31 -46.41
N GLN G 144 6.83 -21.39 -46.92
CA GLN G 144 6.45 -22.51 -46.08
C GLN G 144 7.66 -23.27 -45.61
N THR G 145 8.73 -23.21 -46.39
CA THR G 145 9.94 -23.95 -46.05
C THR G 145 10.59 -23.34 -44.83
N ASN G 146 10.93 -24.18 -43.86
CA ASN G 146 11.57 -23.69 -42.67
C ASN G 146 12.99 -24.22 -42.56
N VAL G 147 13.92 -23.35 -42.21
CA VAL G 147 15.31 -23.77 -42.13
C VAL G 147 15.68 -24.10 -40.68
N SER G 148 16.19 -25.30 -40.48
CA SER G 148 16.54 -25.76 -39.14
C SER G 148 18.03 -25.53 -38.86
N GLN G 149 18.34 -25.39 -37.58
CA GLN G 149 19.72 -25.20 -37.11
C GLN G 149 20.58 -26.43 -37.31
N SER G 150 21.88 -26.19 -37.17
CA SER G 150 22.94 -27.10 -37.59
C SER G 150 23.15 -28.45 -36.90
N LYS G 151 22.70 -28.58 -35.65
CA LYS G 151 22.85 -29.78 -34.80
C LYS G 151 24.31 -30.30 -34.80
N ASP G 152 25.24 -29.44 -35.23
CA ASP G 152 26.67 -29.75 -35.31
C ASP G 152 27.46 -28.50 -34.92
N SER G 153 28.26 -28.58 -33.87
CA SER G 153 28.96 -27.39 -33.38
C SER G 153 29.98 -26.80 -34.36
N ASP G 154 30.36 -27.57 -35.38
CA ASP G 154 31.34 -27.07 -36.34
C ASP G 154 30.74 -26.37 -37.56
N VAL G 155 29.42 -26.44 -37.74
CA VAL G 155 28.77 -25.76 -38.86
C VAL G 155 27.78 -24.74 -38.35
N TYR G 156 27.74 -23.57 -38.98
CA TYR G 156 26.83 -22.50 -38.56
C TYR G 156 25.76 -22.36 -39.62
N ILE G 157 24.51 -22.17 -39.22
CA ILE G 157 23.43 -21.96 -40.18
C ILE G 157 22.47 -20.87 -39.71
N THR G 158 22.22 -19.94 -40.62
CA THR G 158 21.42 -18.76 -40.29
C THR G 158 19.95 -19.03 -40.49
N ASP G 159 19.11 -18.14 -39.99
CA ASP G 159 17.68 -18.24 -40.26
C ASP G 159 17.33 -17.75 -41.66
N LYS G 160 16.16 -18.17 -42.12
CA LYS G 160 15.55 -17.68 -43.34
C LYS G 160 15.46 -16.16 -43.27
N CYS G 161 15.73 -15.50 -44.40
CA CYS G 161 15.79 -14.04 -44.45
C CYS G 161 15.24 -13.56 -45.82
N VAL G 162 14.33 -12.58 -45.82
CA VAL G 162 13.73 -12.04 -47.06
C VAL G 162 14.43 -10.80 -47.63
N LEU G 163 14.87 -10.88 -48.89
CA LEU G 163 15.42 -9.72 -49.58
C LEU G 163 14.48 -9.21 -50.67
N ASP G 164 14.33 -7.90 -50.76
CA ASP G 164 13.41 -7.29 -51.72
C ASP G 164 14.13 -6.47 -52.80
N MET G 165 14.17 -7.02 -54.02
CA MET G 165 14.69 -6.30 -55.17
C MET G 165 13.61 -5.35 -55.68
N ARG G 166 13.49 -4.19 -55.04
CA ARG G 166 12.38 -3.24 -55.25
C ARG G 166 12.09 -2.90 -56.70
N SER G 167 13.13 -2.71 -57.52
CA SER G 167 12.93 -2.26 -58.89
C SER G 167 12.40 -3.37 -59.82
N MET G 168 12.14 -4.56 -59.30
CA MET G 168 11.59 -5.62 -60.14
C MET G 168 10.33 -6.25 -59.55
N ASP G 169 9.90 -5.74 -58.39
CA ASP G 169 8.90 -6.40 -57.54
C ASP G 169 9.17 -7.92 -57.51
N PHE G 170 10.40 -8.24 -57.13
CA PHE G 170 10.85 -9.61 -56.98
C PHE G 170 11.34 -9.76 -55.54
N LYS G 171 10.78 -10.71 -54.80
CA LYS G 171 11.27 -11.02 -53.46
C LYS G 171 11.81 -12.45 -53.41
N SER G 172 12.72 -12.73 -52.48
CA SER G 172 13.31 -14.07 -52.36
C SER G 172 13.71 -14.40 -50.93
N ASN G 173 13.57 -15.67 -50.56
CA ASN G 173 14.05 -16.16 -49.28
C ASN G 173 15.48 -16.64 -49.41
N SER G 174 16.21 -16.71 -48.29
CA SER G 174 17.62 -17.15 -48.32
C SER G 174 18.12 -17.52 -46.93
N ALA G 175 18.99 -18.52 -46.90
CA ALA G 175 19.70 -18.92 -45.69
C ALA G 175 21.16 -19.25 -46.01
N VAL G 176 22.04 -19.08 -45.02
CA VAL G 176 23.48 -19.28 -45.23
C VAL G 176 24.09 -20.27 -44.23
N ALA G 177 24.99 -21.12 -44.71
CA ALA G 177 25.71 -22.07 -43.88
C ALA G 177 27.19 -22.02 -44.22
N TRP G 178 28.07 -22.19 -43.22
CA TRP G 178 29.49 -22.35 -43.52
C TRP G 178 30.19 -23.18 -42.43
N SER G 179 31.42 -23.57 -42.70
CA SER G 179 32.22 -24.30 -41.73
C SER G 179 33.70 -24.26 -42.12
N ASN G 180 34.59 -24.31 -41.13
CA ASN G 180 36.01 -24.43 -41.41
C ASN G 180 36.36 -25.88 -41.75
N LYS G 181 35.45 -26.78 -41.42
CA LYS G 181 35.64 -28.22 -41.65
C LYS G 181 35.76 -28.50 -43.15
N SER G 182 36.57 -29.51 -43.49
CA SER G 182 36.89 -29.86 -44.89
C SER G 182 35.86 -30.77 -45.58
N ASP G 183 35.29 -31.73 -44.85
CA ASP G 183 34.31 -32.66 -45.42
C ASP G 183 32.98 -31.96 -45.64
N PHE G 184 32.93 -30.69 -45.30
CA PHE G 184 31.69 -29.91 -45.33
C PHE G 184 31.26 -29.69 -46.78
N ALA G 185 30.03 -30.07 -47.09
CA ALA G 185 29.53 -30.02 -48.46
C ALA G 185 28.13 -29.42 -48.49
N CYS G 186 27.76 -28.87 -49.64
CA CYS G 186 26.48 -28.19 -49.80
C CYS G 186 25.32 -29.18 -49.67
N ALA G 187 25.50 -30.34 -50.31
CA ALA G 187 24.52 -31.42 -50.32
C ALA G 187 24.09 -31.87 -48.92
N ASN G 188 25.02 -31.77 -47.98
CA ASN G 188 24.77 -32.18 -46.60
C ASN G 188 24.66 -31.00 -45.65
N ALA G 189 24.76 -29.80 -46.20
CA ALA G 189 24.75 -28.58 -45.39
C ALA G 189 23.42 -28.37 -44.66
N PHE G 190 22.31 -28.65 -45.34
CA PHE G 190 21.00 -28.39 -44.74
C PHE G 190 20.18 -29.67 -44.50
N ASN G 191 20.87 -30.80 -44.38
CA ASN G 191 20.23 -32.09 -44.14
C ASN G 191 19.23 -32.12 -42.99
N ASN G 192 19.43 -31.27 -41.99
CA ASN G 192 18.55 -31.25 -40.82
C ASN G 192 17.35 -30.36 -41.01
N SER G 193 17.27 -29.71 -42.15
CA SER G 193 16.11 -28.90 -42.48
C SER G 193 15.27 -29.69 -43.46
N ILE G 194 13.98 -29.36 -43.55
CA ILE G 194 13.10 -30.05 -44.47
C ILE G 194 13.03 -29.31 -45.81
N ILE G 195 13.90 -29.74 -46.73
CA ILE G 195 14.08 -29.08 -48.02
C ILE G 195 13.19 -29.63 -49.11
N PRO G 196 12.80 -28.78 -50.06
CA PRO G 196 12.09 -29.16 -51.29
C PRO G 196 12.83 -30.22 -52.11
N GLU G 197 12.10 -31.19 -52.66
CA GLU G 197 12.72 -32.22 -53.53
C GLU G 197 13.41 -31.63 -54.77
N ASP G 198 12.80 -30.59 -55.32
CA ASP G 198 13.24 -30.00 -56.57
C ASP G 198 14.42 -29.04 -56.35
N THR G 199 15.09 -29.18 -55.22
CA THR G 199 16.22 -28.32 -54.90
C THR G 199 17.42 -28.71 -55.76
N PHE G 200 17.96 -27.73 -56.48
CA PHE G 200 19.04 -27.92 -57.44
C PHE G 200 20.43 -27.95 -56.77
N PHE G 201 21.21 -29.01 -57.03
CA PHE G 201 22.57 -29.13 -56.50
C PHE G 201 23.57 -29.25 -57.65
N PRO G 202 24.17 -28.11 -58.04
CA PRO G 202 25.14 -28.05 -59.15
C PRO G 202 26.44 -28.83 -58.94
N ALA H 2 13.13 18.20 -34.97
CA ALA H 2 14.33 17.38 -35.18
C ALA H 2 14.26 16.10 -34.35
N GLY H 3 13.38 16.12 -33.34
CA GLY H 3 13.11 14.98 -32.46
C GLY H 3 13.91 14.79 -31.18
N VAL H 4 13.88 13.55 -30.70
CA VAL H 4 14.55 13.11 -29.48
C VAL H 4 15.87 12.45 -29.83
N THR H 5 16.94 12.86 -29.15
CA THR H 5 18.26 12.34 -29.46
C THR H 5 18.90 11.67 -28.27
N GLN H 6 19.47 10.49 -28.45
CA GLN H 6 20.20 9.85 -27.36
C GLN H 6 21.69 9.72 -27.67
N THR H 7 22.52 10.04 -26.69
CA THR H 7 23.95 9.87 -26.79
C THR H 7 24.43 9.25 -25.50
N PRO H 8 25.28 8.22 -25.58
CA PRO H 8 25.76 7.54 -26.78
C PRO H 8 24.73 6.59 -27.38
N LYS H 9 25.07 5.90 -28.47
CA LYS H 9 24.20 4.89 -29.07
C LYS H 9 24.63 3.46 -28.74
N PHE H 10 25.92 3.28 -28.47
CA PHE H 10 26.42 2.02 -27.93
C PHE H 10 27.43 2.32 -26.84
N ARG H 11 27.55 1.41 -25.89
CA ARG H 11 28.60 1.54 -24.92
C ARG H 11 28.91 0.20 -24.33
N VAL H 12 30.19 -0.05 -24.09
CA VAL H 12 30.69 -1.19 -23.36
C VAL H 12 31.23 -0.72 -22.03
N LEU H 13 30.75 -1.29 -20.93
CA LEU H 13 31.28 -0.95 -19.60
C LEU H 13 31.94 -2.15 -18.94
N LYS H 14 32.91 -1.89 -18.08
CA LYS H 14 33.41 -2.93 -17.22
C LYS H 14 32.52 -2.85 -15.98
N THR H 15 32.26 -3.98 -15.32
CA THR H 15 31.60 -3.96 -14.02
C THR H 15 32.24 -2.95 -13.06
N GLY H 16 31.43 -2.09 -12.47
CA GLY H 16 31.91 -1.16 -11.49
C GLY H 16 32.05 0.24 -12.03
N GLN H 17 32.17 0.35 -13.34
CA GLN H 17 32.35 1.64 -13.97
C GLN H 17 31.02 2.42 -14.01
N SER H 18 31.10 3.70 -14.31
CA SER H 18 29.97 4.56 -14.30
C SER H 18 29.86 5.16 -15.70
N MET H 19 28.65 5.50 -16.10
CA MET H 19 28.44 6.23 -17.34
C MET H 19 27.20 7.10 -17.22
N THR H 20 27.04 8.03 -18.16
CA THR H 20 25.87 8.89 -18.20
C THR H 20 25.31 8.88 -19.63
N LEU H 21 24.01 8.67 -19.77
CA LEU H 21 23.34 8.75 -21.07
C LEU H 21 22.63 10.08 -21.12
N LEU H 22 22.70 10.72 -22.28
CA LEU H 22 22.13 12.05 -22.41
C LEU H 22 20.97 11.98 -23.37
N CYS H 23 19.83 12.44 -22.94
CA CYS H 23 18.72 12.57 -23.85
C CYS H 23 18.43 14.03 -24.09
N ALA H 24 18.10 14.38 -25.33
CA ALA H 24 17.86 15.77 -25.68
C ALA H 24 16.67 15.94 -26.62
N GLN H 25 15.81 16.91 -26.30
CA GLN H 25 14.69 17.24 -27.16
C GLN H 25 14.49 18.76 -27.26
N ASP H 26 14.17 19.22 -28.47
CA ASP H 26 14.01 20.64 -28.77
C ASP H 26 12.55 20.92 -29.16
N MET H 27 11.62 20.14 -28.60
CA MET H 27 10.22 20.31 -28.91
C MET H 27 9.44 21.02 -27.81
N ASN H 28 10.16 21.51 -26.82
CA ASN H 28 9.57 22.20 -25.68
C ASN H 28 8.61 21.30 -24.89
N HIS H 29 8.96 20.03 -24.76
CA HIS H 29 8.15 19.07 -24.04
C HIS H 29 8.40 19.14 -22.54
N GLU H 30 7.36 19.04 -21.74
CA GLU H 30 7.56 19.04 -20.30
C GLU H 30 7.98 17.65 -19.80
N TYR H 31 7.23 16.59 -20.15
CA TYR H 31 7.54 15.21 -19.72
C TYR H 31 8.74 14.60 -20.45
N MET H 32 9.65 13.98 -19.70
CA MET H 32 10.71 13.16 -20.30
C MET H 32 10.91 11.85 -19.53
N TYR H 33 11.31 10.79 -20.24
CA TYR H 33 11.33 9.45 -19.65
C TYR H 33 12.57 8.69 -19.97
N TRP H 34 13.03 7.85 -19.06
CA TRP H 34 14.03 6.85 -19.40
C TRP H 34 13.51 5.43 -19.19
N TYR H 35 13.42 4.68 -20.29
CA TYR H 35 12.99 3.30 -20.27
C TYR H 35 14.13 2.34 -20.54
N ARG H 36 14.02 1.11 -20.07
CA ARG H 36 14.88 0.04 -20.54
C ARG H 36 14.00 -1.08 -21.18
N GLN H 37 14.54 -1.81 -22.15
CA GLN H 37 13.82 -2.86 -22.86
C GLN H 37 14.66 -4.13 -22.92
N ASP H 38 14.24 -5.16 -22.22
CA ASP H 38 14.95 -6.41 -22.26
C ASP H 38 14.09 -7.45 -22.93
N PRO H 39 14.70 -8.32 -23.77
CA PRO H 39 13.81 -9.41 -24.20
C PRO H 39 13.73 -10.46 -23.09
N GLY H 40 12.58 -11.09 -22.91
CA GLY H 40 11.38 -10.73 -23.65
C GLY H 40 10.36 -9.99 -22.82
N MET H 41 10.49 -8.68 -22.84
CA MET H 41 9.57 -7.81 -22.14
C MET H 41 9.28 -6.58 -23.03
N GLY H 42 8.51 -5.68 -22.45
CA GLY H 42 8.16 -4.43 -23.08
C GLY H 42 9.06 -3.39 -22.46
N LEU H 43 8.68 -2.15 -22.67
CA LEU H 43 9.33 -1.08 -21.98
C LEU H 43 8.97 -1.05 -20.50
N ARG H 44 10.00 -0.90 -19.68
CA ARG H 44 9.85 -0.56 -18.28
C ARG H 44 10.52 0.79 -17.90
N LEU H 45 9.82 1.58 -17.10
CA LEU H 45 10.23 2.93 -16.72
C LEU H 45 11.24 2.93 -15.59
N ILE H 46 12.37 3.59 -15.81
CA ILE H 46 13.41 3.72 -14.80
C ILE H 46 13.15 4.99 -13.99
N HIS H 47 13.19 6.13 -14.67
CA HIS H 47 12.89 7.41 -14.03
C HIS H 47 12.15 8.26 -15.03
N TYR H 48 11.51 9.32 -14.57
CA TYR H 48 10.96 10.28 -15.48
C TYR H 48 10.91 11.64 -14.81
N SER H 49 10.44 12.64 -15.56
CA SER H 49 10.48 13.99 -15.07
C SER H 49 9.29 14.74 -15.64
N VAL H 50 8.55 15.43 -14.78
CA VAL H 50 7.36 16.17 -15.23
C VAL H 50 7.69 17.59 -15.68
N GLY H 51 8.95 17.97 -15.60
CA GLY H 51 9.32 19.34 -15.96
C GLY H 51 10.71 19.73 -15.52
N GLU H 52 11.12 20.91 -15.92
CA GLU H 52 12.45 21.36 -15.54
C GLU H 52 12.57 21.33 -14.02
N GLY H 53 13.63 20.70 -13.54
CA GLY H 53 13.98 20.73 -12.12
C GLY H 53 13.50 19.62 -11.21
N THR H 54 12.57 18.80 -11.67
CA THR H 54 12.09 17.71 -10.84
C THR H 54 12.26 16.37 -11.52
N THR H 55 12.42 15.31 -10.73
CA THR H 55 12.43 13.95 -11.28
C THR H 55 11.66 12.98 -10.37
N ALA H 56 11.27 11.84 -10.94
CA ALA H 56 10.52 10.84 -10.18
C ALA H 56 10.88 9.44 -10.60
N LYS H 57 10.73 8.50 -9.67
CA LYS H 57 10.97 7.09 -9.91
C LYS H 57 9.90 6.41 -10.77
N GLY H 58 10.30 5.41 -11.53
CA GLY H 58 9.36 4.58 -12.27
C GLY H 58 9.27 3.21 -11.63
N GLU H 59 9.13 2.15 -12.43
CA GLU H 59 8.94 0.80 -11.89
C GLU H 59 10.25 0.22 -11.34
N VAL H 60 11.35 0.47 -12.03
CA VAL H 60 12.62 -0.19 -11.70
C VAL H 60 13.80 0.78 -11.61
N PRO H 61 13.73 1.68 -10.63
CA PRO H 61 14.66 2.78 -10.51
C PRO H 61 15.98 2.37 -9.84
N ASP H 62 16.03 1.22 -9.17
CA ASP H 62 17.21 0.80 -8.39
C ASP H 62 18.46 0.69 -9.24
N GLY H 63 19.54 1.35 -8.81
CA GLY H 63 20.80 1.28 -9.52
C GLY H 63 20.99 2.37 -10.55
N TYR H 64 20.02 3.27 -10.68
CA TYR H 64 20.08 4.39 -11.62
C TYR H 64 19.80 5.72 -10.92
N ASN H 65 20.25 6.83 -11.51
CA ASN H 65 19.82 8.14 -11.07
C ASN H 65 19.55 9.03 -12.29
N VAL H 66 18.85 10.16 -12.11
CA VAL H 66 18.59 11.08 -13.22
C VAL H 66 18.84 12.57 -12.88
N SER H 67 18.91 13.41 -13.92
CA SER H 67 19.06 14.87 -13.79
C SER H 67 18.21 15.54 -14.81
N ARG H 68 17.36 16.48 -14.41
CA ARG H 68 16.66 17.28 -15.41
C ARG H 68 17.27 18.67 -15.44
N LEU H 69 18.28 18.85 -16.28
CA LEU H 69 19.01 20.07 -16.21
C LEU H 69 18.24 21.20 -16.85
N LYS H 70 17.95 21.10 -18.12
CA LYS H 70 17.06 22.12 -18.65
C LYS H 70 15.74 21.45 -19.04
N LYS H 71 14.84 22.22 -19.64
CA LYS H 71 13.73 21.62 -20.33
C LYS H 71 14.23 20.59 -21.34
N GLN H 72 15.37 20.90 -21.97
CA GLN H 72 15.90 20.17 -23.12
C GLN H 72 16.56 18.84 -22.80
N ASN H 73 17.15 18.71 -21.62
CA ASN H 73 18.03 17.58 -21.36
C ASN H 73 17.60 16.76 -20.18
N PHE H 74 17.77 15.44 -20.30
CA PHE H 74 17.43 14.53 -19.25
C PHE H 74 18.52 13.47 -19.18
N LEU H 75 19.24 13.42 -18.07
CA LEU H 75 20.43 12.57 -17.96
C LEU H 75 20.13 11.30 -17.19
N LEU H 76 20.49 10.15 -17.74
CA LEU H 76 20.44 8.92 -16.97
C LEU H 76 21.84 8.53 -16.52
N GLY H 77 22.05 8.29 -15.23
CA GLY H 77 23.36 7.88 -14.79
C GLY H 77 23.43 6.52 -14.11
N LEU H 78 24.49 5.77 -14.40
CA LEU H 78 24.81 4.56 -13.67
C LEU H 78 26.09 4.81 -12.89
N GLU H 79 26.09 4.64 -11.57
CA GLU H 79 27.30 4.97 -10.79
C GLU H 79 28.17 3.74 -10.61
N SER H 80 27.57 2.57 -10.65
CA SER H 80 28.34 1.33 -10.59
C SER H 80 27.69 0.21 -11.43
N ALA H 81 28.16 0.05 -12.65
CA ALA H 81 27.54 -0.83 -13.64
C ALA H 81 27.55 -2.28 -13.18
N ALA H 82 26.45 -2.97 -13.41
CA ALA H 82 26.30 -4.40 -13.10
C ALA H 82 25.85 -5.17 -14.34
N PRO H 83 26.16 -6.48 -14.38
CA PRO H 83 25.72 -7.30 -15.51
C PRO H 83 24.21 -7.22 -15.83
N SER H 84 23.35 -7.10 -14.82
CA SER H 84 21.89 -6.94 -15.02
C SER H 84 21.47 -5.64 -15.71
N GLN H 85 22.38 -4.69 -15.89
CA GLN H 85 22.06 -3.42 -16.57
C GLN H 85 22.38 -3.48 -18.07
N THR H 86 22.94 -4.60 -18.51
CA THR H 86 23.04 -4.91 -19.93
C THR H 86 21.64 -4.88 -20.52
N SER H 87 21.40 -4.00 -21.49
CA SER H 87 20.06 -3.76 -22.01
C SER H 87 20.05 -2.73 -23.12
N VAL H 88 18.87 -2.42 -23.65
CA VAL H 88 18.74 -1.25 -24.53
C VAL H 88 17.94 -0.19 -23.80
N TYR H 89 18.43 1.05 -23.82
CA TYR H 89 17.80 2.15 -23.08
C TYR H 89 17.13 3.17 -23.98
N PHE H 90 15.84 3.38 -23.75
CA PHE H 90 15.11 4.33 -24.56
C PHE H 90 14.68 5.54 -23.78
N CYS H 91 14.80 6.68 -24.42
CA CYS H 91 14.39 7.95 -23.88
C CYS H 91 13.16 8.43 -24.64
N ALA H 92 12.23 9.08 -23.97
CA ALA H 92 11.04 9.54 -24.68
C ALA H 92 10.61 10.86 -24.11
N SER H 93 9.81 11.63 -24.85
CA SER H 93 9.26 12.87 -24.33
C SER H 93 7.86 13.16 -24.91
N ARG H 94 7.08 13.97 -24.21
CA ARG H 94 5.80 14.44 -24.74
C ARG H 94 5.40 15.73 -24.02
N TYR H 95 4.51 16.51 -24.63
CA TYR H 95 3.94 17.66 -23.94
C TYR H 95 3.20 17.21 -22.70
N PHE H 96 3.07 18.12 -21.76
CA PHE H 96 2.36 17.86 -20.54
C PHE H 96 0.89 17.60 -20.83
N LEU H 97 0.36 18.41 -21.73
CA LEU H 97 -1.03 18.35 -22.10
C LEU H 97 -1.16 18.58 -23.60
N PRO H 98 -1.06 17.51 -24.39
CA PRO H 98 -1.03 17.64 -25.85
C PRO H 98 -2.37 18.05 -26.43
N THR H 99 -2.34 18.62 -27.63
CA THR H 99 -3.54 19.07 -28.30
C THR H 99 -3.86 18.12 -29.45
N GLN H 100 -2.94 17.21 -29.73
CA GLN H 100 -3.14 16.29 -30.82
C GLN H 100 -3.15 14.84 -30.32
N GLY H 101 -3.62 14.64 -29.10
CA GLY H 101 -3.72 13.31 -28.55
C GLY H 101 -2.49 12.83 -27.81
N MET H 102 -2.62 11.73 -27.07
CA MET H 102 -1.55 11.19 -26.26
C MET H 102 -0.60 10.40 -27.11
N GLY H 103 0.33 9.69 -26.45
CA GLY H 103 1.42 9.03 -27.12
C GLY H 103 2.70 9.84 -26.98
N ALA H 104 3.84 9.15 -26.94
CA ALA H 104 5.13 9.75 -26.65
C ALA H 104 6.11 9.63 -27.83
N PHE H 105 7.10 10.53 -27.91
CA PHE H 105 8.15 10.43 -28.94
C PHE H 105 9.36 9.74 -28.39
N PHE H 106 9.89 8.77 -29.11
CA PHE H 106 11.01 7.98 -28.61
C PHE H 106 12.34 8.21 -29.33
N GLY H 107 13.42 8.11 -28.56
CA GLY H 107 14.77 8.08 -29.08
C GLY H 107 15.04 6.74 -29.73
N GLN H 108 16.23 6.56 -30.26
CA GLN H 108 16.55 5.42 -31.10
C GLN H 108 17.22 4.27 -30.39
N GLY H 109 17.52 4.50 -29.12
CA GLY H 109 18.06 3.45 -28.29
C GLY H 109 19.54 3.54 -28.03
N THR H 110 19.92 3.16 -26.82
CA THR H 110 21.32 2.99 -26.47
C THR H 110 21.53 1.54 -26.05
N ARG H 111 22.39 0.81 -26.75
CA ARG H 111 22.75 -0.55 -26.34
C ARG H 111 23.95 -0.47 -25.43
N LEU H 112 23.77 -0.97 -24.24
CA LEU H 112 24.83 -0.97 -23.27
C LEU H 112 25.05 -2.41 -22.90
N THR H 113 26.30 -2.83 -23.00
CA THR H 113 26.69 -4.17 -22.60
C THR H 113 27.69 -4.03 -21.49
N VAL H 114 27.37 -4.61 -20.34
CA VAL H 114 28.30 -4.64 -19.21
C VAL H 114 29.02 -5.98 -19.19
N VAL H 115 30.34 -5.92 -19.07
CA VAL H 115 31.20 -7.09 -19.11
C VAL H 115 32.16 -7.16 -17.92
N GLU H 116 32.51 -8.37 -17.50
CA GLU H 116 33.44 -8.52 -16.38
C GLU H 116 34.86 -8.19 -16.78
N ASP H 117 35.18 -8.39 -18.06
CA ASP H 117 36.54 -8.25 -18.54
C ASP H 117 36.54 -7.66 -19.95
N LEU H 118 37.20 -6.52 -20.12
CA LEU H 118 37.28 -5.89 -21.43
C LEU H 118 38.14 -6.66 -22.44
N ASN H 119 38.98 -7.57 -21.94
CA ASN H 119 39.80 -8.42 -22.80
C ASN H 119 38.95 -9.29 -23.71
N LYS H 120 37.66 -9.38 -23.42
CA LYS H 120 36.71 -10.18 -24.17
C LYS H 120 36.18 -9.49 -25.42
N VAL H 121 36.55 -8.23 -25.63
CA VAL H 121 36.04 -7.49 -26.77
C VAL H 121 36.90 -7.76 -28.01
N PHE H 122 36.26 -8.02 -29.15
CA PHE H 122 36.99 -8.24 -30.43
C PHE H 122 36.29 -7.56 -31.60
N PRO H 123 37.07 -6.97 -32.51
CA PRO H 123 36.41 -6.40 -33.68
C PRO H 123 36.03 -7.53 -34.64
N PRO H 124 35.10 -7.27 -35.56
CA PRO H 124 34.77 -8.32 -36.51
C PRO H 124 35.83 -8.47 -37.58
N GLU H 125 35.90 -9.66 -38.15
CA GLU H 125 36.59 -9.87 -39.42
C GLU H 125 35.51 -9.97 -40.47
N VAL H 126 35.74 -9.39 -41.64
CA VAL H 126 34.69 -9.32 -42.66
C VAL H 126 35.16 -9.87 -43.99
N ALA H 127 34.36 -10.72 -44.61
CA ALA H 127 34.71 -11.29 -45.90
C ALA H 127 33.54 -11.32 -46.88
N VAL H 128 33.79 -10.88 -48.11
CA VAL H 128 32.79 -10.92 -49.17
C VAL H 128 32.94 -12.16 -50.02
N PHE H 129 31.82 -12.79 -50.36
CA PHE H 129 31.81 -14.02 -51.15
C PHE H 129 31.15 -13.79 -52.51
N GLU H 130 31.89 -14.09 -53.57
CA GLU H 130 31.45 -13.84 -54.94
C GLU H 130 30.36 -14.82 -55.33
N PRO H 131 29.34 -14.35 -56.06
CA PRO H 131 28.16 -15.16 -56.42
C PRO H 131 28.50 -16.41 -57.21
N SER H 132 27.79 -17.50 -56.92
CA SER H 132 28.00 -18.78 -57.60
C SER H 132 27.79 -18.67 -59.11
N GLU H 133 28.73 -19.21 -59.88
CA GLU H 133 28.56 -19.24 -61.32
C GLU H 133 27.33 -20.09 -61.69
N ALA H 134 27.03 -21.10 -60.87
CA ALA H 134 25.85 -21.94 -61.12
C ALA H 134 24.57 -21.14 -60.94
N GLU H 135 24.53 -20.32 -59.89
CA GLU H 135 23.38 -19.45 -59.64
C GLU H 135 23.16 -18.51 -60.82
N ILE H 136 24.24 -17.89 -61.27
CA ILE H 136 24.17 -16.87 -62.30
C ILE H 136 23.54 -17.41 -63.59
N SER H 137 23.95 -18.59 -64.01
CA SER H 137 23.42 -19.16 -65.25
C SER H 137 22.05 -19.81 -65.05
N HIS H 138 21.65 -20.03 -63.79
CA HIS H 138 20.40 -20.73 -63.56
C HIS H 138 19.23 -19.76 -63.33
N THR H 139 19.49 -18.71 -62.56
CA THR H 139 18.45 -17.75 -62.18
C THR H 139 18.63 -16.37 -62.85
N GLN H 140 19.73 -16.18 -63.58
CA GLN H 140 20.10 -14.87 -64.12
C GLN H 140 20.11 -13.80 -63.03
N LYS H 141 20.43 -14.21 -61.80
CA LYS H 141 20.70 -13.27 -60.74
C LYS H 141 21.97 -13.72 -60.03
N ALA H 142 22.57 -12.81 -59.27
CA ALA H 142 23.83 -13.06 -58.59
C ALA H 142 23.75 -12.59 -57.17
N THR H 143 23.98 -13.48 -56.22
CA THR H 143 23.93 -13.08 -54.83
C THR H 143 25.32 -13.00 -54.23
N LEU H 144 25.66 -11.85 -53.67
CA LEU H 144 26.87 -11.73 -52.88
C LEU H 144 26.54 -11.97 -51.41
N VAL H 145 27.41 -12.65 -50.70
CA VAL H 145 27.22 -12.85 -49.27
C VAL H 145 28.33 -12.19 -48.48
N CYS H 146 28.00 -11.58 -47.35
CA CYS H 146 29.02 -10.99 -46.48
C CYS H 146 29.05 -11.68 -45.11
N LEU H 147 30.23 -12.09 -44.67
CA LEU H 147 30.37 -12.60 -43.31
C LEU H 147 31.13 -11.64 -42.41
N ALA H 148 30.53 -11.32 -41.27
CA ALA H 148 31.22 -10.68 -40.16
C ALA H 148 31.38 -11.73 -39.05
N THR H 149 32.62 -12.04 -38.68
CA THR H 149 32.87 -13.13 -37.73
C THR H 149 33.76 -12.65 -36.59
N GLY H 150 33.60 -13.26 -35.43
CA GLY H 150 34.53 -13.09 -34.32
C GLY H 150 34.42 -11.82 -33.49
N PHE H 151 33.31 -11.10 -33.59
CA PHE H 151 33.18 -9.85 -32.82
C PHE H 151 32.45 -10.04 -31.51
N TYR H 152 32.83 -9.25 -30.50
CA TYR H 152 32.14 -9.18 -29.21
C TYR H 152 32.32 -7.75 -28.71
N PRO H 153 31.22 -7.11 -28.29
CA PRO H 153 29.85 -7.60 -28.18
C PRO H 153 29.05 -7.43 -29.46
N ASP H 154 27.74 -7.61 -29.36
CA ASP H 154 26.86 -7.59 -30.51
C ASP H 154 26.56 -6.15 -30.96
N HIS H 155 27.59 -5.35 -31.11
CA HIS H 155 27.42 -3.94 -31.44
C HIS H 155 27.87 -3.62 -32.86
N VAL H 156 27.14 -4.12 -33.84
CA VAL H 156 27.50 -3.91 -35.25
C VAL H 156 26.38 -3.32 -36.09
N GLU H 157 26.76 -2.53 -37.08
CA GLU H 157 25.84 -2.07 -38.11
C GLU H 157 26.46 -2.47 -39.44
N LEU H 158 25.78 -3.36 -40.15
CA LEU H 158 26.29 -3.85 -41.42
C LEU H 158 25.58 -3.15 -42.56
N SER H 159 26.33 -2.78 -43.60
CA SER H 159 25.76 -2.05 -44.74
C SER H 159 26.48 -2.38 -46.03
N TRP H 160 25.75 -2.32 -47.13
CA TRP H 160 26.29 -2.61 -48.44
C TRP H 160 26.51 -1.32 -49.21
N TRP H 161 27.61 -1.28 -49.95
CA TRP H 161 28.01 -0.09 -50.70
C TRP H 161 28.33 -0.48 -52.11
N VAL H 162 27.54 0.02 -53.04
CA VAL H 162 27.76 -0.26 -54.46
C VAL H 162 28.21 1.00 -55.18
N ASN H 163 29.41 0.95 -55.76
CA ASN H 163 30.00 2.07 -56.47
C ASN H 163 30.11 3.33 -55.63
N GLY H 164 30.38 3.16 -54.34
CA GLY H 164 30.61 4.30 -53.46
C GLY H 164 29.37 4.89 -52.82
N LYS H 165 28.20 4.37 -53.21
CA LYS H 165 26.94 4.79 -52.61
C LYS H 165 26.35 3.65 -51.79
N GLU H 166 25.74 3.98 -50.66
CA GLU H 166 25.05 2.95 -49.89
C GLU H 166 23.80 2.51 -50.65
N VAL H 167 23.43 1.24 -50.50
CA VAL H 167 22.22 0.70 -51.12
C VAL H 167 21.36 -0.04 -50.12
N HIS H 168 20.07 -0.08 -50.41
CA HIS H 168 19.14 -0.73 -49.51
C HIS H 168 18.35 -1.78 -50.26
N SER H 169 18.07 -1.52 -51.54
CA SER H 169 17.33 -2.49 -52.33
C SER H 169 18.16 -3.76 -52.56
N GLY H 170 17.53 -4.91 -52.34
CA GLY H 170 18.17 -6.20 -52.59
C GLY H 170 19.06 -6.69 -51.45
N VAL H 171 18.93 -6.05 -50.30
CA VAL H 171 19.76 -6.38 -49.16
C VAL H 171 18.98 -7.10 -48.07
N CYS H 172 19.62 -8.10 -47.46
CA CYS H 172 19.04 -8.82 -46.34
C CYS H 172 20.10 -9.15 -45.30
N THR H 173 19.98 -8.55 -44.13
CA THR H 173 20.91 -8.83 -43.06
C THR H 173 20.21 -9.54 -41.91
N ASP H 174 20.85 -10.57 -41.35
CA ASP H 174 20.31 -11.27 -40.19
C ASP H 174 19.89 -10.27 -39.13
N PRO H 175 18.71 -10.46 -38.53
CA PRO H 175 18.25 -9.61 -37.42
C PRO H 175 19.05 -9.85 -36.16
N GLN H 176 19.41 -11.11 -35.92
CA GLN H 176 20.23 -11.50 -34.77
C GLN H 176 21.45 -12.30 -35.22
N PRO H 177 22.61 -12.01 -34.62
CA PRO H 177 23.89 -12.70 -34.83
C PRO H 177 23.91 -14.13 -34.28
N LEU H 178 24.96 -14.89 -34.56
CA LEU H 178 25.11 -16.25 -34.07
C LEU H 178 26.25 -16.35 -33.09
N LYS H 179 26.07 -17.13 -32.02
CA LYS H 179 27.18 -17.40 -31.14
C LYS H 179 28.08 -18.41 -31.84
N GLU H 180 29.34 -18.04 -32.06
CA GLU H 180 30.33 -18.94 -32.68
C GLU H 180 30.66 -20.12 -31.79
N GLN H 181 30.37 -19.96 -30.50
CA GLN H 181 30.63 -20.97 -29.48
C GLN H 181 29.48 -20.92 -28.52
N PRO H 182 28.40 -21.62 -28.84
CA PRO H 182 27.12 -21.49 -28.14
C PRO H 182 27.21 -21.82 -26.64
N ALA H 183 28.27 -22.52 -26.25
CA ALA H 183 28.51 -22.95 -24.87
C ALA H 183 29.02 -21.84 -23.93
N LEU H 184 29.64 -20.81 -24.50
CA LEU H 184 30.24 -19.74 -23.71
C LEU H 184 29.30 -18.55 -23.52
N ASN H 185 29.39 -17.90 -22.36
CA ASN H 185 28.60 -16.70 -22.11
C ASN H 185 29.28 -15.54 -22.81
N ASP H 186 30.59 -15.68 -22.96
CA ASP H 186 31.44 -14.66 -23.56
C ASP H 186 31.78 -15.02 -24.99
N SER H 187 30.86 -15.71 -25.65
CA SER H 187 31.09 -16.16 -27.02
C SER H 187 31.15 -15.01 -27.99
N ARG H 188 32.06 -15.09 -28.96
CA ARG H 188 32.12 -14.09 -30.03
C ARG H 188 31.06 -14.41 -31.08
N TYR H 189 30.54 -13.40 -31.75
CA TYR H 189 29.43 -13.60 -32.68
C TYR H 189 29.81 -13.60 -34.17
N ALA H 190 28.93 -14.18 -34.97
CA ALA H 190 29.01 -14.09 -36.42
C ALA H 190 27.69 -13.56 -37.01
N LEU H 191 27.78 -12.85 -38.13
CA LEU H 191 26.61 -12.21 -38.74
C LEU H 191 26.74 -12.28 -40.25
N SER H 192 25.64 -12.52 -40.95
CA SER H 192 25.71 -12.60 -42.41
C SER H 192 24.71 -11.67 -43.06
N SER H 193 24.98 -11.32 -44.32
CA SER H 193 24.08 -10.46 -45.08
C SER H 193 24.22 -10.82 -46.54
N ARG H 194 23.12 -10.70 -47.29
CA ARG H 194 23.08 -11.01 -48.72
C ARG H 194 22.80 -9.75 -49.47
N LEU H 195 23.36 -9.66 -50.67
CA LEU H 195 23.01 -8.60 -51.61
C LEU H 195 22.76 -9.24 -52.96
N ARG H 196 21.53 -9.15 -53.44
CA ARG H 196 21.21 -9.78 -54.72
C ARG H 196 21.01 -8.74 -55.82
N VAL H 197 21.77 -8.90 -56.90
CA VAL H 197 21.71 -7.99 -58.04
C VAL H 197 21.53 -8.79 -59.30
N SER H 198 21.18 -8.13 -60.40
CA SER H 198 20.98 -8.84 -61.65
C SER H 198 22.33 -9.32 -62.16
N ALA H 199 22.33 -10.43 -62.88
CA ALA H 199 23.58 -11.03 -63.33
C ALA H 199 24.33 -10.07 -64.26
N THR H 200 23.58 -9.20 -64.94
CA THR H 200 24.14 -8.16 -65.81
C THR H 200 25.04 -7.24 -65.02
N PHE H 201 24.55 -6.88 -63.84
CA PHE H 201 25.22 -5.90 -63.01
C PHE H 201 26.51 -6.44 -62.40
N TRP H 202 26.50 -7.73 -62.06
CA TRP H 202 27.67 -8.34 -61.46
C TRP H 202 28.77 -8.66 -62.48
N GLN H 203 28.40 -9.06 -63.70
CA GLN H 203 29.37 -9.46 -64.72
C GLN H 203 30.16 -8.28 -65.30
N ASN H 204 29.73 -7.06 -64.96
CA ASN H 204 30.45 -5.82 -65.27
C ASN H 204 31.66 -5.57 -64.34
N PRO H 205 32.86 -5.32 -64.90
CA PRO H 205 34.06 -5.03 -64.09
C PRO H 205 34.24 -3.56 -63.66
N ARG H 206 33.32 -2.69 -64.05
CA ARG H 206 33.30 -1.31 -63.57
C ARG H 206 32.70 -1.24 -62.17
N ASN H 207 31.74 -2.12 -61.88
CA ASN H 207 31.03 -2.06 -60.61
C ASN H 207 31.78 -2.66 -59.45
N HIS H 208 31.82 -1.87 -58.38
CA HIS H 208 32.58 -2.20 -57.21
C HIS H 208 31.66 -2.43 -56.01
N PHE H 209 31.75 -3.62 -55.41
CA PHE H 209 30.88 -4.00 -54.30
C PHE H 209 31.64 -4.03 -52.99
N ARG H 210 31.11 -3.37 -51.96
CA ARG H 210 31.75 -3.34 -50.64
C ARG H 210 30.83 -3.75 -49.50
N CYS H 211 31.31 -4.64 -48.65
CA CYS H 211 30.60 -4.97 -47.41
C CYS H 211 31.24 -4.27 -46.21
N GLN H 212 30.49 -3.37 -45.58
CA GLN H 212 30.98 -2.59 -44.44
C GLN H 212 30.35 -2.97 -43.09
N VAL H 213 31.20 -3.21 -42.11
CA VAL H 213 30.71 -3.40 -40.75
C VAL H 213 31.24 -2.31 -39.84
N GLN H 214 30.32 -1.51 -39.32
CA GLN H 214 30.66 -0.59 -38.25
C GLN H 214 30.56 -1.33 -36.93
N PHE H 215 31.70 -1.40 -36.24
CA PHE H 215 31.78 -2.06 -34.95
C PHE H 215 31.96 -1.00 -33.87
N TYR H 216 31.29 -1.19 -32.72
CA TYR H 216 31.44 -0.30 -31.56
C TYR H 216 32.04 -1.02 -30.36
N GLY H 217 33.22 -0.62 -29.94
CA GLY H 217 33.80 -1.29 -28.81
C GLY H 217 34.26 -0.38 -27.68
N LEU H 218 35.57 -0.38 -27.49
CA LEU H 218 36.15 0.26 -26.36
C LEU H 218 36.34 1.73 -26.66
N SER H 219 36.08 2.58 -25.66
CA SER H 219 36.32 3.99 -25.85
C SER H 219 37.81 4.16 -25.89
N GLU H 220 38.25 5.30 -26.39
CA GLU H 220 39.67 5.57 -26.44
C GLU H 220 40.19 5.68 -25.02
N ASN H 221 39.30 5.92 -24.07
CA ASN H 221 39.75 6.10 -22.69
C ASN H 221 40.02 4.80 -21.95
N ASP H 222 39.68 3.66 -22.55
CA ASP H 222 39.77 2.39 -21.83
C ASP H 222 41.21 1.92 -21.76
N GLU H 223 41.59 1.33 -20.63
CA GLU H 223 42.94 0.82 -20.46
C GLU H 223 43.15 -0.47 -21.25
N TRP H 224 44.27 -0.57 -21.96
CA TRP H 224 44.52 -1.74 -22.80
C TRP H 224 45.97 -2.21 -22.73
N THR H 225 46.17 -3.40 -22.19
CA THR H 225 47.51 -3.93 -21.95
C THR H 225 47.70 -5.26 -22.66
N GLN H 226 47.36 -5.30 -23.94
CA GLN H 226 47.31 -6.56 -24.67
C GLN H 226 48.18 -6.51 -25.95
N ASP H 227 48.61 -7.69 -26.41
CA ASP H 227 49.45 -7.77 -27.60
C ASP H 227 48.72 -7.26 -28.85
N ARG H 228 47.52 -7.78 -29.06
CA ARG H 228 46.71 -7.40 -30.22
C ARG H 228 46.24 -5.96 -30.11
N ALA H 229 45.92 -5.39 -31.27
CA ALA H 229 45.49 -4.00 -31.31
C ALA H 229 44.22 -3.78 -30.48
N LYS H 230 44.17 -2.61 -29.83
CA LYS H 230 43.03 -2.21 -29.03
C LYS H 230 41.76 -2.29 -29.88
N PRO H 231 40.76 -3.07 -29.41
CA PRO H 231 39.51 -3.32 -30.13
C PRO H 231 38.56 -2.14 -30.04
N VAL H 232 38.97 -1.02 -30.60
CA VAL H 232 38.19 0.19 -30.50
C VAL H 232 37.02 0.19 -31.45
N THR H 233 36.13 1.14 -31.25
CA THR H 233 35.14 1.44 -32.27
C THR H 233 35.85 1.69 -33.60
N GLN H 234 35.43 1.01 -34.66
CA GLN H 234 36.13 1.02 -35.94
C GLN H 234 35.28 0.41 -37.08
N ILE H 235 35.62 0.73 -38.34
CA ILE H 235 34.97 0.11 -39.51
C ILE H 235 35.82 -0.99 -40.15
N VAL H 236 35.21 -2.14 -40.43
CA VAL H 236 35.91 -3.21 -41.12
C VAL H 236 35.16 -3.49 -42.41
N SER H 237 35.90 -3.57 -43.52
CA SER H 237 35.29 -3.83 -44.82
C SER H 237 35.92 -5.00 -45.55
N ALA H 238 35.22 -5.44 -46.58
CA ALA H 238 35.75 -6.38 -47.56
C ALA H 238 35.12 -5.97 -48.88
N GLU H 239 35.84 -6.12 -49.99
CA GLU H 239 35.29 -5.67 -51.25
C GLU H 239 35.43 -6.74 -52.33
N ALA H 240 34.86 -6.44 -53.49
CA ALA H 240 35.05 -7.25 -54.68
C ALA H 240 34.67 -6.44 -55.90
N TRP H 241 35.29 -6.76 -57.03
CA TRP H 241 34.92 -6.17 -58.32
C TRP H 241 34.15 -7.22 -59.11
N GLY H 242 33.25 -6.77 -59.98
CA GLY H 242 32.59 -7.72 -60.85
C GLY H 242 33.56 -8.37 -61.82
N ARG H 243 33.22 -9.58 -62.24
CA ARG H 243 34.07 -10.42 -63.07
C ARG H 243 33.23 -11.07 -64.16
N ALA H 244 33.74 -11.10 -65.38
CA ALA H 244 33.03 -11.78 -66.44
C ALA H 244 33.71 -13.10 -66.81
#